data_1EYH
# 
_entry.id   1EYH 
# 
_audit_conform.dict_name       mmcif_pdbx.dic 
_audit_conform.dict_version    5.385 
_audit_conform.dict_location   http://mmcif.pdb.org/dictionaries/ascii/mmcif_pdbx.dic 
# 
loop_
_database_2.database_id 
_database_2.database_code 
_database_2.pdbx_database_accession 
_database_2.pdbx_DOI 
PDB   1EYH         pdb_00001eyh 10.2210/pdb1eyh/pdb 
RCSB  RCSB011026   ?            ?                   
WWPDB D_1000011026 ?            ?                   
# 
loop_
_pdbx_audit_revision_history.ordinal 
_pdbx_audit_revision_history.data_content_type 
_pdbx_audit_revision_history.major_revision 
_pdbx_audit_revision_history.minor_revision 
_pdbx_audit_revision_history.revision_date 
1 'Structure model' 1 0 2000-06-07 
2 'Structure model' 1 1 2008-04-27 
3 'Structure model' 1 2 2011-07-13 
4 'Structure model' 1 3 2011-11-16 
5 'Structure model' 1 4 2018-01-31 
6 'Structure model' 1 5 2024-02-07 
# 
_pdbx_audit_revision_details.ordinal             1 
_pdbx_audit_revision_details.revision_ordinal    1 
_pdbx_audit_revision_details.data_content_type   'Structure model' 
_pdbx_audit_revision_details.provider            repository 
_pdbx_audit_revision_details.type                'Initial release' 
_pdbx_audit_revision_details.description         ? 
_pdbx_audit_revision_details.details             ? 
# 
loop_
_pdbx_audit_revision_group.ordinal 
_pdbx_audit_revision_group.revision_ordinal 
_pdbx_audit_revision_group.data_content_type 
_pdbx_audit_revision_group.group 
1 2 'Structure model' 'Version format compliance' 
2 3 'Structure model' 'Version format compliance' 
3 4 'Structure model' 'Atomic model'              
4 5 'Structure model' 'Experimental preparation'  
5 6 'Structure model' 'Data collection'           
6 6 'Structure model' 'Database references'       
# 
loop_
_pdbx_audit_revision_category.ordinal 
_pdbx_audit_revision_category.revision_ordinal 
_pdbx_audit_revision_category.data_content_type 
_pdbx_audit_revision_category.category 
1 5 'Structure model' exptl_crystal_grow 
2 6 'Structure model' chem_comp_atom     
3 6 'Structure model' chem_comp_bond     
4 6 'Structure model' database_2         
# 
loop_
_pdbx_audit_revision_item.ordinal 
_pdbx_audit_revision_item.revision_ordinal 
_pdbx_audit_revision_item.data_content_type 
_pdbx_audit_revision_item.item 
1 5 'Structure model' '_exptl_crystal_grow.temp'            
2 6 'Structure model' '_database_2.pdbx_DOI'                
3 6 'Structure model' '_database_2.pdbx_database_accession' 
# 
_pdbx_database_status.status_code                     REL 
_pdbx_database_status.entry_id                        1EYH 
_pdbx_database_status.recvd_initial_deposition_date   2000-05-06 
_pdbx_database_status.deposit_site                    RCSB 
_pdbx_database_status.process_site                    RCSB 
_pdbx_database_status.status_code_sf                  REL 
_pdbx_database_status.SG_entry                        . 
_pdbx_database_status.pdb_format_compatible           Y 
_pdbx_database_status.status_code_mr                  ? 
_pdbx_database_status.status_code_cs                  ? 
_pdbx_database_status.methods_development_category    ? 
_pdbx_database_status.status_code_nmr_data            ? 
# 
_audit_author.name           'Fremont, D.H.' 
_audit_author.pdbx_ordinal   1 
# 
_citation.id                        primary 
_citation.title                     'CRYSTAL STRUCTURE OF THE EPSIN N-TERMINAL HOMOLOGY (ENTH) DOMAIN AT 1.56 ANGSTROM RESOLUTION' 
_citation.journal_abbrev            'To be Published' 
_citation.journal_volume            ? 
_citation.page_first                ? 
_citation.page_last                 ? 
_citation.year                      ? 
_citation.journal_id_ASTM           ? 
_citation.country                   ? 
_citation.journal_id_ISSN           ? 
_citation.journal_id_CSD            0353 
_citation.book_publisher            ? 
_citation.pdbx_database_id_PubMed   ? 
_citation.pdbx_database_id_DOI      ? 
# 
_citation_author.citation_id        primary 
_citation_author.name               'FREMONT, D.H.' 
_citation_author.ordinal            1 
_citation_author.identifier_ORCID   ? 
# 
loop_
_entity.id 
_entity.type 
_entity.src_method 
_entity.pdbx_description 
_entity.formula_weight 
_entity.pdbx_number_of_molecules 
_entity.pdbx_ec 
_entity.pdbx_mutation 
_entity.pdbx_fragment 
_entity.details 
1 polymer man EPSIN 16780.031 1   ? ? 'ENTH DOMAIN' ? 
2 water   nat water 18.015    195 ? ? ?             ? 
# 
_entity_poly.entity_id                      1 
_entity_poly.type                           'polypeptide(L)' 
_entity_poly.nstd_linkage                   no 
_entity_poly.nstd_monomer                   no 
_entity_poly.pdbx_seq_one_letter_code       
;HNYSEAEIKVREATSNDPWGPSSSLMSEIADLTYNVVAFSEIMSMIWKRLNDHGKNWRHVYKAMTLMEYLIKTGSERVSQ
QCKENMYAVQTLKDFQYVDRDGKDQGVNVREKAKQLVALLRDEDRLREERAHALKTKEKLAQTA
;
_entity_poly.pdbx_seq_one_letter_code_can   
;HNYSEAEIKVREATSNDPWGPSSSLMSEIADLTYNVVAFSEIMSMIWKRLNDHGKNWRHVYKAMTLMEYLIKTGSERVSQ
QCKENMYAVQTLKDFQYVDRDGKDQGVNVREKAKQLVALLRDEDRLREERAHALKTKEKLAQTA
;
_entity_poly.pdbx_strand_id                 A 
_entity_poly.pdbx_target_identifier         ? 
# 
_pdbx_entity_nonpoly.entity_id   2 
_pdbx_entity_nonpoly.name        water 
_pdbx_entity_nonpoly.comp_id     HOH 
# 
loop_
_entity_poly_seq.entity_id 
_entity_poly_seq.num 
_entity_poly_seq.mon_id 
_entity_poly_seq.hetero 
1 1   HIS n 
1 2   ASN n 
1 3   TYR n 
1 4   SER n 
1 5   GLU n 
1 6   ALA n 
1 7   GLU n 
1 8   ILE n 
1 9   LYS n 
1 10  VAL n 
1 11  ARG n 
1 12  GLU n 
1 13  ALA n 
1 14  THR n 
1 15  SER n 
1 16  ASN n 
1 17  ASP n 
1 18  PRO n 
1 19  TRP n 
1 20  GLY n 
1 21  PRO n 
1 22  SER n 
1 23  SER n 
1 24  SER n 
1 25  LEU n 
1 26  MET n 
1 27  SER n 
1 28  GLU n 
1 29  ILE n 
1 30  ALA n 
1 31  ASP n 
1 32  LEU n 
1 33  THR n 
1 34  TYR n 
1 35  ASN n 
1 36  VAL n 
1 37  VAL n 
1 38  ALA n 
1 39  PHE n 
1 40  SER n 
1 41  GLU n 
1 42  ILE n 
1 43  MET n 
1 44  SER n 
1 45  MET n 
1 46  ILE n 
1 47  TRP n 
1 48  LYS n 
1 49  ARG n 
1 50  LEU n 
1 51  ASN n 
1 52  ASP n 
1 53  HIS n 
1 54  GLY n 
1 55  LYS n 
1 56  ASN n 
1 57  TRP n 
1 58  ARG n 
1 59  HIS n 
1 60  VAL n 
1 61  TYR n 
1 62  LYS n 
1 63  ALA n 
1 64  MET n 
1 65  THR n 
1 66  LEU n 
1 67  MET n 
1 68  GLU n 
1 69  TYR n 
1 70  LEU n 
1 71  ILE n 
1 72  LYS n 
1 73  THR n 
1 74  GLY n 
1 75  SER n 
1 76  GLU n 
1 77  ARG n 
1 78  VAL n 
1 79  SER n 
1 80  GLN n 
1 81  GLN n 
1 82  CYS n 
1 83  LYS n 
1 84  GLU n 
1 85  ASN n 
1 86  MET n 
1 87  TYR n 
1 88  ALA n 
1 89  VAL n 
1 90  GLN n 
1 91  THR n 
1 92  LEU n 
1 93  LYS n 
1 94  ASP n 
1 95  PHE n 
1 96  GLN n 
1 97  TYR n 
1 98  VAL n 
1 99  ASP n 
1 100 ARG n 
1 101 ASP n 
1 102 GLY n 
1 103 LYS n 
1 104 ASP n 
1 105 GLN n 
1 106 GLY n 
1 107 VAL n 
1 108 ASN n 
1 109 VAL n 
1 110 ARG n 
1 111 GLU n 
1 112 LYS n 
1 113 ALA n 
1 114 LYS n 
1 115 GLN n 
1 116 LEU n 
1 117 VAL n 
1 118 ALA n 
1 119 LEU n 
1 120 LEU n 
1 121 ARG n 
1 122 ASP n 
1 123 GLU n 
1 124 ASP n 
1 125 ARG n 
1 126 LEU n 
1 127 ARG n 
1 128 GLU n 
1 129 GLU n 
1 130 ARG n 
1 131 ALA n 
1 132 HIS n 
1 133 ALA n 
1 134 LEU n 
1 135 LYS n 
1 136 THR n 
1 137 LYS n 
1 138 GLU n 
1 139 LYS n 
1 140 LEU n 
1 141 ALA n 
1 142 GLN n 
1 143 THR n 
1 144 ALA n 
# 
_entity_src_gen.entity_id                          1 
_entity_src_gen.pdbx_src_id                        1 
_entity_src_gen.pdbx_alt_source_flag               sample 
_entity_src_gen.pdbx_seq_type                      ? 
_entity_src_gen.pdbx_beg_seq_num                   ? 
_entity_src_gen.pdbx_end_seq_num                   ? 
_entity_src_gen.gene_src_common_name               'Norway rat' 
_entity_src_gen.gene_src_genus                     Rattus 
_entity_src_gen.pdbx_gene_src_gene                 ? 
_entity_src_gen.gene_src_species                   ? 
_entity_src_gen.gene_src_strain                    ? 
_entity_src_gen.gene_src_tissue                    ? 
_entity_src_gen.gene_src_tissue_fraction           ? 
_entity_src_gen.gene_src_details                   ? 
_entity_src_gen.pdbx_gene_src_fragment             ? 
_entity_src_gen.pdbx_gene_src_scientific_name      'Rattus norvegicus' 
_entity_src_gen.pdbx_gene_src_ncbi_taxonomy_id     10116 
_entity_src_gen.pdbx_gene_src_variant              ? 
_entity_src_gen.pdbx_gene_src_cell_line            ? 
_entity_src_gen.pdbx_gene_src_atcc                 ? 
_entity_src_gen.pdbx_gene_src_organ                ? 
_entity_src_gen.pdbx_gene_src_organelle            ? 
_entity_src_gen.pdbx_gene_src_cell                 ? 
_entity_src_gen.pdbx_gene_src_cellular_location    ? 
_entity_src_gen.host_org_common_name               ? 
_entity_src_gen.pdbx_host_org_scientific_name      'Escherichia coli' 
_entity_src_gen.pdbx_host_org_ncbi_taxonomy_id     562 
_entity_src_gen.host_org_genus                     Escherichia 
_entity_src_gen.pdbx_host_org_gene                 ? 
_entity_src_gen.pdbx_host_org_organ                ? 
_entity_src_gen.host_org_species                   ? 
_entity_src_gen.pdbx_host_org_tissue               ? 
_entity_src_gen.pdbx_host_org_tissue_fraction      ? 
_entity_src_gen.pdbx_host_org_strain               ? 
_entity_src_gen.pdbx_host_org_variant              ? 
_entity_src_gen.pdbx_host_org_cell_line            ? 
_entity_src_gen.pdbx_host_org_atcc                 ? 
_entity_src_gen.pdbx_host_org_culture_collection   ? 
_entity_src_gen.pdbx_host_org_cell                 ? 
_entity_src_gen.pdbx_host_org_organelle            ? 
_entity_src_gen.pdbx_host_org_cellular_location    ? 
_entity_src_gen.pdbx_host_org_vector_type          PLASMID 
_entity_src_gen.pdbx_host_org_vector               ? 
_entity_src_gen.host_org_details                   ? 
_entity_src_gen.expression_system_id               ? 
_entity_src_gen.plasmid_name                       PTYB1 
_entity_src_gen.plasmid_details                    ? 
_entity_src_gen.pdbx_description                   ? 
# 
loop_
_chem_comp.id 
_chem_comp.type 
_chem_comp.mon_nstd_flag 
_chem_comp.name 
_chem_comp.pdbx_synonyms 
_chem_comp.formula 
_chem_comp.formula_weight 
ALA 'L-peptide linking' y ALANINE         ? 'C3 H7 N O2'     89.093  
ARG 'L-peptide linking' y ARGININE        ? 'C6 H15 N4 O2 1' 175.209 
ASN 'L-peptide linking' y ASPARAGINE      ? 'C4 H8 N2 O3'    132.118 
ASP 'L-peptide linking' y 'ASPARTIC ACID' ? 'C4 H7 N O4'     133.103 
CYS 'L-peptide linking' y CYSTEINE        ? 'C3 H7 N O2 S'   121.158 
GLN 'L-peptide linking' y GLUTAMINE       ? 'C5 H10 N2 O3'   146.144 
GLU 'L-peptide linking' y 'GLUTAMIC ACID' ? 'C5 H9 N O4'     147.129 
GLY 'peptide linking'   y GLYCINE         ? 'C2 H5 N O2'     75.067  
HIS 'L-peptide linking' y HISTIDINE       ? 'C6 H10 N3 O2 1' 156.162 
HOH non-polymer         . WATER           ? 'H2 O'           18.015  
ILE 'L-peptide linking' y ISOLEUCINE      ? 'C6 H13 N O2'    131.173 
LEU 'L-peptide linking' y LEUCINE         ? 'C6 H13 N O2'    131.173 
LYS 'L-peptide linking' y LYSINE          ? 'C6 H15 N2 O2 1' 147.195 
MET 'L-peptide linking' y METHIONINE      ? 'C5 H11 N O2 S'  149.211 
PHE 'L-peptide linking' y PHENYLALANINE   ? 'C9 H11 N O2'    165.189 
PRO 'L-peptide linking' y PROLINE         ? 'C5 H9 N O2'     115.130 
SER 'L-peptide linking' y SERINE          ? 'C3 H7 N O3'     105.093 
THR 'L-peptide linking' y THREONINE       ? 'C4 H9 N O3'     119.119 
TRP 'L-peptide linking' y TRYPTOPHAN      ? 'C11 H12 N2 O2'  204.225 
TYR 'L-peptide linking' y TYROSINE        ? 'C9 H11 N O3'    181.189 
VAL 'L-peptide linking' y VALINE          ? 'C5 H11 N O2'    117.146 
# 
loop_
_pdbx_poly_seq_scheme.asym_id 
_pdbx_poly_seq_scheme.entity_id 
_pdbx_poly_seq_scheme.seq_id 
_pdbx_poly_seq_scheme.mon_id 
_pdbx_poly_seq_scheme.ndb_seq_num 
_pdbx_poly_seq_scheme.pdb_seq_num 
_pdbx_poly_seq_scheme.auth_seq_num 
_pdbx_poly_seq_scheme.pdb_mon_id 
_pdbx_poly_seq_scheme.auth_mon_id 
_pdbx_poly_seq_scheme.pdb_strand_id 
_pdbx_poly_seq_scheme.pdb_ins_code 
_pdbx_poly_seq_scheme.hetero 
A 1 1   HIS 1   15  15  HIS HIS A . n 
A 1 2   ASN 2   16  16  ASN ASN A . n 
A 1 3   TYR 3   17  17  TYR TYR A . n 
A 1 4   SER 4   18  18  SER SER A . n 
A 1 5   GLU 5   19  19  GLU GLU A . n 
A 1 6   ALA 6   20  20  ALA ALA A . n 
A 1 7   GLU 7   21  21  GLU GLU A . n 
A 1 8   ILE 8   22  22  ILE ILE A . n 
A 1 9   LYS 9   23  23  LYS LYS A . n 
A 1 10  VAL 10  24  24  VAL VAL A . n 
A 1 11  ARG 11  25  25  ARG ARG A . n 
A 1 12  GLU 12  26  26  GLU GLU A . n 
A 1 13  ALA 13  27  27  ALA ALA A . n 
A 1 14  THR 14  28  28  THR THR A . n 
A 1 15  SER 15  29  29  SER SER A . n 
A 1 16  ASN 16  30  30  ASN ASN A . n 
A 1 17  ASP 17  31  31  ASP ASP A . n 
A 1 18  PRO 18  32  32  PRO PRO A . n 
A 1 19  TRP 19  33  33  TRP TRP A . n 
A 1 20  GLY 20  34  34  GLY GLY A . n 
A 1 21  PRO 21  35  35  PRO PRO A . n 
A 1 22  SER 22  36  36  SER SER A . n 
A 1 23  SER 23  37  37  SER SER A . n 
A 1 24  SER 24  38  38  SER SER A . n 
A 1 25  LEU 25  39  39  LEU LEU A . n 
A 1 26  MET 26  40  40  MET MET A . n 
A 1 27  SER 27  41  41  SER SER A . n 
A 1 28  GLU 28  42  42  GLU GLU A . n 
A 1 29  ILE 29  43  43  ILE ILE A . n 
A 1 30  ALA 30  44  44  ALA ALA A . n 
A 1 31  ASP 31  45  45  ASP ASP A . n 
A 1 32  LEU 32  46  46  LEU LEU A . n 
A 1 33  THR 33  47  47  THR THR A . n 
A 1 34  TYR 34  48  48  TYR TYR A . n 
A 1 35  ASN 35  49  49  ASN ASN A . n 
A 1 36  VAL 36  50  50  VAL VAL A . n 
A 1 37  VAL 37  51  51  VAL VAL A . n 
A 1 38  ALA 38  52  52  ALA ALA A . n 
A 1 39  PHE 39  53  53  PHE PHE A . n 
A 1 40  SER 40  54  54  SER SER A . n 
A 1 41  GLU 41  55  55  GLU GLU A . n 
A 1 42  ILE 42  56  56  ILE ILE A . n 
A 1 43  MET 43  57  57  MET MET A . n 
A 1 44  SER 44  58  58  SER SER A . n 
A 1 45  MET 45  59  59  MET MET A . n 
A 1 46  ILE 46  60  60  ILE ILE A . n 
A 1 47  TRP 47  61  61  TRP TRP A . n 
A 1 48  LYS 48  62  62  LYS LYS A . n 
A 1 49  ARG 49  63  63  ARG ARG A . n 
A 1 50  LEU 50  64  64  LEU LEU A . n 
A 1 51  ASN 51  65  65  ASN ASN A . n 
A 1 52  ASP 52  66  66  ASP ASP A . n 
A 1 53  HIS 53  67  67  HIS HIS A . n 
A 1 54  GLY 54  68  68  GLY GLY A . n 
A 1 55  LYS 55  69  69  LYS LYS A . n 
A 1 56  ASN 56  70  70  ASN ASN A . n 
A 1 57  TRP 57  71  71  TRP TRP A . n 
A 1 58  ARG 58  72  72  ARG ARG A . n 
A 1 59  HIS 59  73  73  HIS HIS A . n 
A 1 60  VAL 60  74  74  VAL VAL A . n 
A 1 61  TYR 61  75  75  TYR TYR A . n 
A 1 62  LYS 62  76  76  LYS LYS A . n 
A 1 63  ALA 63  77  77  ALA ALA A . n 
A 1 64  MET 64  78  78  MET MET A . n 
A 1 65  THR 65  79  79  THR THR A . n 
A 1 66  LEU 66  80  80  LEU LEU A . n 
A 1 67  MET 67  81  81  MET MET A . n 
A 1 68  GLU 68  82  82  GLU GLU A . n 
A 1 69  TYR 69  83  83  TYR TYR A . n 
A 1 70  LEU 70  84  84  LEU LEU A . n 
A 1 71  ILE 71  85  85  ILE ILE A . n 
A 1 72  LYS 72  86  86  LYS LYS A . n 
A 1 73  THR 73  87  87  THR THR A . n 
A 1 74  GLY 74  88  88  GLY GLY A . n 
A 1 75  SER 75  89  89  SER SER A . n 
A 1 76  GLU 76  90  90  GLU GLU A . n 
A 1 77  ARG 77  91  91  ARG ARG A . n 
A 1 78  VAL 78  92  92  VAL VAL A . n 
A 1 79  SER 79  93  93  SER SER A . n 
A 1 80  GLN 80  94  94  GLN GLN A . n 
A 1 81  GLN 81  95  95  GLN GLN A . n 
A 1 82  CYS 82  96  96  CYS CYS A . n 
A 1 83  LYS 83  97  97  LYS LYS A . n 
A 1 84  GLU 84  98  98  GLU GLU A . n 
A 1 85  ASN 85  99  99  ASN ASN A . n 
A 1 86  MET 86  100 100 MET MET A . n 
A 1 87  TYR 87  101 101 TYR TYR A . n 
A 1 88  ALA 88  102 102 ALA ALA A . n 
A 1 89  VAL 89  103 103 VAL VAL A . n 
A 1 90  GLN 90  104 104 GLN GLN A . n 
A 1 91  THR 91  105 105 THR THR A . n 
A 1 92  LEU 92  106 106 LEU LEU A . n 
A 1 93  LYS 93  107 107 LYS LYS A . n 
A 1 94  ASP 94  108 108 ASP ASP A . n 
A 1 95  PHE 95  109 109 PHE PHE A . n 
A 1 96  GLN 96  110 110 GLN GLN A . n 
A 1 97  TYR 97  111 111 TYR TYR A . n 
A 1 98  VAL 98  112 112 VAL VAL A . n 
A 1 99  ASP 99  113 113 ASP ASP A . n 
A 1 100 ARG 100 114 114 ARG ARG A . n 
A 1 101 ASP 101 115 115 ASP ASP A . n 
A 1 102 GLY 102 116 116 GLY GLY A . n 
A 1 103 LYS 103 117 117 LYS LYS A . n 
A 1 104 ASP 104 118 118 ASP ASP A . n 
A 1 105 GLN 105 119 119 GLN GLN A . n 
A 1 106 GLY 106 120 120 GLY GLY A . n 
A 1 107 VAL 107 121 121 VAL VAL A . n 
A 1 108 ASN 108 122 122 ASN ASN A . n 
A 1 109 VAL 109 123 123 VAL VAL A . n 
A 1 110 ARG 110 124 124 ARG ARG A . n 
A 1 111 GLU 111 125 125 GLU GLU A . n 
A 1 112 LYS 112 126 126 LYS LYS A . n 
A 1 113 ALA 113 127 127 ALA ALA A . n 
A 1 114 LYS 114 128 128 LYS LYS A . n 
A 1 115 GLN 115 129 129 GLN GLN A . n 
A 1 116 LEU 116 130 130 LEU LEU A . n 
A 1 117 VAL 117 131 131 VAL VAL A . n 
A 1 118 ALA 118 132 132 ALA ALA A . n 
A 1 119 LEU 119 133 133 LEU LEU A . n 
A 1 120 LEU 120 134 134 LEU LEU A . n 
A 1 121 ARG 121 135 135 ARG ARG A . n 
A 1 122 ASP 122 136 136 ASP ASP A . n 
A 1 123 GLU 123 137 137 GLU GLU A . n 
A 1 124 ASP 124 138 138 ASP ASP A . n 
A 1 125 ARG 125 139 139 ARG ARG A . n 
A 1 126 LEU 126 140 140 LEU LEU A . n 
A 1 127 ARG 127 141 141 ARG ARG A . n 
A 1 128 GLU 128 142 142 GLU GLU A . n 
A 1 129 GLU 129 143 143 GLU GLU A . n 
A 1 130 ARG 130 144 144 ARG ARG A . n 
A 1 131 ALA 131 145 145 ALA ALA A . n 
A 1 132 HIS 132 146 146 HIS HIS A . n 
A 1 133 ALA 133 147 147 ALA ALA A . n 
A 1 134 LEU 134 148 148 LEU LEU A . n 
A 1 135 LYS 135 149 149 LYS LYS A . n 
A 1 136 THR 136 150 150 THR THR A . n 
A 1 137 LYS 137 151 151 LYS LYS A . n 
A 1 138 GLU 138 152 152 GLU GLU A . n 
A 1 139 LYS 139 153 153 LYS LYS A . n 
A 1 140 LEU 140 154 154 LEU LEU A . n 
A 1 141 ALA 141 155 155 ALA ALA A . n 
A 1 142 GLN 142 156 156 GLN GLN A . n 
A 1 143 THR 143 157 157 THR THR A . n 
A 1 144 ALA 144 158 158 ALA ALA A . n 
# 
loop_
_pdbx_nonpoly_scheme.asym_id 
_pdbx_nonpoly_scheme.entity_id 
_pdbx_nonpoly_scheme.mon_id 
_pdbx_nonpoly_scheme.ndb_seq_num 
_pdbx_nonpoly_scheme.pdb_seq_num 
_pdbx_nonpoly_scheme.auth_seq_num 
_pdbx_nonpoly_scheme.pdb_mon_id 
_pdbx_nonpoly_scheme.auth_mon_id 
_pdbx_nonpoly_scheme.pdb_strand_id 
_pdbx_nonpoly_scheme.pdb_ins_code 
B 2 HOH 1   159 1   HOH HOH A . 
B 2 HOH 2   160 2   HOH HOH A . 
B 2 HOH 3   161 3   HOH HOH A . 
B 2 HOH 4   162 4   HOH HOH A . 
B 2 HOH 5   163 5   HOH HOH A . 
B 2 HOH 6   164 6   HOH HOH A . 
B 2 HOH 7   165 7   HOH HOH A . 
B 2 HOH 8   166 8   HOH HOH A . 
B 2 HOH 9   167 9   HOH HOH A . 
B 2 HOH 10  168 10  HOH HOH A . 
B 2 HOH 11  169 11  HOH HOH A . 
B 2 HOH 12  170 12  HOH HOH A . 
B 2 HOH 13  171 13  HOH HOH A . 
B 2 HOH 14  172 14  HOH HOH A . 
B 2 HOH 15  173 15  HOH HOH A . 
B 2 HOH 16  174 16  HOH HOH A . 
B 2 HOH 17  175 17  HOH HOH A . 
B 2 HOH 18  176 18  HOH HOH A . 
B 2 HOH 19  177 19  HOH HOH A . 
B 2 HOH 20  178 20  HOH HOH A . 
B 2 HOH 21  179 21  HOH HOH A . 
B 2 HOH 22  180 22  HOH HOH A . 
B 2 HOH 23  181 23  HOH HOH A . 
B 2 HOH 24  182 24  HOH HOH A . 
B 2 HOH 25  183 25  HOH HOH A . 
B 2 HOH 26  184 26  HOH HOH A . 
B 2 HOH 27  185 27  HOH HOH A . 
B 2 HOH 28  186 28  HOH HOH A . 
B 2 HOH 29  187 29  HOH HOH A . 
B 2 HOH 30  188 30  HOH HOH A . 
B 2 HOH 31  189 31  HOH HOH A . 
B 2 HOH 32  190 32  HOH HOH A . 
B 2 HOH 33  191 33  HOH HOH A . 
B 2 HOH 34  192 34  HOH HOH A . 
B 2 HOH 35  193 35  HOH HOH A . 
B 2 HOH 36  194 36  HOH HOH A . 
B 2 HOH 37  195 37  HOH HOH A . 
B 2 HOH 38  196 38  HOH HOH A . 
B 2 HOH 39  197 39  HOH HOH A . 
B 2 HOH 40  198 40  HOH HOH A . 
B 2 HOH 41  199 41  HOH HOH A . 
B 2 HOH 42  200 42  HOH HOH A . 
B 2 HOH 43  201 43  HOH HOH A . 
B 2 HOH 44  202 44  HOH HOH A . 
B 2 HOH 45  203 45  HOH HOH A . 
B 2 HOH 46  204 46  HOH HOH A . 
B 2 HOH 47  205 47  HOH HOH A . 
B 2 HOH 48  206 48  HOH HOH A . 
B 2 HOH 49  207 49  HOH HOH A . 
B 2 HOH 50  208 50  HOH HOH A . 
B 2 HOH 51  209 51  HOH HOH A . 
B 2 HOH 52  210 52  HOH HOH A . 
B 2 HOH 53  211 53  HOH HOH A . 
B 2 HOH 54  212 54  HOH HOH A . 
B 2 HOH 55  213 55  HOH HOH A . 
B 2 HOH 56  214 56  HOH HOH A . 
B 2 HOH 57  215 57  HOH HOH A . 
B 2 HOH 58  216 58  HOH HOH A . 
B 2 HOH 59  217 59  HOH HOH A . 
B 2 HOH 60  218 60  HOH HOH A . 
B 2 HOH 61  219 61  HOH HOH A . 
B 2 HOH 62  220 62  HOH HOH A . 
B 2 HOH 63  221 63  HOH HOH A . 
B 2 HOH 64  222 64  HOH HOH A . 
B 2 HOH 65  223 65  HOH HOH A . 
B 2 HOH 66  224 66  HOH HOH A . 
B 2 HOH 67  225 67  HOH HOH A . 
B 2 HOH 68  226 68  HOH HOH A . 
B 2 HOH 69  227 69  HOH HOH A . 
B 2 HOH 70  228 70  HOH HOH A . 
B 2 HOH 71  229 71  HOH HOH A . 
B 2 HOH 72  230 72  HOH HOH A . 
B 2 HOH 73  231 73  HOH HOH A . 
B 2 HOH 74  232 74  HOH HOH A . 
B 2 HOH 75  233 75  HOH HOH A . 
B 2 HOH 76  234 76  HOH HOH A . 
B 2 HOH 77  235 77  HOH HOH A . 
B 2 HOH 78  236 78  HOH HOH A . 
B 2 HOH 79  237 79  HOH HOH A . 
B 2 HOH 80  238 80  HOH HOH A . 
B 2 HOH 81  239 81  HOH HOH A . 
B 2 HOH 82  240 82  HOH HOH A . 
B 2 HOH 83  241 83  HOH HOH A . 
B 2 HOH 84  242 84  HOH HOH A . 
B 2 HOH 85  243 85  HOH HOH A . 
B 2 HOH 86  244 86  HOH HOH A . 
B 2 HOH 87  245 87  HOH HOH A . 
B 2 HOH 88  246 88  HOH HOH A . 
B 2 HOH 89  247 89  HOH HOH A . 
B 2 HOH 90  248 90  HOH HOH A . 
B 2 HOH 91  249 91  HOH HOH A . 
B 2 HOH 92  250 92  HOH HOH A . 
B 2 HOH 93  251 93  HOH HOH A . 
B 2 HOH 94  252 94  HOH HOH A . 
B 2 HOH 95  253 95  HOH HOH A . 
B 2 HOH 96  254 96  HOH HOH A . 
B 2 HOH 97  255 97  HOH HOH A . 
B 2 HOH 98  256 98  HOH HOH A . 
B 2 HOH 99  257 99  HOH HOH A . 
B 2 HOH 100 258 100 HOH HOH A . 
B 2 HOH 101 259 101 HOH HOH A . 
B 2 HOH 102 260 102 HOH HOH A . 
B 2 HOH 103 261 103 HOH HOH A . 
B 2 HOH 104 262 104 HOH HOH A . 
B 2 HOH 105 263 105 HOH HOH A . 
B 2 HOH 106 264 106 HOH HOH A . 
B 2 HOH 107 265 107 HOH HOH A . 
B 2 HOH 108 266 108 HOH HOH A . 
B 2 HOH 109 267 109 HOH HOH A . 
B 2 HOH 110 268 110 HOH HOH A . 
B 2 HOH 111 269 111 HOH HOH A . 
B 2 HOH 112 270 112 HOH HOH A . 
B 2 HOH 113 271 113 HOH HOH A . 
B 2 HOH 114 272 114 HOH HOH A . 
B 2 HOH 115 273 115 HOH HOH A . 
B 2 HOH 116 274 116 HOH HOH A . 
B 2 HOH 117 275 117 HOH HOH A . 
B 2 HOH 118 276 118 HOH HOH A . 
B 2 HOH 119 277 119 HOH HOH A . 
B 2 HOH 120 278 120 HOH HOH A . 
B 2 HOH 121 279 121 HOH HOH A . 
B 2 HOH 122 280 122 HOH HOH A . 
B 2 HOH 123 281 123 HOH HOH A . 
B 2 HOH 124 282 124 HOH HOH A . 
B 2 HOH 125 283 125 HOH HOH A . 
B 2 HOH 126 284 126 HOH HOH A . 
B 2 HOH 127 285 127 HOH HOH A . 
B 2 HOH 128 286 128 HOH HOH A . 
B 2 HOH 129 287 129 HOH HOH A . 
B 2 HOH 130 288 130 HOH HOH A . 
B 2 HOH 131 289 131 HOH HOH A . 
B 2 HOH 132 290 132 HOH HOH A . 
B 2 HOH 133 291 133 HOH HOH A . 
B 2 HOH 134 292 134 HOH HOH A . 
B 2 HOH 135 293 135 HOH HOH A . 
B 2 HOH 136 294 136 HOH HOH A . 
B 2 HOH 137 295 137 HOH HOH A . 
B 2 HOH 138 296 138 HOH HOH A . 
B 2 HOH 139 297 139 HOH HOH A . 
B 2 HOH 140 298 140 HOH HOH A . 
B 2 HOH 141 299 141 HOH HOH A . 
B 2 HOH 142 300 142 HOH HOH A . 
B 2 HOH 143 301 143 HOH HOH A . 
B 2 HOH 144 302 144 HOH HOH A . 
B 2 HOH 145 303 145 HOH HOH A . 
B 2 HOH 146 304 146 HOH HOH A . 
B 2 HOH 147 305 147 HOH HOH A . 
B 2 HOH 148 306 148 HOH HOH A . 
B 2 HOH 149 307 149 HOH HOH A . 
B 2 HOH 150 308 150 HOH HOH A . 
B 2 HOH 151 309 151 HOH HOH A . 
B 2 HOH 152 310 152 HOH HOH A . 
B 2 HOH 153 311 153 HOH HOH A . 
B 2 HOH 154 312 154 HOH HOH A . 
B 2 HOH 155 313 155 HOH HOH A . 
B 2 HOH 156 314 156 HOH HOH A . 
B 2 HOH 157 315 157 HOH HOH A . 
B 2 HOH 158 316 158 HOH HOH A . 
B 2 HOH 159 317 159 HOH HOH A . 
B 2 HOH 160 318 160 HOH HOH A . 
B 2 HOH 161 319 161 HOH HOH A . 
B 2 HOH 162 320 162 HOH HOH A . 
B 2 HOH 163 321 163 HOH HOH A . 
B 2 HOH 164 322 164 HOH HOH A . 
B 2 HOH 165 323 165 HOH HOH A . 
B 2 HOH 166 324 166 HOH HOH A . 
B 2 HOH 167 325 167 HOH HOH A . 
B 2 HOH 168 326 168 HOH HOH A . 
B 2 HOH 169 327 169 HOH HOH A . 
B 2 HOH 170 328 170 HOH HOH A . 
B 2 HOH 171 329 171 HOH HOH A . 
B 2 HOH 172 330 172 HOH HOH A . 
B 2 HOH 173 331 173 HOH HOH A . 
B 2 HOH 174 332 174 HOH HOH A . 
B 2 HOH 175 333 175 HOH HOH A . 
B 2 HOH 176 334 176 HOH HOH A . 
B 2 HOH 177 335 177 HOH HOH A . 
B 2 HOH 178 336 178 HOH HOH A . 
B 2 HOH 179 337 179 HOH HOH A . 
B 2 HOH 180 338 180 HOH HOH A . 
B 2 HOH 181 339 181 HOH HOH A . 
B 2 HOH 182 340 182 HOH HOH A . 
B 2 HOH 183 341 183 HOH HOH A . 
B 2 HOH 184 342 184 HOH HOH A . 
B 2 HOH 185 343 185 HOH HOH A . 
B 2 HOH 186 344 186 HOH HOH A . 
B 2 HOH 187 345 187 HOH HOH A . 
B 2 HOH 188 346 188 HOH HOH A . 
B 2 HOH 189 347 189 HOH HOH A . 
B 2 HOH 190 348 190 HOH HOH A . 
B 2 HOH 191 349 191 HOH HOH A . 
B 2 HOH 192 350 192 HOH HOH A . 
B 2 HOH 193 351 193 HOH HOH A . 
B 2 HOH 194 352 194 HOH HOH A . 
B 2 HOH 195 353 195 HOH HOH A . 
# 
loop_
_software.name 
_software.classification 
_software.version 
_software.citation_id 
_software.pdbx_ordinal 
CNS       refinement       . ? 1 
REFMAC    refinement       . ? 2 
DENZO     'data reduction' . ? 3 
SCALEPACK 'data scaling'   . ? 4 
CNS       phasing          . ? 5 
# 
_cell.entry_id           1EYH 
_cell.length_a           49.885 
_cell.length_b           49.885 
_cell.length_c           99.333 
_cell.angle_alpha        90.00 
_cell.angle_beta         90.00 
_cell.angle_gamma        120.00 
_cell.Z_PDB              6 
_cell.pdbx_unique_axis   ? 
# 
_symmetry.entry_id                         1EYH 
_symmetry.space_group_name_H-M             'P 31 2 1' 
_symmetry.pdbx_full_space_group_name_H-M   ? 
_symmetry.cell_setting                     ? 
_symmetry.Int_Tables_number                152 
# 
_exptl.entry_id          1EYH 
_exptl.method            'X-RAY DIFFRACTION' 
_exptl.crystals_number   2 
# 
_exptl_crystal.id                    1 
_exptl_crystal.density_meas          ? 
_exptl_crystal.density_percent_sol   42.15 
_exptl_crystal.density_Matthews      2.13 
_exptl_crystal.description           ? 
# 
_exptl_crystal_grow.crystal_id      1 
_exptl_crystal_grow.method          'VAPOR DIFFUSION, HANGING DROP' 
_exptl_crystal_grow.pH              8.5 
_exptl_crystal_grow.temp            293.0 
_exptl_crystal_grow.temp_details    ? 
_exptl_crystal_grow.pdbx_details    
'30% PEG 4000, 100mM Tris-HCl pH 8.5, 0.2M MgCl2, VAPOR DIFFUSION, HANGING DROP, temperature 20K' 
_exptl_crystal_grow.pdbx_pH_range   . 
# 
_diffrn.id                     1 
_diffrn.ambient_temp           100 
_diffrn.ambient_temp_details   ? 
_diffrn.crystal_id             1 
# 
_diffrn_detector.diffrn_id              1 
_diffrn_detector.detector               'IMAGE PLATE' 
_diffrn_detector.type                   'RIGAKU RAXIS IV' 
_diffrn_detector.pdbx_collection_date   ? 
_diffrn_detector.details                ? 
# 
_diffrn_radiation.diffrn_id                        1 
_diffrn_radiation.wavelength_id                    1 
_diffrn_radiation.monochromator                    ? 
_diffrn_radiation.pdbx_monochromatic_or_laue_m_l   M 
_diffrn_radiation.pdbx_diffrn_protocol             'SINGLE WAVELENGTH' 
_diffrn_radiation.pdbx_scattering_type             x-ray 
# 
_diffrn_radiation_wavelength.id           1 
_diffrn_radiation_wavelength.wavelength   1.5418 
_diffrn_radiation_wavelength.wt           1.0 
# 
_diffrn_source.diffrn_id                   1 
_diffrn_source.source                      'ROTATING ANODE' 
_diffrn_source.type                        'RIGAKU RU300' 
_diffrn_source.pdbx_wavelength             1.5418 
_diffrn_source.pdbx_synchrotron_site       ? 
_diffrn_source.pdbx_synchrotron_beamline   ? 
_diffrn_source.pdbx_wavelength_list        ? 
# 
_reflns.entry_id                     1EYH 
_reflns.observed_criterion_sigma_I   -3.0 
_reflns.observed_criterion_sigma_F   ? 
_reflns.d_resolution_low             20. 
_reflns.d_resolution_high            1.56 
_reflns.number_obs                   21042 
_reflns.number_all                   21042 
_reflns.percent_possible_obs         99.8 
_reflns.pdbx_Rmerge_I_obs            0.0570000 
_reflns.pdbx_Rsym_value              ? 
_reflns.pdbx_netI_over_sigmaI        42.3 
_reflns.B_iso_Wilson_estimate        28.3 
_reflns.pdbx_redundancy              12.0 
_reflns.R_free_details               ? 
_reflns.limit_h_max                  ? 
_reflns.limit_h_min                  ? 
_reflns.limit_k_max                  ? 
_reflns.limit_k_min                  ? 
_reflns.limit_l_max                  ? 
_reflns.limit_l_min                  ? 
_reflns.observed_criterion_F_max     ? 
_reflns.observed_criterion_F_min     ? 
_reflns.pdbx_diffrn_id               1 
_reflns.pdbx_ordinal                 1 
# 
_reflns_shell.d_res_high             1.56 
_reflns_shell.d_res_low              1.61 
_reflns_shell.percent_possible_obs   ? 
_reflns_shell.percent_possible_all   98.4 
_reflns_shell.Rmerge_I_obs           0.3940000 
_reflns_shell.meanI_over_sigI_obs    ? 
_reflns_shell.pdbx_Rsym_value        ? 
_reflns_shell.pdbx_redundancy        4.9 
_reflns_shell.number_unique_all      1708 
_reflns_shell.pdbx_diffrn_id         ? 
_reflns_shell.pdbx_ordinal           1 
# 
_refine.entry_id                                 1EYH 
_refine.ls_number_reflns_obs                     20355 
_refine.ls_number_reflns_all                     21006 
_refine.pdbx_ls_sigma_I                          ? 
_refine.pdbx_ls_sigma_F                          0.0 
_refine.pdbx_data_cutoff_high_absF               711895.52 
_refine.pdbx_data_cutoff_low_absF                0.00 
_refine.ls_d_res_low                             20.0 
_refine.ls_d_res_high                            1.56 
_refine.ls_percent_reflns_obs                    96.6 
_refine.ls_R_factor_obs                          0.2010000 
_refine.ls_R_factor_all                          0.2100000 
_refine.ls_R_factor_R_work                       0.1990000 
_refine.ls_R_factor_R_free                       0.2260000 
_refine.ls_R_factor_R_free_error                 0.007 
_refine.ls_R_factor_R_free_error_details         ? 
_refine.ls_percent_reflns_R_free                 4.7 
_refine.ls_number_reflns_R_free                  963 
_refine.ls_number_parameters                     ? 
_refine.ls_number_restraints                     ? 
_refine.occupancy_min                            ? 
_refine.occupancy_max                            ? 
_refine.B_iso_mean                               25.8 
_refine.aniso_B[1][1]                            -1.52 
_refine.aniso_B[2][2]                            -1.52 
_refine.aniso_B[3][3]                            3.03 
_refine.aniso_B[1][2]                            2.27 
_refine.aniso_B[1][3]                            0.00 
_refine.aniso_B[2][3]                            0.00 
_refine.solvent_model_details                    ? 
_refine.solvent_model_param_ksol                 ? 
_refine.solvent_model_param_bsol                 ? 
_refine.pdbx_ls_cross_valid_method               THROUGHOUT 
_refine.details                                  ? 
_refine.pdbx_starting_model                      ? 
_refine.pdbx_method_to_determine_struct          ? 
_refine.pdbx_isotropic_thermal_model             RESTRAINED 
_refine.pdbx_stereochemistry_target_values       'Engh & Huber' 
_refine.pdbx_stereochem_target_val_spec_case     ? 
_refine.pdbx_R_Free_selection_details            RANDOM 
_refine.pdbx_overall_ESU_R_Free                  ? 
_refine.overall_SU_B                             ? 
_refine.ls_redundancy_reflns_obs                 ? 
_refine.B_iso_min                                ? 
_refine.B_iso_max                                ? 
_refine.overall_SU_ML                            ? 
_refine.pdbx_overall_ESU_R                       ? 
_refine.pdbx_data_cutoff_high_rms_absF           ? 
_refine.pdbx_refine_id                           'X-RAY DIFFRACTION' 
_refine.pdbx_diffrn_id                           1 
_refine.pdbx_TLS_residual_ADP_flag               ? 
_refine.correlation_coeff_Fo_to_Fc               ? 
_refine.correlation_coeff_Fo_to_Fc_free          ? 
_refine.pdbx_solvent_vdw_probe_radii             ? 
_refine.pdbx_solvent_ion_probe_radii             ? 
_refine.pdbx_solvent_shrinkage_radii             ? 
_refine.pdbx_overall_phase_error                 ? 
_refine.overall_SU_R_Cruickshank_DPI             ? 
_refine.pdbx_overall_SU_R_free_Cruickshank_DPI   ? 
_refine.pdbx_overall_SU_R_Blow_DPI               ? 
_refine.pdbx_overall_SU_R_free_Blow_DPI          ? 
# 
_refine_analyze.entry_id                        1EYH 
_refine_analyze.Luzzati_coordinate_error_obs    0.20 
_refine_analyze.Luzzati_sigma_a_obs             0.14 
_refine_analyze.Luzzati_d_res_low_obs           20.00 
_refine_analyze.Luzzati_coordinate_error_free   0.22 
_refine_analyze.Luzzati_sigma_a_free            0.14 
_refine_analyze.Luzzati_d_res_low_free          ? 
_refine_analyze.number_disordered_residues      ? 
_refine_analyze.occupancy_sum_hydrogen          ? 
_refine_analyze.occupancy_sum_non_hydrogen      ? 
_refine_analyze.pdbx_Luzzati_d_res_high_obs     ? 
_refine_analyze.pdbx_refine_id                  'X-RAY DIFFRACTION' 
# 
_refine_hist.pdbx_refine_id                   'X-RAY DIFFRACTION' 
_refine_hist.cycle_id                         LAST 
_refine_hist.pdbx_number_atoms_protein        1191 
_refine_hist.pdbx_number_atoms_nucleic_acid   0 
_refine_hist.pdbx_number_atoms_ligand         0 
_refine_hist.number_atoms_solvent             195 
_refine_hist.number_atoms_total               1386 
_refine_hist.d_res_high                       1.56 
_refine_hist.d_res_low                        20.0 
# 
loop_
_refine_ls_restr.type 
_refine_ls_restr.dev_ideal 
_refine_ls_restr.dev_ideal_target 
_refine_ls_restr.weight 
_refine_ls_restr.number 
_refine_ls_restr.pdbx_refine_id 
_refine_ls_restr.pdbx_restraint_function 
o_bond_d           0.005 ?    ? ? 'X-RAY DIFFRACTION' ? 
o_angle_deg        1.0   ?    ? ? 'X-RAY DIFFRACTION' ? 
o_dihedral_angle_d 17.7  ?    ? ? 'X-RAY DIFFRACTION' ? 
o_improper_angle_d 0.68  ?    ? ? 'X-RAY DIFFRACTION' ? 
o_mcbond_it        1.63  1.50 ? ? 'X-RAY DIFFRACTION' ? 
o_mcangle_it       2.31  2.00 ? ? 'X-RAY DIFFRACTION' ? 
o_scbond_it        3.54  2.00 ? ? 'X-RAY DIFFRACTION' ? 
o_scangle_it       5.36  2.50 ? ? 'X-RAY DIFFRACTION' ? 
# 
_refine_ls_shell.pdbx_total_number_of_bins_used   6 
_refine_ls_shell.d_res_high                       1.56 
_refine_ls_shell.d_res_low                        1.66 
_refine_ls_shell.number_reflns_R_work             2929 
_refine_ls_shell.R_factor_R_work                  0.3840000 
_refine_ls_shell.percent_reflns_obs               89.2 
_refine_ls_shell.R_factor_R_free                  0.3480000 
_refine_ls_shell.R_factor_R_free_error            0.029 
_refine_ls_shell.percent_reflns_R_free            4.8 
_refine_ls_shell.number_reflns_R_free             149 
_refine_ls_shell.redundancy_reflns_obs            ? 
_refine_ls_shell.number_reflns_all                ? 
_refine_ls_shell.number_reflns_obs                ? 
_refine_ls_shell.pdbx_refine_id                   'X-RAY DIFFRACTION' 
_refine_ls_shell.R_factor_all                     ? 
# 
loop_
_pdbx_xplor_file.serial_no 
_pdbx_xplor_file.param_file 
_pdbx_xplor_file.topol_file 
_pdbx_xplor_file.pdbx_refine_id 
1 PROTEIN_REP.PARAM PROTEIN.TOP   'X-RAY DIFFRACTION' 
2 WATER_REP.PARAM   WATER_REP.TOP 'X-RAY DIFFRACTION' 
# 
_struct.entry_id                  1EYH 
_struct.title                     'CRYSTAL STRUCTURE OF THE EPSIN N-TERMINAL HOMOLOGY (ENTH) DOMAIN AT 1.56 ANGSTROM RESOLUTION' 
_struct.pdbx_model_details        ? 
_struct.pdbx_CASP_flag            ? 
_struct.pdbx_model_type_details   ? 
# 
_struct_keywords.entry_id        1EYH 
_struct_keywords.pdbx_keywords   'CELL CYCLE' 
_struct_keywords.text            'SUPERHELIX OF HELICES, CELL CYCLE' 
# 
loop_
_struct_asym.id 
_struct_asym.pdbx_blank_PDB_chainid_flag 
_struct_asym.pdbx_modified 
_struct_asym.entity_id 
_struct_asym.details 
A N N 1 ? 
B N N 2 ? 
# 
_struct_ref.id                         1 
_struct_ref.db_code                    EPN1_RAT 
_struct_ref.db_name                    UNP 
_struct_ref.entity_id                  1 
_struct_ref.pdbx_db_accession          O88339 
_struct_ref.pdbx_align_begin           15 
_struct_ref.pdbx_seq_one_letter_code   
;HNYSEAEIKVREATSNDPWGPSSSLMSEIADLTYNVVAFSEIMSMIWKRLNDHGKNWRHVYKAMTLMEYLIKTGSERVSQ
QCKENMYAVQTLKDFQYVDRDGKDQGVNVREKAKQLVALLRDEDRLREERAHALKTKEKLAQTA
;
_struct_ref.pdbx_db_isoform            ? 
# 
_struct_ref_seq.align_id                      1 
_struct_ref_seq.ref_id                        1 
_struct_ref_seq.pdbx_PDB_id_code              1EYH 
_struct_ref_seq.pdbx_strand_id                A 
_struct_ref_seq.seq_align_beg                 1 
_struct_ref_seq.pdbx_seq_align_beg_ins_code   ? 
_struct_ref_seq.seq_align_end                 144 
_struct_ref_seq.pdbx_seq_align_end_ins_code   ? 
_struct_ref_seq.pdbx_db_accession             O88339 
_struct_ref_seq.db_align_beg                  15 
_struct_ref_seq.pdbx_db_align_beg_ins_code    ? 
_struct_ref_seq.db_align_end                  158 
_struct_ref_seq.pdbx_db_align_end_ins_code    ? 
_struct_ref_seq.pdbx_auth_seq_align_beg       15 
_struct_ref_seq.pdbx_auth_seq_align_end       158 
# 
_pdbx_struct_assembly.id                   1 
_pdbx_struct_assembly.details              author_defined_assembly 
_pdbx_struct_assembly.method_details       ? 
_pdbx_struct_assembly.oligomeric_details   monomeric 
_pdbx_struct_assembly.oligomeric_count     1 
# 
_pdbx_struct_assembly_gen.assembly_id       1 
_pdbx_struct_assembly_gen.oper_expression   1 
_pdbx_struct_assembly_gen.asym_id_list      A,B 
# 
_pdbx_struct_oper_list.id                   1 
_pdbx_struct_oper_list.type                 'identity operation' 
_pdbx_struct_oper_list.name                 1_555 
_pdbx_struct_oper_list.symmetry_operation   x,y,z 
_pdbx_struct_oper_list.matrix[1][1]         1.0000000000 
_pdbx_struct_oper_list.matrix[1][2]         0.0000000000 
_pdbx_struct_oper_list.matrix[1][3]         0.0000000000 
_pdbx_struct_oper_list.vector[1]            0.0000000000 
_pdbx_struct_oper_list.matrix[2][1]         0.0000000000 
_pdbx_struct_oper_list.matrix[2][2]         1.0000000000 
_pdbx_struct_oper_list.matrix[2][3]         0.0000000000 
_pdbx_struct_oper_list.vector[2]            0.0000000000 
_pdbx_struct_oper_list.matrix[3][1]         0.0000000000 
_pdbx_struct_oper_list.matrix[3][2]         0.0000000000 
_pdbx_struct_oper_list.matrix[3][3]         1.0000000000 
_pdbx_struct_oper_list.vector[3]            0.0000000000 
# 
_struct_biol.id   1 
# 
loop_
_struct_conf.conf_type_id 
_struct_conf.id 
_struct_conf.pdbx_PDB_helix_id 
_struct_conf.beg_label_comp_id 
_struct_conf.beg_label_asym_id 
_struct_conf.beg_label_seq_id 
_struct_conf.pdbx_beg_PDB_ins_code 
_struct_conf.end_label_comp_id 
_struct_conf.end_label_asym_id 
_struct_conf.end_label_seq_id 
_struct_conf.pdbx_end_PDB_ins_code 
_struct_conf.beg_auth_comp_id 
_struct_conf.beg_auth_asym_id 
_struct_conf.beg_auth_seq_id 
_struct_conf.end_auth_comp_id 
_struct_conf.end_auth_asym_id 
_struct_conf.end_auth_seq_id 
_struct_conf.pdbx_PDB_helix_class 
_struct_conf.details 
_struct_conf.pdbx_PDB_helix_length 
HELX_P HELX_P1  1  SER A 4   ? THR A 14  ? SER A 18  THR A 28  1 ? 11 
HELX_P HELX_P2  2  SER A 22  ? THR A 33  ? SER A 36  THR A 47  1 ? 12 
HELX_P HELX_P3  3  ASN A 35  ? ASN A 51  ? ASN A 49  ASN A 65  1 ? 17 
HELX_P HELX_P4  4  HIS A 53  ? LYS A 55  ? HIS A 67  LYS A 69  5 ? 3  
HELX_P HELX_P5  5  ASN A 56  ? GLY A 74  ? ASN A 70  GLY A 88  1 ? 19 
HELX_P HELX_P6  6  SER A 75  ? ASN A 85  ? SER A 89  ASN A 99  1 ? 11 
HELX_P HELX_P7  7  ASN A 85  ? THR A 91  ? ASN A 99  THR A 105 1 ? 7  
HELX_P HELX_P8  8  LEU A 92  ? PHE A 95  ? LEU A 106 PHE A 109 5 ? 4  
HELX_P HELX_P9  9  GLN A 105 ? ASP A 122 ? GLN A 119 ASP A 136 1 ? 18 
HELX_P HELX_P10 10 ASP A 122 ? GLN A 142 ? ASP A 136 GLN A 156 1 ? 21 
# 
_struct_conf_type.id          HELX_P 
_struct_conf_type.criteria    ? 
_struct_conf_type.reference   ? 
# 
_pdbx_validate_torsion.id              1 
_pdbx_validate_torsion.PDB_model_num   1 
_pdbx_validate_torsion.auth_comp_id    TYR 
_pdbx_validate_torsion.auth_asym_id    A 
_pdbx_validate_torsion.auth_seq_id     111 
_pdbx_validate_torsion.PDB_ins_code    ? 
_pdbx_validate_torsion.label_alt_id    ? 
_pdbx_validate_torsion.phi             -165.14 
_pdbx_validate_torsion.psi             109.34 
# 
_pdbx_struct_special_symmetry.id              1 
_pdbx_struct_special_symmetry.PDB_model_num   1 
_pdbx_struct_special_symmetry.auth_asym_id    A 
_pdbx_struct_special_symmetry.auth_comp_id    HOH 
_pdbx_struct_special_symmetry.auth_seq_id     184 
_pdbx_struct_special_symmetry.PDB_ins_code    ? 
_pdbx_struct_special_symmetry.label_asym_id   B 
_pdbx_struct_special_symmetry.label_comp_id   HOH 
_pdbx_struct_special_symmetry.label_seq_id    . 
# 
loop_
_chem_comp_atom.comp_id 
_chem_comp_atom.atom_id 
_chem_comp_atom.type_symbol 
_chem_comp_atom.pdbx_aromatic_flag 
_chem_comp_atom.pdbx_stereo_config 
_chem_comp_atom.pdbx_ordinal 
ALA N    N N N 1   
ALA CA   C N S 2   
ALA C    C N N 3   
ALA O    O N N 4   
ALA CB   C N N 5   
ALA OXT  O N N 6   
ALA H    H N N 7   
ALA H2   H N N 8   
ALA HA   H N N 9   
ALA HB1  H N N 10  
ALA HB2  H N N 11  
ALA HB3  H N N 12  
ALA HXT  H N N 13  
ARG N    N N N 14  
ARG CA   C N S 15  
ARG C    C N N 16  
ARG O    O N N 17  
ARG CB   C N N 18  
ARG CG   C N N 19  
ARG CD   C N N 20  
ARG NE   N N N 21  
ARG CZ   C N N 22  
ARG NH1  N N N 23  
ARG NH2  N N N 24  
ARG OXT  O N N 25  
ARG H    H N N 26  
ARG H2   H N N 27  
ARG HA   H N N 28  
ARG HB2  H N N 29  
ARG HB3  H N N 30  
ARG HG2  H N N 31  
ARG HG3  H N N 32  
ARG HD2  H N N 33  
ARG HD3  H N N 34  
ARG HE   H N N 35  
ARG HH11 H N N 36  
ARG HH12 H N N 37  
ARG HH21 H N N 38  
ARG HH22 H N N 39  
ARG HXT  H N N 40  
ASN N    N N N 41  
ASN CA   C N S 42  
ASN C    C N N 43  
ASN O    O N N 44  
ASN CB   C N N 45  
ASN CG   C N N 46  
ASN OD1  O N N 47  
ASN ND2  N N N 48  
ASN OXT  O N N 49  
ASN H    H N N 50  
ASN H2   H N N 51  
ASN HA   H N N 52  
ASN HB2  H N N 53  
ASN HB3  H N N 54  
ASN HD21 H N N 55  
ASN HD22 H N N 56  
ASN HXT  H N N 57  
ASP N    N N N 58  
ASP CA   C N S 59  
ASP C    C N N 60  
ASP O    O N N 61  
ASP CB   C N N 62  
ASP CG   C N N 63  
ASP OD1  O N N 64  
ASP OD2  O N N 65  
ASP OXT  O N N 66  
ASP H    H N N 67  
ASP H2   H N N 68  
ASP HA   H N N 69  
ASP HB2  H N N 70  
ASP HB3  H N N 71  
ASP HD2  H N N 72  
ASP HXT  H N N 73  
CYS N    N N N 74  
CYS CA   C N R 75  
CYS C    C N N 76  
CYS O    O N N 77  
CYS CB   C N N 78  
CYS SG   S N N 79  
CYS OXT  O N N 80  
CYS H    H N N 81  
CYS H2   H N N 82  
CYS HA   H N N 83  
CYS HB2  H N N 84  
CYS HB3  H N N 85  
CYS HG   H N N 86  
CYS HXT  H N N 87  
GLN N    N N N 88  
GLN CA   C N S 89  
GLN C    C N N 90  
GLN O    O N N 91  
GLN CB   C N N 92  
GLN CG   C N N 93  
GLN CD   C N N 94  
GLN OE1  O N N 95  
GLN NE2  N N N 96  
GLN OXT  O N N 97  
GLN H    H N N 98  
GLN H2   H N N 99  
GLN HA   H N N 100 
GLN HB2  H N N 101 
GLN HB3  H N N 102 
GLN HG2  H N N 103 
GLN HG3  H N N 104 
GLN HE21 H N N 105 
GLN HE22 H N N 106 
GLN HXT  H N N 107 
GLU N    N N N 108 
GLU CA   C N S 109 
GLU C    C N N 110 
GLU O    O N N 111 
GLU CB   C N N 112 
GLU CG   C N N 113 
GLU CD   C N N 114 
GLU OE1  O N N 115 
GLU OE2  O N N 116 
GLU OXT  O N N 117 
GLU H    H N N 118 
GLU H2   H N N 119 
GLU HA   H N N 120 
GLU HB2  H N N 121 
GLU HB3  H N N 122 
GLU HG2  H N N 123 
GLU HG3  H N N 124 
GLU HE2  H N N 125 
GLU HXT  H N N 126 
GLY N    N N N 127 
GLY CA   C N N 128 
GLY C    C N N 129 
GLY O    O N N 130 
GLY OXT  O N N 131 
GLY H    H N N 132 
GLY H2   H N N 133 
GLY HA2  H N N 134 
GLY HA3  H N N 135 
GLY HXT  H N N 136 
HIS N    N N N 137 
HIS CA   C N S 138 
HIS C    C N N 139 
HIS O    O N N 140 
HIS CB   C N N 141 
HIS CG   C Y N 142 
HIS ND1  N Y N 143 
HIS CD2  C Y N 144 
HIS CE1  C Y N 145 
HIS NE2  N Y N 146 
HIS OXT  O N N 147 
HIS H    H N N 148 
HIS H2   H N N 149 
HIS HA   H N N 150 
HIS HB2  H N N 151 
HIS HB3  H N N 152 
HIS HD1  H N N 153 
HIS HD2  H N N 154 
HIS HE1  H N N 155 
HIS HE2  H N N 156 
HIS HXT  H N N 157 
HOH O    O N N 158 
HOH H1   H N N 159 
HOH H2   H N N 160 
ILE N    N N N 161 
ILE CA   C N S 162 
ILE C    C N N 163 
ILE O    O N N 164 
ILE CB   C N S 165 
ILE CG1  C N N 166 
ILE CG2  C N N 167 
ILE CD1  C N N 168 
ILE OXT  O N N 169 
ILE H    H N N 170 
ILE H2   H N N 171 
ILE HA   H N N 172 
ILE HB   H N N 173 
ILE HG12 H N N 174 
ILE HG13 H N N 175 
ILE HG21 H N N 176 
ILE HG22 H N N 177 
ILE HG23 H N N 178 
ILE HD11 H N N 179 
ILE HD12 H N N 180 
ILE HD13 H N N 181 
ILE HXT  H N N 182 
LEU N    N N N 183 
LEU CA   C N S 184 
LEU C    C N N 185 
LEU O    O N N 186 
LEU CB   C N N 187 
LEU CG   C N N 188 
LEU CD1  C N N 189 
LEU CD2  C N N 190 
LEU OXT  O N N 191 
LEU H    H N N 192 
LEU H2   H N N 193 
LEU HA   H N N 194 
LEU HB2  H N N 195 
LEU HB3  H N N 196 
LEU HG   H N N 197 
LEU HD11 H N N 198 
LEU HD12 H N N 199 
LEU HD13 H N N 200 
LEU HD21 H N N 201 
LEU HD22 H N N 202 
LEU HD23 H N N 203 
LEU HXT  H N N 204 
LYS N    N N N 205 
LYS CA   C N S 206 
LYS C    C N N 207 
LYS O    O N N 208 
LYS CB   C N N 209 
LYS CG   C N N 210 
LYS CD   C N N 211 
LYS CE   C N N 212 
LYS NZ   N N N 213 
LYS OXT  O N N 214 
LYS H    H N N 215 
LYS H2   H N N 216 
LYS HA   H N N 217 
LYS HB2  H N N 218 
LYS HB3  H N N 219 
LYS HG2  H N N 220 
LYS HG3  H N N 221 
LYS HD2  H N N 222 
LYS HD3  H N N 223 
LYS HE2  H N N 224 
LYS HE3  H N N 225 
LYS HZ1  H N N 226 
LYS HZ2  H N N 227 
LYS HZ3  H N N 228 
LYS HXT  H N N 229 
MET N    N N N 230 
MET CA   C N S 231 
MET C    C N N 232 
MET O    O N N 233 
MET CB   C N N 234 
MET CG   C N N 235 
MET SD   S N N 236 
MET CE   C N N 237 
MET OXT  O N N 238 
MET H    H N N 239 
MET H2   H N N 240 
MET HA   H N N 241 
MET HB2  H N N 242 
MET HB3  H N N 243 
MET HG2  H N N 244 
MET HG3  H N N 245 
MET HE1  H N N 246 
MET HE2  H N N 247 
MET HE3  H N N 248 
MET HXT  H N N 249 
PHE N    N N N 250 
PHE CA   C N S 251 
PHE C    C N N 252 
PHE O    O N N 253 
PHE CB   C N N 254 
PHE CG   C Y N 255 
PHE CD1  C Y N 256 
PHE CD2  C Y N 257 
PHE CE1  C Y N 258 
PHE CE2  C Y N 259 
PHE CZ   C Y N 260 
PHE OXT  O N N 261 
PHE H    H N N 262 
PHE H2   H N N 263 
PHE HA   H N N 264 
PHE HB2  H N N 265 
PHE HB3  H N N 266 
PHE HD1  H N N 267 
PHE HD2  H N N 268 
PHE HE1  H N N 269 
PHE HE2  H N N 270 
PHE HZ   H N N 271 
PHE HXT  H N N 272 
PRO N    N N N 273 
PRO CA   C N S 274 
PRO C    C N N 275 
PRO O    O N N 276 
PRO CB   C N N 277 
PRO CG   C N N 278 
PRO CD   C N N 279 
PRO OXT  O N N 280 
PRO H    H N N 281 
PRO HA   H N N 282 
PRO HB2  H N N 283 
PRO HB3  H N N 284 
PRO HG2  H N N 285 
PRO HG3  H N N 286 
PRO HD2  H N N 287 
PRO HD3  H N N 288 
PRO HXT  H N N 289 
SER N    N N N 290 
SER CA   C N S 291 
SER C    C N N 292 
SER O    O N N 293 
SER CB   C N N 294 
SER OG   O N N 295 
SER OXT  O N N 296 
SER H    H N N 297 
SER H2   H N N 298 
SER HA   H N N 299 
SER HB2  H N N 300 
SER HB3  H N N 301 
SER HG   H N N 302 
SER HXT  H N N 303 
THR N    N N N 304 
THR CA   C N S 305 
THR C    C N N 306 
THR O    O N N 307 
THR CB   C N R 308 
THR OG1  O N N 309 
THR CG2  C N N 310 
THR OXT  O N N 311 
THR H    H N N 312 
THR H2   H N N 313 
THR HA   H N N 314 
THR HB   H N N 315 
THR HG1  H N N 316 
THR HG21 H N N 317 
THR HG22 H N N 318 
THR HG23 H N N 319 
THR HXT  H N N 320 
TRP N    N N N 321 
TRP CA   C N S 322 
TRP C    C N N 323 
TRP O    O N N 324 
TRP CB   C N N 325 
TRP CG   C Y N 326 
TRP CD1  C Y N 327 
TRP CD2  C Y N 328 
TRP NE1  N Y N 329 
TRP CE2  C Y N 330 
TRP CE3  C Y N 331 
TRP CZ2  C Y N 332 
TRP CZ3  C Y N 333 
TRP CH2  C Y N 334 
TRP OXT  O N N 335 
TRP H    H N N 336 
TRP H2   H N N 337 
TRP HA   H N N 338 
TRP HB2  H N N 339 
TRP HB3  H N N 340 
TRP HD1  H N N 341 
TRP HE1  H N N 342 
TRP HE3  H N N 343 
TRP HZ2  H N N 344 
TRP HZ3  H N N 345 
TRP HH2  H N N 346 
TRP HXT  H N N 347 
TYR N    N N N 348 
TYR CA   C N S 349 
TYR C    C N N 350 
TYR O    O N N 351 
TYR CB   C N N 352 
TYR CG   C Y N 353 
TYR CD1  C Y N 354 
TYR CD2  C Y N 355 
TYR CE1  C Y N 356 
TYR CE2  C Y N 357 
TYR CZ   C Y N 358 
TYR OH   O N N 359 
TYR OXT  O N N 360 
TYR H    H N N 361 
TYR H2   H N N 362 
TYR HA   H N N 363 
TYR HB2  H N N 364 
TYR HB3  H N N 365 
TYR HD1  H N N 366 
TYR HD2  H N N 367 
TYR HE1  H N N 368 
TYR HE2  H N N 369 
TYR HH   H N N 370 
TYR HXT  H N N 371 
VAL N    N N N 372 
VAL CA   C N S 373 
VAL C    C N N 374 
VAL O    O N N 375 
VAL CB   C N N 376 
VAL CG1  C N N 377 
VAL CG2  C N N 378 
VAL OXT  O N N 379 
VAL H    H N N 380 
VAL H2   H N N 381 
VAL HA   H N N 382 
VAL HB   H N N 383 
VAL HG11 H N N 384 
VAL HG12 H N N 385 
VAL HG13 H N N 386 
VAL HG21 H N N 387 
VAL HG22 H N N 388 
VAL HG23 H N N 389 
VAL HXT  H N N 390 
# 
loop_
_chem_comp_bond.comp_id 
_chem_comp_bond.atom_id_1 
_chem_comp_bond.atom_id_2 
_chem_comp_bond.value_order 
_chem_comp_bond.pdbx_aromatic_flag 
_chem_comp_bond.pdbx_stereo_config 
_chem_comp_bond.pdbx_ordinal 
ALA N   CA   sing N N 1   
ALA N   H    sing N N 2   
ALA N   H2   sing N N 3   
ALA CA  C    sing N N 4   
ALA CA  CB   sing N N 5   
ALA CA  HA   sing N N 6   
ALA C   O    doub N N 7   
ALA C   OXT  sing N N 8   
ALA CB  HB1  sing N N 9   
ALA CB  HB2  sing N N 10  
ALA CB  HB3  sing N N 11  
ALA OXT HXT  sing N N 12  
ARG N   CA   sing N N 13  
ARG N   H    sing N N 14  
ARG N   H2   sing N N 15  
ARG CA  C    sing N N 16  
ARG CA  CB   sing N N 17  
ARG CA  HA   sing N N 18  
ARG C   O    doub N N 19  
ARG C   OXT  sing N N 20  
ARG CB  CG   sing N N 21  
ARG CB  HB2  sing N N 22  
ARG CB  HB3  sing N N 23  
ARG CG  CD   sing N N 24  
ARG CG  HG2  sing N N 25  
ARG CG  HG3  sing N N 26  
ARG CD  NE   sing N N 27  
ARG CD  HD2  sing N N 28  
ARG CD  HD3  sing N N 29  
ARG NE  CZ   sing N N 30  
ARG NE  HE   sing N N 31  
ARG CZ  NH1  sing N N 32  
ARG CZ  NH2  doub N N 33  
ARG NH1 HH11 sing N N 34  
ARG NH1 HH12 sing N N 35  
ARG NH2 HH21 sing N N 36  
ARG NH2 HH22 sing N N 37  
ARG OXT HXT  sing N N 38  
ASN N   CA   sing N N 39  
ASN N   H    sing N N 40  
ASN N   H2   sing N N 41  
ASN CA  C    sing N N 42  
ASN CA  CB   sing N N 43  
ASN CA  HA   sing N N 44  
ASN C   O    doub N N 45  
ASN C   OXT  sing N N 46  
ASN CB  CG   sing N N 47  
ASN CB  HB2  sing N N 48  
ASN CB  HB3  sing N N 49  
ASN CG  OD1  doub N N 50  
ASN CG  ND2  sing N N 51  
ASN ND2 HD21 sing N N 52  
ASN ND2 HD22 sing N N 53  
ASN OXT HXT  sing N N 54  
ASP N   CA   sing N N 55  
ASP N   H    sing N N 56  
ASP N   H2   sing N N 57  
ASP CA  C    sing N N 58  
ASP CA  CB   sing N N 59  
ASP CA  HA   sing N N 60  
ASP C   O    doub N N 61  
ASP C   OXT  sing N N 62  
ASP CB  CG   sing N N 63  
ASP CB  HB2  sing N N 64  
ASP CB  HB3  sing N N 65  
ASP CG  OD1  doub N N 66  
ASP CG  OD2  sing N N 67  
ASP OD2 HD2  sing N N 68  
ASP OXT HXT  sing N N 69  
CYS N   CA   sing N N 70  
CYS N   H    sing N N 71  
CYS N   H2   sing N N 72  
CYS CA  C    sing N N 73  
CYS CA  CB   sing N N 74  
CYS CA  HA   sing N N 75  
CYS C   O    doub N N 76  
CYS C   OXT  sing N N 77  
CYS CB  SG   sing N N 78  
CYS CB  HB2  sing N N 79  
CYS CB  HB3  sing N N 80  
CYS SG  HG   sing N N 81  
CYS OXT HXT  sing N N 82  
GLN N   CA   sing N N 83  
GLN N   H    sing N N 84  
GLN N   H2   sing N N 85  
GLN CA  C    sing N N 86  
GLN CA  CB   sing N N 87  
GLN CA  HA   sing N N 88  
GLN C   O    doub N N 89  
GLN C   OXT  sing N N 90  
GLN CB  CG   sing N N 91  
GLN CB  HB2  sing N N 92  
GLN CB  HB3  sing N N 93  
GLN CG  CD   sing N N 94  
GLN CG  HG2  sing N N 95  
GLN CG  HG3  sing N N 96  
GLN CD  OE1  doub N N 97  
GLN CD  NE2  sing N N 98  
GLN NE2 HE21 sing N N 99  
GLN NE2 HE22 sing N N 100 
GLN OXT HXT  sing N N 101 
GLU N   CA   sing N N 102 
GLU N   H    sing N N 103 
GLU N   H2   sing N N 104 
GLU CA  C    sing N N 105 
GLU CA  CB   sing N N 106 
GLU CA  HA   sing N N 107 
GLU C   O    doub N N 108 
GLU C   OXT  sing N N 109 
GLU CB  CG   sing N N 110 
GLU CB  HB2  sing N N 111 
GLU CB  HB3  sing N N 112 
GLU CG  CD   sing N N 113 
GLU CG  HG2  sing N N 114 
GLU CG  HG3  sing N N 115 
GLU CD  OE1  doub N N 116 
GLU CD  OE2  sing N N 117 
GLU OE2 HE2  sing N N 118 
GLU OXT HXT  sing N N 119 
GLY N   CA   sing N N 120 
GLY N   H    sing N N 121 
GLY N   H2   sing N N 122 
GLY CA  C    sing N N 123 
GLY CA  HA2  sing N N 124 
GLY CA  HA3  sing N N 125 
GLY C   O    doub N N 126 
GLY C   OXT  sing N N 127 
GLY OXT HXT  sing N N 128 
HIS N   CA   sing N N 129 
HIS N   H    sing N N 130 
HIS N   H2   sing N N 131 
HIS CA  C    sing N N 132 
HIS CA  CB   sing N N 133 
HIS CA  HA   sing N N 134 
HIS C   O    doub N N 135 
HIS C   OXT  sing N N 136 
HIS CB  CG   sing N N 137 
HIS CB  HB2  sing N N 138 
HIS CB  HB3  sing N N 139 
HIS CG  ND1  sing Y N 140 
HIS CG  CD2  doub Y N 141 
HIS ND1 CE1  doub Y N 142 
HIS ND1 HD1  sing N N 143 
HIS CD2 NE2  sing Y N 144 
HIS CD2 HD2  sing N N 145 
HIS CE1 NE2  sing Y N 146 
HIS CE1 HE1  sing N N 147 
HIS NE2 HE2  sing N N 148 
HIS OXT HXT  sing N N 149 
HOH O   H1   sing N N 150 
HOH O   H2   sing N N 151 
ILE N   CA   sing N N 152 
ILE N   H    sing N N 153 
ILE N   H2   sing N N 154 
ILE CA  C    sing N N 155 
ILE CA  CB   sing N N 156 
ILE CA  HA   sing N N 157 
ILE C   O    doub N N 158 
ILE C   OXT  sing N N 159 
ILE CB  CG1  sing N N 160 
ILE CB  CG2  sing N N 161 
ILE CB  HB   sing N N 162 
ILE CG1 CD1  sing N N 163 
ILE CG1 HG12 sing N N 164 
ILE CG1 HG13 sing N N 165 
ILE CG2 HG21 sing N N 166 
ILE CG2 HG22 sing N N 167 
ILE CG2 HG23 sing N N 168 
ILE CD1 HD11 sing N N 169 
ILE CD1 HD12 sing N N 170 
ILE CD1 HD13 sing N N 171 
ILE OXT HXT  sing N N 172 
LEU N   CA   sing N N 173 
LEU N   H    sing N N 174 
LEU N   H2   sing N N 175 
LEU CA  C    sing N N 176 
LEU CA  CB   sing N N 177 
LEU CA  HA   sing N N 178 
LEU C   O    doub N N 179 
LEU C   OXT  sing N N 180 
LEU CB  CG   sing N N 181 
LEU CB  HB2  sing N N 182 
LEU CB  HB3  sing N N 183 
LEU CG  CD1  sing N N 184 
LEU CG  CD2  sing N N 185 
LEU CG  HG   sing N N 186 
LEU CD1 HD11 sing N N 187 
LEU CD1 HD12 sing N N 188 
LEU CD1 HD13 sing N N 189 
LEU CD2 HD21 sing N N 190 
LEU CD2 HD22 sing N N 191 
LEU CD2 HD23 sing N N 192 
LEU OXT HXT  sing N N 193 
LYS N   CA   sing N N 194 
LYS N   H    sing N N 195 
LYS N   H2   sing N N 196 
LYS CA  C    sing N N 197 
LYS CA  CB   sing N N 198 
LYS CA  HA   sing N N 199 
LYS C   O    doub N N 200 
LYS C   OXT  sing N N 201 
LYS CB  CG   sing N N 202 
LYS CB  HB2  sing N N 203 
LYS CB  HB3  sing N N 204 
LYS CG  CD   sing N N 205 
LYS CG  HG2  sing N N 206 
LYS CG  HG3  sing N N 207 
LYS CD  CE   sing N N 208 
LYS CD  HD2  sing N N 209 
LYS CD  HD3  sing N N 210 
LYS CE  NZ   sing N N 211 
LYS CE  HE2  sing N N 212 
LYS CE  HE3  sing N N 213 
LYS NZ  HZ1  sing N N 214 
LYS NZ  HZ2  sing N N 215 
LYS NZ  HZ3  sing N N 216 
LYS OXT HXT  sing N N 217 
MET N   CA   sing N N 218 
MET N   H    sing N N 219 
MET N   H2   sing N N 220 
MET CA  C    sing N N 221 
MET CA  CB   sing N N 222 
MET CA  HA   sing N N 223 
MET C   O    doub N N 224 
MET C   OXT  sing N N 225 
MET CB  CG   sing N N 226 
MET CB  HB2  sing N N 227 
MET CB  HB3  sing N N 228 
MET CG  SD   sing N N 229 
MET CG  HG2  sing N N 230 
MET CG  HG3  sing N N 231 
MET SD  CE   sing N N 232 
MET CE  HE1  sing N N 233 
MET CE  HE2  sing N N 234 
MET CE  HE3  sing N N 235 
MET OXT HXT  sing N N 236 
PHE N   CA   sing N N 237 
PHE N   H    sing N N 238 
PHE N   H2   sing N N 239 
PHE CA  C    sing N N 240 
PHE CA  CB   sing N N 241 
PHE CA  HA   sing N N 242 
PHE C   O    doub N N 243 
PHE C   OXT  sing N N 244 
PHE CB  CG   sing N N 245 
PHE CB  HB2  sing N N 246 
PHE CB  HB3  sing N N 247 
PHE CG  CD1  doub Y N 248 
PHE CG  CD2  sing Y N 249 
PHE CD1 CE1  sing Y N 250 
PHE CD1 HD1  sing N N 251 
PHE CD2 CE2  doub Y N 252 
PHE CD2 HD2  sing N N 253 
PHE CE1 CZ   doub Y N 254 
PHE CE1 HE1  sing N N 255 
PHE CE2 CZ   sing Y N 256 
PHE CE2 HE2  sing N N 257 
PHE CZ  HZ   sing N N 258 
PHE OXT HXT  sing N N 259 
PRO N   CA   sing N N 260 
PRO N   CD   sing N N 261 
PRO N   H    sing N N 262 
PRO CA  C    sing N N 263 
PRO CA  CB   sing N N 264 
PRO CA  HA   sing N N 265 
PRO C   O    doub N N 266 
PRO C   OXT  sing N N 267 
PRO CB  CG   sing N N 268 
PRO CB  HB2  sing N N 269 
PRO CB  HB3  sing N N 270 
PRO CG  CD   sing N N 271 
PRO CG  HG2  sing N N 272 
PRO CG  HG3  sing N N 273 
PRO CD  HD2  sing N N 274 
PRO CD  HD3  sing N N 275 
PRO OXT HXT  sing N N 276 
SER N   CA   sing N N 277 
SER N   H    sing N N 278 
SER N   H2   sing N N 279 
SER CA  C    sing N N 280 
SER CA  CB   sing N N 281 
SER CA  HA   sing N N 282 
SER C   O    doub N N 283 
SER C   OXT  sing N N 284 
SER CB  OG   sing N N 285 
SER CB  HB2  sing N N 286 
SER CB  HB3  sing N N 287 
SER OG  HG   sing N N 288 
SER OXT HXT  sing N N 289 
THR N   CA   sing N N 290 
THR N   H    sing N N 291 
THR N   H2   sing N N 292 
THR CA  C    sing N N 293 
THR CA  CB   sing N N 294 
THR CA  HA   sing N N 295 
THR C   O    doub N N 296 
THR C   OXT  sing N N 297 
THR CB  OG1  sing N N 298 
THR CB  CG2  sing N N 299 
THR CB  HB   sing N N 300 
THR OG1 HG1  sing N N 301 
THR CG2 HG21 sing N N 302 
THR CG2 HG22 sing N N 303 
THR CG2 HG23 sing N N 304 
THR OXT HXT  sing N N 305 
TRP N   CA   sing N N 306 
TRP N   H    sing N N 307 
TRP N   H2   sing N N 308 
TRP CA  C    sing N N 309 
TRP CA  CB   sing N N 310 
TRP CA  HA   sing N N 311 
TRP C   O    doub N N 312 
TRP C   OXT  sing N N 313 
TRP CB  CG   sing N N 314 
TRP CB  HB2  sing N N 315 
TRP CB  HB3  sing N N 316 
TRP CG  CD1  doub Y N 317 
TRP CG  CD2  sing Y N 318 
TRP CD1 NE1  sing Y N 319 
TRP CD1 HD1  sing N N 320 
TRP CD2 CE2  doub Y N 321 
TRP CD2 CE3  sing Y N 322 
TRP NE1 CE2  sing Y N 323 
TRP NE1 HE1  sing N N 324 
TRP CE2 CZ2  sing Y N 325 
TRP CE3 CZ3  doub Y N 326 
TRP CE3 HE3  sing N N 327 
TRP CZ2 CH2  doub Y N 328 
TRP CZ2 HZ2  sing N N 329 
TRP CZ3 CH2  sing Y N 330 
TRP CZ3 HZ3  sing N N 331 
TRP CH2 HH2  sing N N 332 
TRP OXT HXT  sing N N 333 
TYR N   CA   sing N N 334 
TYR N   H    sing N N 335 
TYR N   H2   sing N N 336 
TYR CA  C    sing N N 337 
TYR CA  CB   sing N N 338 
TYR CA  HA   sing N N 339 
TYR C   O    doub N N 340 
TYR C   OXT  sing N N 341 
TYR CB  CG   sing N N 342 
TYR CB  HB2  sing N N 343 
TYR CB  HB3  sing N N 344 
TYR CG  CD1  doub Y N 345 
TYR CG  CD2  sing Y N 346 
TYR CD1 CE1  sing Y N 347 
TYR CD1 HD1  sing N N 348 
TYR CD2 CE2  doub Y N 349 
TYR CD2 HD2  sing N N 350 
TYR CE1 CZ   doub Y N 351 
TYR CE1 HE1  sing N N 352 
TYR CE2 CZ   sing Y N 353 
TYR CE2 HE2  sing N N 354 
TYR CZ  OH   sing N N 355 
TYR OH  HH   sing N N 356 
TYR OXT HXT  sing N N 357 
VAL N   CA   sing N N 358 
VAL N   H    sing N N 359 
VAL N   H2   sing N N 360 
VAL CA  C    sing N N 361 
VAL CA  CB   sing N N 362 
VAL CA  HA   sing N N 363 
VAL C   O    doub N N 364 
VAL C   OXT  sing N N 365 
VAL CB  CG1  sing N N 366 
VAL CB  CG2  sing N N 367 
VAL CB  HB   sing N N 368 
VAL CG1 HG11 sing N N 369 
VAL CG1 HG12 sing N N 370 
VAL CG1 HG13 sing N N 371 
VAL CG2 HG21 sing N N 372 
VAL CG2 HG22 sing N N 373 
VAL CG2 HG23 sing N N 374 
VAL OXT HXT  sing N N 375 
# 
_atom_sites.entry_id                    1EYH 
_atom_sites.fract_transf_matrix[1][1]   -0.00744499 
_atom_sites.fract_transf_matrix[1][2]   0.00513475 
_atom_sites.fract_transf_matrix[1][3]   0.02130742 
_atom_sites.fract_transf_matrix[2][1]   0.01525800 
_atom_sites.fract_transf_matrix[2][2]   0.00408635 
_atom_sites.fract_transf_matrix[2][3]   0.01691977 
_atom_sites.fract_transf_matrix[3][1]   -0.00000414 
_atom_sites.fract_transf_matrix[3][2]   0.00978650 
_atom_sites.fract_transf_matrix[3][3]   -0.00235984 
_atom_sites.fract_transf_vector[1]      0.576795 
_atom_sites.fract_transf_vector[2]      0.327938 
_atom_sites.fract_transf_vector[3]      0.298883 
# 
loop_
_atom_type.symbol 
C 
N 
O 
S 
# 
loop_
_atom_site.group_PDB 
_atom_site.id 
_atom_site.type_symbol 
_atom_site.label_atom_id 
_atom_site.label_alt_id 
_atom_site.label_comp_id 
_atom_site.label_asym_id 
_atom_site.label_entity_id 
_atom_site.label_seq_id 
_atom_site.pdbx_PDB_ins_code 
_atom_site.Cartn_x 
_atom_site.Cartn_y 
_atom_site.Cartn_z 
_atom_site.occupancy 
_atom_site.B_iso_or_equiv 
_atom_site.pdbx_formal_charge 
_atom_site.auth_seq_id 
_atom_site.auth_comp_id 
_atom_site.auth_asym_id 
_atom_site.auth_atom_id 
_atom_site.pdbx_PDB_model_num 
ATOM   1    N N   . HIS A 1 1   ? 1.534   -14.974 -18.364 1.00 48.43 ? 15  HIS A N   1 
ATOM   2    C CA  . HIS A 1 1   ? 2.352   -16.088 -17.798 1.00 47.76 ? 15  HIS A CA  1 
ATOM   3    C C   . HIS A 1 1   ? 1.968   -16.341 -16.351 1.00 43.81 ? 15  HIS A C   1 
ATOM   4    O O   . HIS A 1 1   ? 0.871   -15.998 -15.903 1.00 43.80 ? 15  HIS A O   1 
ATOM   5    C CB  . HIS A 1 1   ? 3.846   -15.739 -17.808 1.00 52.01 ? 15  HIS A CB  1 
ATOM   6    C CG  . HIS A 1 1   ? 4.393   -15.385 -19.155 1.00 57.90 ? 15  HIS A CG  1 
ATOM   7    N ND1 . HIS A 1 1   ? 5.744   -15.217 -19.379 1.00 59.20 ? 15  HIS A ND1 1 
ATOM   8    C CD2 . HIS A 1 1   ? 3.782   -15.146 -20.338 1.00 60.64 ? 15  HIS A CD2 1 
ATOM   9    C CE1 . HIS A 1 1   ? 5.940   -14.890 -20.643 1.00 61.26 ? 15  HIS A CE1 1 
ATOM   10   N NE2 . HIS A 1 1   ? 4.766   -14.840 -21.248 1.00 61.64 ? 15  HIS A NE2 1 
ATOM   11   N N   . ASN A 1 2   ? 2.900   -16.953 -15.629 1.00 40.63 ? 16  ASN A N   1 
ATOM   12   C CA  . ASN A 1 2   ? 2.718   -17.222 -14.217 1.00 37.37 ? 16  ASN A CA  1 
ATOM   13   C C   . ASN A 1 2   ? 3.150   -15.940 -13.520 1.00 33.42 ? 16  ASN A C   1 
ATOM   14   O O   . ASN A 1 2   ? 3.939   -15.161 -14.064 1.00 29.49 ? 16  ASN A O   1 
ATOM   15   C CB  . ASN A 1 2   ? 3.620   -18.369 -13.755 1.00 43.49 ? 16  ASN A CB  1 
ATOM   16   C CG  . ASN A 1 2   ? 3.302   -19.680 -14.441 1.00 47.90 ? 16  ASN A CG  1 
ATOM   17   O OD1 . ASN A 1 2   ? 2.152   -20.119 -14.463 1.00 50.06 ? 16  ASN A OD1 1 
ATOM   18   N ND2 . ASN A 1 2   ? 4.324   -20.321 -14.996 1.00 51.85 ? 16  ASN A ND2 1 
ATOM   19   N N   . TYR A 1 3   ? 2.627   -15.716 -12.324 1.00 28.23 ? 17  TYR A N   1 
ATOM   20   C CA  . TYR A 1 3   ? 2.990   -14.533 -11.564 1.00 25.92 ? 17  TYR A CA  1 
ATOM   21   C C   . TYR A 1 3   ? 4.417   -14.694 -11.082 1.00 25.86 ? 17  TYR A C   1 
ATOM   22   O O   . TYR A 1 3   ? 4.858   -15.808 -10.794 1.00 26.30 ? 17  TYR A O   1 
ATOM   23   C CB  . TYR A 1 3   ? 2.085   -14.384 -10.343 1.00 24.44 ? 17  TYR A CB  1 
ATOM   24   C CG  . TYR A 1 3   ? 0.681   -13.933 -10.652 1.00 23.60 ? 17  TYR A CG  1 
ATOM   25   C CD1 . TYR A 1 3   ? -0.418  -14.640 -10.161 1.00 25.72 ? 17  TYR A CD1 1 
ATOM   26   C CD2 . TYR A 1 3   ? 0.443   -12.782 -11.403 1.00 24.15 ? 17  TYR A CD2 1 
ATOM   27   C CE1 . TYR A 1 3   ? -1.714  -14.213 -10.408 1.00 26.95 ? 17  TYR A CE1 1 
ATOM   28   C CE2 . TYR A 1 3   ? -0.854  -12.345 -11.655 1.00 24.77 ? 17  TYR A CE2 1 
ATOM   29   C CZ  . TYR A 1 3   ? -1.928  -13.066 -11.152 1.00 28.88 ? 17  TYR A CZ  1 
ATOM   30   O OH  . TYR A 1 3   ? -3.216  -12.643 -11.388 1.00 29.99 ? 17  TYR A OH  1 
ATOM   31   N N   . SER A 1 4   ? 5.141   -13.585 -11.001 1.00 23.47 ? 18  SER A N   1 
ATOM   32   C CA  . SER A 1 4   ? 6.503   -13.623 -10.500 1.00 23.70 ? 18  SER A CA  1 
ATOM   33   C C   . SER A 1 4   ? 6.364   -13.746 -8.986  1.00 24.31 ? 18  SER A C   1 
ATOM   34   O O   . SER A 1 4   ? 5.276   -13.532 -8.439  1.00 21.78 ? 18  SER A O   1 
ATOM   35   C CB  . SER A 1 4   ? 7.223   -12.319 -10.837 1.00 22.84 ? 18  SER A CB  1 
ATOM   36   O OG  . SER A 1 4   ? 6.609   -11.230 -10.160 1.00 20.74 ? 18  SER A OG  1 
ATOM   37   N N   . GLU A 1 5   ? 7.452   -14.089 -8.303  1.00 23.20 ? 19  GLU A N   1 
ATOM   38   C CA  . GLU A 1 5   ? 7.409   -14.199 -6.854  1.00 22.85 ? 19  GLU A CA  1 
ATOM   39   C C   . GLU A 1 5   ? 6.975   -12.854 -6.260  1.00 22.83 ? 19  GLU A C   1 
ATOM   40   O O   . GLU A 1 5   ? 6.210   -12.811 -5.298  1.00 20.98 ? 19  GLU A O   1 
ATOM   41   C CB  . GLU A 1 5   ? 8.784   -14.595 -6.314  1.00 27.76 ? 19  GLU A CB  1 
ATOM   42   C CG  . GLU A 1 5   ? 8.811   -14.884 -4.821  1.00 33.46 ? 19  GLU A CG  1 
ATOM   43   C CD  . GLU A 1 5   ? 7.767   -15.909 -4.407  1.00 36.21 ? 19  GLU A CD  1 
ATOM   44   O OE1 . GLU A 1 5   ? 7.665   -16.957 -5.078  1.00 37.94 ? 19  GLU A OE1 1 
ATOM   45   O OE2 . GLU A 1 5   ? 7.055   -15.669 -3.408  1.00 39.01 ? 19  GLU A OE2 1 
ATOM   46   N N   . ALA A 1 6   ? 7.467   -11.760 -6.837  1.00 21.08 ? 20  ALA A N   1 
ATOM   47   C CA  . ALA A 1 6   ? 7.105   -10.428 -6.355  1.00 19.23 ? 20  ALA A CA  1 
ATOM   48   C C   . ALA A 1 6   ? 5.594   -10.203 -6.462  1.00 18.42 ? 20  ALA A C   1 
ATOM   49   O O   . ALA A 1 6   ? 4.978   -9.649  -5.551  1.00 17.97 ? 20  ALA A O   1 
ATOM   50   C CB  . ALA A 1 6   ? 7.856   -9.355  -7.149  1.00 20.28 ? 20  ALA A CB  1 
ATOM   51   N N   . GLU A 1 7   ? 4.999   -10.620 -7.576  1.00 17.51 ? 21  GLU A N   1 
ATOM   52   C CA  . GLU A 1 7   ? 3.559   -10.457 -7.763  1.00 18.27 ? 21  GLU A CA  1 
ATOM   53   C C   . GLU A 1 7   ? 2.782   -11.333 -6.784  1.00 19.06 ? 21  GLU A C   1 
ATOM   54   O O   . GLU A 1 7   ? 1.750   -10.921 -6.263  1.00 17.99 ? 21  GLU A O   1 
ATOM   55   C CB  . GLU A 1 7   ? 3.173   -10.796 -9.207  1.00 17.72 ? 21  GLU A CB  1 
ATOM   56   C CG  . GLU A 1 7   ? 3.749   -9.807  -10.223 1.00 19.91 ? 21  GLU A CG  1 
ATOM   57   C CD  . GLU A 1 7   ? 3.435   -10.186 -11.654 1.00 21.05 ? 21  GLU A CD  1 
ATOM   58   O OE1 . GLU A 1 7   ? 3.728   -11.336 -12.036 1.00 20.50 ? 21  GLU A OE1 1 
ATOM   59   O OE2 . GLU A 1 7   ? 2.908   -9.331  -12.400 1.00 25.06 ? 21  GLU A OE2 1 
ATOM   60   N N   . ILE A 1 8   ? 3.285   -12.540 -6.530  1.00 18.35 ? 22  ILE A N   1 
ATOM   61   C CA  . ILE A 1 8   ? 2.633   -13.448 -5.583  1.00 19.08 ? 22  ILE A CA  1 
ATOM   62   C C   . ILE A 1 8   ? 2.631   -12.817 -4.189  1.00 18.12 ? 22  ILE A C   1 
ATOM   63   O O   . ILE A 1 8   ? 1.631   -12.866 -3.470  1.00 19.12 ? 22  ILE A O   1 
ATOM   64   C CB  . ILE A 1 8   ? 3.365   -14.812 -5.516  1.00 22.68 ? 22  ILE A CB  1 
ATOM   65   C CG1 . ILE A 1 8   ? 3.172   -15.575 -6.827  1.00 26.44 ? 22  ILE A CG1 1 
ATOM   66   C CG2 . ILE A 1 8   ? 2.870   -15.612 -4.317  1.00 23.09 ? 22  ILE A CG2 1 
ATOM   67   C CD1 . ILE A 1 8   ? 1.738   -15.951 -7.121  1.00 31.54 ? 22  ILE A CD1 1 
ATOM   68   N N   . LYS A 1 9   ? 3.754   -12.212 -3.813  1.00 16.93 ? 23  LYS A N   1 
ATOM   69   C CA  . LYS A 1 9   ? 3.855   -11.570 -2.511  1.00 16.19 ? 23  LYS A CA  1 
ATOM   70   C C   . LYS A 1 9   ? 2.881   -10.402 -2.389  1.00 17.11 ? 23  LYS A C   1 
ATOM   71   O O   . LYS A 1 9   ? 2.261   -10.221 -1.345  1.00 16.48 ? 23  LYS A O   1 
ATOM   72   C CB  . LYS A 1 9   ? 5.281   -11.070 -2.265  1.00 17.32 ? 23  LYS A CB  1 
ATOM   73   C CG  . LYS A 1 9   ? 6.295   -12.173 -2.044  1.00 21.28 ? 23  LYS A CG  1 
ATOM   74   C CD  . LYS A 1 9   ? 7.650   -11.602 -1.669  1.00 25.12 ? 23  LYS A CD  1 
ATOM   75   C CE  . LYS A 1 9   ? 8.713   -12.681 -1.619  1.00 33.86 ? 23  LYS A CE  1 
ATOM   76   N NZ  . LYS A 1 9   ? 8.390   -13.738 -0.622  1.00 39.12 ? 23  LYS A NZ  1 
ATOM   77   N N   . VAL A 1 10  ? 2.747   -9.607  -3.451  1.00 16.77 ? 24  VAL A N   1 
ATOM   78   C CA  . VAL A 1 10  ? 1.832   -8.467  -3.394  1.00 16.09 ? 24  VAL A CA  1 
ATOM   79   C C   . VAL A 1 10  ? 0.396   -8.951  -3.290  1.00 15.62 ? 24  VAL A C   1 
ATOM   80   O O   . VAL A 1 10  ? -0.399  -8.390  -2.540  1.00 15.75 ? 24  VAL A O   1 
ATOM   81   C CB  . VAL A 1 10  ? 1.968   -7.564  -4.639  1.00 16.45 ? 24  VAL A CB  1 
ATOM   82   C CG1 . VAL A 1 10  ? 0.872   -6.494  -4.642  1.00 13.97 ? 24  VAL A CG1 1 
ATOM   83   C CG2 . VAL A 1 10  ? 3.336   -6.913  -4.646  1.00 16.54 ? 24  VAL A CG2 1 
ATOM   84   N N   . ARG A 1 11  ? 0.063   -9.997  -4.037  1.00 15.56 ? 25  ARG A N   1 
ATOM   85   C CA  . ARG A 1 11  ? -1.298  -10.522 -4.001  1.00 17.77 ? 25  ARG A CA  1 
ATOM   86   C C   . ARG A 1 11  ? -1.612  -11.102 -2.625  1.00 18.90 ? 25  ARG A C   1 
ATOM   87   O O   . ARG A 1 11  ? -2.731  -10.954 -2.128  1.00 18.03 ? 25  ARG A O   1 
ATOM   88   C CB  . ARG A 1 11  ? -1.499  -11.565 -5.108  1.00 17.00 ? 25  ARG A CB  1 
ATOM   89   C CG  . ARG A 1 11  ? -1.482  -10.935 -6.501  1.00 18.48 ? 25  ARG A CG  1 
ATOM   90   C CD  . ARG A 1 11  ? -1.559  -11.970 -7.616  1.00 20.13 ? 25  ARG A CD  1 
ATOM   91   N NE  . ARG A 1 11  ? -2.851  -12.651 -7.664  1.00 24.54 ? 25  ARG A NE  1 
ATOM   92   C CZ  . ARG A 1 11  ? -3.972  -12.121 -8.147  1.00 25.91 ? 25  ARG A CZ  1 
ATOM   93   N NH1 . ARG A 1 11  ? -3.982  -10.885 -8.637  1.00 27.94 ? 25  ARG A NH1 1 
ATOM   94   N NH2 . ARG A 1 11  ? -5.090  -12.836 -8.149  1.00 27.94 ? 25  ARG A NH2 1 
ATOM   95   N N   . GLU A 1 12  ? -0.632  -11.744 -1.997  1.00 18.01 ? 26  GLU A N   1 
ATOM   96   C CA  . GLU A 1 12  ? -0.862  -12.291 -0.665  1.00 19.00 ? 26  GLU A CA  1 
ATOM   97   C C   . GLU A 1 12  ? -1.032  -11.157 0.342   1.00 16.06 ? 26  GLU A C   1 
ATOM   98   O O   . GLU A 1 12  ? -1.905  -11.203 1.208   1.00 19.18 ? 26  GLU A O   1 
ATOM   99   C CB  . GLU A 1 12  ? 0.295   -13.199 -0.237  1.00 22.87 ? 26  GLU A CB  1 
ATOM   100  C CG  . GLU A 1 12  ? 0.495   -14.392 -1.151  1.00 35.60 ? 26  GLU A CG  1 
ATOM   101  C CD  . GLU A 1 12  ? 1.486   -15.397 -0.605  1.00 42.11 ? 26  GLU A CD  1 
ATOM   102  O OE1 . GLU A 1 12  ? 2.497   -14.967 -0.012  1.00 43.82 ? 26  GLU A OE1 1 
ATOM   103  O OE2 . GLU A 1 12  ? 1.256   -16.612 -0.784  1.00 45.57 ? 26  GLU A OE2 1 
ATOM   104  N N   . ALA A 1 13  ? -0.198  -10.126 0.221   1.00 16.95 ? 27  ALA A N   1 
ATOM   105  C CA  . ALA A 1 13  ? -0.258  -8.988  1.130   1.00 16.82 ? 27  ALA A CA  1 
ATOM   106  C C   . ALA A 1 13  ? -1.543  -8.179  0.991   1.00 16.41 ? 27  ALA A C   1 
ATOM   107  O O   . ALA A 1 13  ? -1.905  -7.426  1.893   1.00 17.44 ? 27  ALA A O   1 
ATOM   108  C CB  . ALA A 1 13  ? 0.964   -8.074  0.912   1.00 16.22 ? 27  ALA A CB  1 
ATOM   109  N N   . THR A 1 14  ? -2.233  -8.346  -0.133  1.00 17.74 ? 28  THR A N   1 
ATOM   110  C CA  . THR A 1 14  ? -3.468  -7.606  -0.389  1.00 16.65 ? 28  THR A CA  1 
ATOM   111  C C   . THR A 1 14  ? -4.675  -8.517  -0.586  1.00 19.08 ? 28  THR A C   1 
ATOM   112  O O   . THR A 1 14  ? -5.671  -8.113  -1.183  1.00 19.30 ? 28  THR A O   1 
ATOM   113  C CB  . THR A 1 14  ? -3.316  -6.708  -1.640  1.00 16.03 ? 28  THR A CB  1 
ATOM   114  O OG1 . THR A 1 14  ? -3.037  -7.516  -2.790  1.00 16.65 ? 28  THR A OG1 1 
ATOM   115  C CG2 . THR A 1 14  ? -2.169  -5.717  -1.440  1.00 15.19 ? 28  THR A CG2 1 
ATOM   116  N N   . SER A 1 15  ? -4.591  -9.733  -0.064  1.00 17.76 ? 29  SER A N   1 
ATOM   117  C CA  . SER A 1 15  ? -5.672  -10.702 -0.214  1.00 20.72 ? 29  SER A CA  1 
ATOM   118  C C   . SER A 1 15  ? -6.983  -10.281 0.440   1.00 20.25 ? 29  SER A C   1 
ATOM   119  O O   . SER A 1 15  ? -7.001  -9.563  1.443   1.00 19.40 ? 29  SER A O   1 
ATOM   120  C CB  . SER A 1 15  ? -5.247  -12.060 0.355   1.00 20.06 ? 29  SER A CB  1 
ATOM   121  O OG  . SER A 1 15  ? -5.211  -12.025 1.768   1.00 19.02 ? 29  SER A OG  1 
ATOM   122  N N   . ASN A 1 16  ? -8.086  -10.747 -0.140  1.00 20.00 ? 30  ASN A N   1 
ATOM   123  C CA  . ASN A 1 16  ? -9.406  -10.448 0.388   1.00 22.01 ? 30  ASN A CA  1 
ATOM   124  C C   . ASN A 1 16  ? -9.663  -11.370 1.578   1.00 23.19 ? 30  ASN A C   1 
ATOM   125  O O   . ASN A 1 16  ? -10.459 -12.310 1.501   1.00 27.66 ? 30  ASN A O   1 
ATOM   126  C CB  . ASN A 1 16  ? -10.468 -10.670 -0.691  1.00 22.19 ? 30  ASN A CB  1 
ATOM   127  C CG  . ASN A 1 16  ? -11.809 -10.083 -0.310  1.00 28.68 ? 30  ASN A CG  1 
ATOM   128  O OD1 . ASN A 1 16  ? -11.943 -9.439  0.729   1.00 27.77 ? 30  ASN A OD1 1 
ATOM   129  N ND2 . ASN A 1 16  ? -12.812 -10.296 -1.154  1.00 33.12 ? 30  ASN A ND2 1 
ATOM   130  N N   . ASP A 1 17  ? -8.958  -11.104 2.669   1.00 23.32 ? 31  ASP A N   1 
ATOM   131  C CA  . ASP A 1 17  ? -9.079  -11.879 3.896   1.00 22.09 ? 31  ASP A CA  1 
ATOM   132  C C   . ASP A 1 17  ? -9.102  -10.917 5.078   1.00 21.88 ? 31  ASP A C   1 
ATOM   133  O O   . ASP A 1 17  ? -8.500  -9.845  5.029   1.00 22.87 ? 31  ASP A O   1 
ATOM   134  C CB  . ASP A 1 17  ? -7.903  -12.849 4.028   1.00 22.05 ? 31  ASP A CB  1 
ATOM   135  C CG  . ASP A 1 17  ? -7.931  -13.945 2.981   1.00 26.34 ? 31  ASP A CG  1 
ATOM   136  O OD1 . ASP A 1 17  ? -8.774  -14.860 3.094   1.00 27.05 ? 31  ASP A OD1 1 
ATOM   137  O OD2 . ASP A 1 17  ? -7.117  -13.893 2.038   1.00 24.32 ? 31  ASP A OD2 1 
ATOM   138  N N   . PRO A 1 18  ? -9.794  -11.294 6.164   1.00 22.21 ? 32  PRO A N   1 
ATOM   139  C CA  . PRO A 1 18  ? -9.915  -10.479 7.374   1.00 23.94 ? 32  PRO A CA  1 
ATOM   140  C C   . PRO A 1 18  ? -8.669  -10.386 8.247   1.00 23.84 ? 32  PRO A C   1 
ATOM   141  O O   . PRO A 1 18  ? -8.702  -10.716 9.431   1.00 28.45 ? 32  PRO A O   1 
ATOM   142  C CB  . PRO A 1 18  ? -11.082 -11.132 8.104   1.00 23.58 ? 32  PRO A CB  1 
ATOM   143  C CG  . PRO A 1 18  ? -10.888 -12.569 7.782   1.00 24.40 ? 32  PRO A CG  1 
ATOM   144  C CD  . PRO A 1 18  ? -10.574 -12.539 6.297   1.00 25.75 ? 32  PRO A CD  1 
ATOM   145  N N   . TRP A 1 19  ? -7.568  -9.959  7.645   1.00 24.25 ? 33  TRP A N   1 
ATOM   146  C CA  . TRP A 1 19  ? -6.313  -9.753  8.357   1.00 22.90 ? 33  TRP A CA  1 
ATOM   147  C C   . TRP A 1 19  ? -5.490  -8.790  7.514   1.00 25.00 ? 33  TRP A C   1 
ATOM   148  O O   . TRP A 1 19  ? -5.557  -8.823  6.282   1.00 23.12 ? 33  TRP A O   1 
ATOM   149  C CB  . TRP A 1 19  ? -5.564  -11.077 8.607   1.00 24.10 ? 33  TRP A CB  1 
ATOM   150  C CG  . TRP A 1 19  ? -5.262  -11.934 7.402   1.00 23.57 ? 33  TRP A CG  1 
ATOM   151  C CD1 . TRP A 1 19  ? -4.285  -11.727 6.467   1.00 23.54 ? 33  TRP A CD1 1 
ATOM   152  C CD2 . TRP A 1 19  ? -5.900  -13.170 7.049   1.00 23.61 ? 33  TRP A CD2 1 
ATOM   153  N NE1 . TRP A 1 19  ? -4.271  -12.763 5.560   1.00 24.33 ? 33  TRP A NE1 1 
ATOM   154  C CE2 . TRP A 1 19  ? -5.253  -13.663 5.894   1.00 24.87 ? 33  TRP A CE2 1 
ATOM   155  C CE3 . TRP A 1 19  ? -6.961  -13.912 7.599   1.00 23.64 ? 33  TRP A CE3 1 
ATOM   156  C CZ2 . TRP A 1 19  ? -5.628  -14.868 5.276   1.00 23.56 ? 33  TRP A CZ2 1 
ATOM   157  C CZ3 . TRP A 1 19  ? -7.333  -15.106 6.987   1.00 22.10 ? 33  TRP A CZ3 1 
ATOM   158  C CH2 . TRP A 1 19  ? -6.666  -15.573 5.836   1.00 23.20 ? 33  TRP A CH2 1 
ATOM   159  N N   . GLY A 1 20  ? -4.757  -7.906  8.180   1.00 25.67 ? 34  GLY A N   1 
ATOM   160  C CA  . GLY A 1 20  ? -3.949  -6.931  7.469   1.00 25.12 ? 34  GLY A CA  1 
ATOM   161  C C   . GLY A 1 20  ? -2.626  -7.520  7.037   1.00 22.65 ? 34  GLY A C   1 
ATOM   162  O O   . GLY A 1 20  ? -2.241  -8.590  7.516   1.00 22.63 ? 34  GLY A O   1 
ATOM   163  N N   . PRO A 1 21  ? -1.906  -6.853  6.121   1.00 20.38 ? 35  PRO A N   1 
ATOM   164  C CA  . PRO A 1 21  ? -0.613  -7.371  5.663   1.00 20.04 ? 35  PRO A CA  1 
ATOM   165  C C   . PRO A 1 21  ? 0.412   -7.377  6.797   1.00 18.96 ? 35  PRO A C   1 
ATOM   166  O O   . PRO A 1 21  ? 0.501   -6.418  7.559   1.00 21.12 ? 35  PRO A O   1 
ATOM   167  C CB  . PRO A 1 21  ? -0.241  -6.417  4.525   1.00 19.59 ? 35  PRO A CB  1 
ATOM   168  C CG  . PRO A 1 21  ? -0.915  -5.139  4.906   1.00 18.52 ? 35  PRO A CG  1 
ATOM   169  C CD  . PRO A 1 21  ? -2.250  -5.591  5.437   1.00 19.58 ? 35  PRO A CD  1 
ATOM   170  N N   . SER A 1 22  ? 1.176   -8.458  6.911   1.00 18.89 ? 36  SER A N   1 
ATOM   171  C CA  . SER A 1 22  ? 2.178   -8.539  7.967   1.00 18.41 ? 36  SER A CA  1 
ATOM   172  C C   . SER A 1 22  ? 3.370   -7.652  7.632   1.00 20.09 ? 36  SER A C   1 
ATOM   173  O O   . SER A 1 22  ? 3.721   -7.485  6.463   1.00 20.17 ? 36  SER A O   1 
ATOM   174  C CB  . SER A 1 22  ? 2.655   -9.981  8.149   1.00 22.34 ? 36  SER A CB  1 
ATOM   175  O OG  . SER A 1 22  ? 3.512   -10.379 7.095   1.00 23.90 ? 36  SER A OG  1 
ATOM   176  N N   . SER A 1 23  ? 3.987   -7.083  8.663   1.00 20.89 ? 37  SER A N   1 
ATOM   177  C CA  . SER A 1 23  ? 5.154   -6.231  8.457   1.00 22.69 ? 37  SER A CA  1 
ATOM   178  C C   . SER A 1 23  ? 6.287   -7.021  7.809   1.00 18.58 ? 37  SER A C   1 
ATOM   179  O O   . SER A 1 23  ? 7.046   -6.482  7.003   1.00 17.90 ? 37  SER A O   1 
ATOM   180  C CB  . SER A 1 23  ? 5.631   -5.638  9.789   1.00 25.66 ? 37  SER A CB  1 
ATOM   181  O OG  . SER A 1 23  ? 4.739   -4.638  10.246  1.00 34.98 ? 37  SER A OG  1 
ATOM   182  N N   . SER A 1 24  ? 6.402   -8.300  8.153   1.00 21.33 ? 38  SER A N   1 
ATOM   183  C CA  . SER A 1 24  ? 7.446   -9.144  7.583   1.00 21.74 ? 38  SER A CA  1 
ATOM   184  C C   . SER A 1 24  ? 7.303   -9.270  6.065   1.00 20.41 ? 38  SER A C   1 
ATOM   185  O O   . SER A 1 24  ? 8.292   -9.185  5.328   1.00 20.45 ? 38  SER A O   1 
ATOM   186  C CB  . SER A 1 24  ? 7.411   -10.536 8.224   1.00 24.84 ? 38  SER A CB  1 
ATOM   187  O OG  . SER A 1 24  ? 8.410   -11.368 7.662   1.00 39.55 ? 38  SER A OG  1 
ATOM   188  N N   . LEU A 1 25  ? 6.074   -9.466  5.588   1.00 18.23 ? 39  LEU A N   1 
ATOM   189  C CA  . LEU A 1 25  ? 5.851   -9.595  4.152   1.00 16.51 ? 39  LEU A CA  1 
ATOM   190  C C   . LEU A 1 25  ? 6.042   -8.245  3.441   1.00 15.86 ? 39  LEU A C   1 
ATOM   191  O O   . LEU A 1 25  ? 6.625   -8.181  2.354   1.00 17.16 ? 39  LEU A O   1 
ATOM   192  C CB  . LEU A 1 25  ? 4.445   -10.135 3.876   1.00 17.97 ? 39  LEU A CB  1 
ATOM   193  C CG  . LEU A 1 25  ? 4.032   -10.293 2.404   1.00 18.92 ? 39  LEU A CG  1 
ATOM   194  C CD1 . LEU A 1 25  ? 5.052   -11.134 1.645   1.00 21.25 ? 39  LEU A CD1 1 
ATOM   195  C CD2 . LEU A 1 25  ? 2.659   -10.933 2.331   1.00 19.59 ? 39  LEU A CD2 1 
ATOM   196  N N   . MET A 1 26  ? 5.552   -7.169  4.049   1.00 16.28 ? 40  MET A N   1 
ATOM   197  C CA  . MET A 1 26  ? 5.711   -5.854  3.435   1.00 14.77 ? 40  MET A CA  1 
ATOM   198  C C   . MET A 1 26  ? 7.191   -5.479  3.342   1.00 16.20 ? 40  MET A C   1 
ATOM   199  O O   . MET A 1 26  ? 7.613   -4.831  2.387   1.00 17.39 ? 40  MET A O   1 
ATOM   200  C CB  . MET A 1 26  ? 4.930   -4.795  4.212   1.00 14.38 ? 40  MET A CB  1 
ATOM   201  C CG  . MET A 1 26  ? 3.421   -5.038  4.168   1.00 16.04 ? 40  MET A CG  1 
ATOM   202  S SD  . MET A 1 26  ? 2.444   -3.608  4.654   1.00 18.06 ? 40  MET A SD  1 
ATOM   203  C CE  . MET A 1 26  ? 2.645   -3.667  6.440   1.00 19.03 ? 40  MET A CE  1 
ATOM   204  N N   . SER A 1 27  ? 7.978   -5.905  4.326   1.00 17.06 ? 41  SER A N   1 
ATOM   205  C CA  . SER A 1 27  ? 9.411   -5.619  4.319   1.00 17.90 ? 41  SER A CA  1 
ATOM   206  C C   . SER A 1 27  ? 10.077  -6.311  3.119   1.00 18.49 ? 41  SER A C   1 
ATOM   207  O O   . SER A 1 27  ? 10.948  -5.732  2.470   1.00 17.07 ? 41  SER A O   1 
ATOM   208  C CB  . SER A 1 27  ? 10.050  -6.091  5.629   1.00 18.24 ? 41  SER A CB  1 
ATOM   209  O OG  . SER A 1 27  ? 11.438  -5.812  5.648   1.00 23.70 ? 41  SER A OG  1 
ATOM   210  N N   . GLU A 1 28  ? 9.668   -7.546  2.822   1.00 18.54 ? 42  GLU A N   1 
ATOM   211  C CA  . GLU A 1 28  ? 10.234  -8.274  1.679   1.00 19.63 ? 42  GLU A CA  1 
ATOM   212  C C   . GLU A 1 28  ? 9.884   -7.570  0.371   1.00 17.72 ? 42  GLU A C   1 
ATOM   213  O O   . GLU A 1 28  ? 10.712  -7.456  -0.530  1.00 17.88 ? 42  GLU A O   1 
ATOM   214  C CB  . GLU A 1 28  ? 9.694   -9.699  1.615   1.00 19.80 ? 42  GLU A CB  1 
ATOM   215  C CG  . GLU A 1 28  ? 10.146  -10.603 2.737   1.00 24.87 ? 42  GLU A CG  1 
ATOM   216  C CD  . GLU A 1 28  ? 9.711   -12.036 2.512   1.00 33.94 ? 42  GLU A CD  1 
ATOM   217  O OE1 . GLU A 1 28  ? 8.509   -12.263 2.259   1.00 31.21 ? 42  GLU A OE1 1 
ATOM   218  O OE2 . GLU A 1 28  ? 10.570  -12.936 2.588   1.00 43.79 ? 42  GLU A OE2 1 
ATOM   219  N N   . ILE A 1 29  ? 8.645   -7.112  0.264   1.00 16.17 ? 43  ILE A N   1 
ATOM   220  C CA  . ILE A 1 29  ? 8.215   -6.411  -0.938  1.00 16.79 ? 43  ILE A CA  1 
ATOM   221  C C   . ILE A 1 29  ? 8.999   -5.102  -1.068  1.00 15.04 ? 43  ILE A C   1 
ATOM   222  O O   . ILE A 1 29  ? 9.397   -4.707  -2.166  1.00 15.66 ? 43  ILE A O   1 
ATOM   223  C CB  . ILE A 1 29  ? 6.693   -6.140  -0.876  1.00 16.07 ? 43  ILE A CB  1 
ATOM   224  C CG1 . ILE A 1 29  ? 5.950   -7.481  -0.831  1.00 14.50 ? 43  ILE A CG1 1 
ATOM   225  C CG2 . ILE A 1 29  ? 6.248   -5.293  -2.063  1.00 15.95 ? 43  ILE A CG2 1 
ATOM   226  C CD1 . ILE A 1 29  ? 4.468   -7.354  -0.504  1.00 15.84 ? 43  ILE A CD1 1 
ATOM   227  N N   . ALA A 1 30  ? 9.221   -4.424  0.055   1.00 14.03 ? 44  ALA A N   1 
ATOM   228  C CA  . ALA A 1 30  ? 9.976   -3.178  0.030   1.00 14.48 ? 44  ALA A CA  1 
ATOM   229  C C   . ALA A 1 30  ? 11.367  -3.412  -0.563  1.00 15.62 ? 44  ALA A C   1 
ATOM   230  O O   . ALA A 1 30  ? 11.849  -2.625  -1.380  1.00 16.51 ? 44  ALA A O   1 
ATOM   231  C CB  . ALA A 1 30  ? 10.100  -2.611  1.436   1.00 15.15 ? 44  ALA A CB  1 
ATOM   232  N N   . ASP A 1 31  ? 12.020  -4.494  -0.154  1.00 15.45 ? 45  ASP A N   1 
ATOM   233  C CA  . ASP A 1 31  ? 13.348  -4.776  -0.686  1.00 17.71 ? 45  ASP A CA  1 
ATOM   234  C C   . ASP A 1 31  ? 13.278  -5.015  -2.188  1.00 17.78 ? 45  ASP A C   1 
ATOM   235  O O   . ASP A 1 31  ? 14.158  -4.589  -2.936  1.00 18.49 ? 45  ASP A O   1 
ATOM   236  C CB  . ASP A 1 31  ? 13.977  -5.987  0.010   1.00 20.44 ? 45  ASP A CB  1 
ATOM   237  C CG  . ASP A 1 31  ? 14.374  -5.696  1.450   1.00 24.44 ? 45  ASP A CG  1 
ATOM   238  O OD1 . ASP A 1 31  ? 14.721  -4.534  1.750   1.00 28.46 ? 45  ASP A OD1 1 
ATOM   239  O OD2 . ASP A 1 31  ? 14.350  -6.635  2.277   1.00 27.14 ? 45  ASP A OD2 1 
ATOM   240  N N   . LEU A 1 32  ? 12.219  -5.682  -2.637  1.00 14.84 ? 46  LEU A N   1 
ATOM   241  C CA  . LEU A 1 32  ? 12.066  -5.963  -4.051  1.00 16.12 ? 46  LEU A CA  1 
ATOM   242  C C   . LEU A 1 32  ? 11.798  -4.726  -4.904  1.00 15.29 ? 46  LEU A C   1 
ATOM   243  O O   . LEU A 1 32  ? 11.969  -4.773  -6.119  1.00 16.64 ? 46  LEU A O   1 
ATOM   244  C CB  . LEU A 1 32  ? 10.956  -6.994  -4.262  1.00 16.06 ? 46  LEU A CB  1 
ATOM   245  C CG  . LEU A 1 32  ? 11.338  -8.401  -3.790  1.00 15.85 ? 46  LEU A CG  1 
ATOM   246  C CD1 . LEU A 1 32  ? 10.111  -9.286  -3.731  1.00 19.00 ? 46  LEU A CD1 1 
ATOM   247  C CD2 . LEU A 1 32  ? 12.370  -8.993  -4.731  1.00 19.60 ? 46  LEU A CD2 1 
ATOM   248  N N   . THR A 1 33  ? 11.386  -3.618  -4.287  1.00 14.45 ? 47  THR A N   1 
ATOM   249  C CA  . THR A 1 33  ? 11.117  -2.416  -5.073  1.00 15.19 ? 47  THR A CA  1 
ATOM   250  C C   . THR A 1 33  ? 12.410  -1.827  -5.636  1.00 15.55 ? 47  THR A C   1 
ATOM   251  O O   . THR A 1 33  ? 12.371  -0.944  -6.488  1.00 17.25 ? 47  THR A O   1 
ATOM   252  C CB  . THR A 1 33  ? 10.351  -1.306  -4.273  1.00 14.30 ? 47  THR A CB  1 
ATOM   253  O OG1 . THR A 1 33  ? 11.125  -0.878  -3.145  1.00 17.26 ? 47  THR A OG1 1 
ATOM   254  C CG2 . THR A 1 33  ? 8.987   -1.816  -3.800  1.00 14.50 ? 47  THR A CG2 1 
ATOM   255  N N   . TYR A 1 34  ? 13.552  -2.326  -5.163  1.00 16.31 ? 48  TYR A N   1 
ATOM   256  C CA  . TYR A 1 34  ? 14.841  -1.844  -5.658  1.00 16.59 ? 48  TYR A CA  1 
ATOM   257  C C   . TYR A 1 34  ? 15.309  -2.632  -6.882  1.00 20.10 ? 48  TYR A C   1 
ATOM   258  O O   . TYR A 1 34  ? 16.329  -2.299  -7.492  1.00 20.14 ? 48  TYR A O   1 
ATOM   259  C CB  . TYR A 1 34  ? 15.899  -1.928  -4.557  1.00 15.37 ? 48  TYR A CB  1 
ATOM   260  C CG  . TYR A 1 34  ? 15.748  -0.854  -3.514  1.00 17.00 ? 48  TYR A CG  1 
ATOM   261  C CD1 . TYR A 1 34  ? 15.013  -1.074  -2.349  1.00 15.67 ? 48  TYR A CD1 1 
ATOM   262  C CD2 . TYR A 1 34  ? 16.334  0.395   -3.702  1.00 19.60 ? 48  TYR A CD2 1 
ATOM   263  C CE1 . TYR A 1 34  ? 14.873  -0.066  -1.393  1.00 19.28 ? 48  TYR A CE1 1 
ATOM   264  C CE2 . TYR A 1 34  ? 16.196  1.406   -2.761  1.00 21.06 ? 48  TYR A CE2 1 
ATOM   265  C CZ  . TYR A 1 34  ? 15.468  1.170   -1.611  1.00 19.42 ? 48  TYR A CZ  1 
ATOM   266  O OH  . TYR A 1 34  ? 15.340  2.183   -0.689  1.00 26.15 ? 48  TYR A OH  1 
ATOM   267  N N   . ASN A 1 35  ? 14.560  -3.678  -7.216  1.00 15.68 ? 49  ASN A N   1 
ATOM   268  C CA  . ASN A 1 35  ? 14.831  -4.550  -8.359  1.00 16.49 ? 49  ASN A CA  1 
ATOM   269  C C   . ASN A 1 35  ? 14.055  -3.905  -9.509  1.00 18.95 ? 49  ASN A C   1 
ATOM   270  O O   . ASN A 1 35  ? 12.834  -3.756  -9.416  1.00 19.90 ? 49  ASN A O   1 
ATOM   271  C CB  . ASN A 1 35  ? 14.295  -5.954  -8.041  1.00 19.17 ? 49  ASN A CB  1 
ATOM   272  C CG  . ASN A 1 35  ? 14.525  -6.954  -9.157  1.00 23.79 ? 49  ASN A CG  1 
ATOM   273  O OD1 . ASN A 1 35  ? 13.989  -6.817  -10.258 1.00 23.88 ? 49  ASN A OD1 1 
ATOM   274  N ND2 . ASN A 1 35  ? 15.316  -7.983  -8.869  1.00 25.25 ? 49  ASN A ND2 1 
ATOM   275  N N   . VAL A 1 36  ? 14.751  -3.524  -10.581 1.00 17.15 ? 50  VAL A N   1 
ATOM   276  C CA  . VAL A 1 36  ? 14.100  -2.844  -11.702 1.00 17.44 ? 50  VAL A CA  1 
ATOM   277  C C   . VAL A 1 36  ? 12.931  -3.595  -12.338 1.00 18.69 ? 50  VAL A C   1 
ATOM   278  O O   . VAL A 1 36  ? 11.945  -2.976  -12.750 1.00 20.18 ? 50  VAL A O   1 
ATOM   279  C CB  . VAL A 1 36  ? 15.136  -2.445  -12.802 1.00 18.00 ? 50  VAL A CB  1 
ATOM   280  C CG1 . VAL A 1 36  ? 15.704  -3.670  -13.474 1.00 18.77 ? 50  VAL A CG1 1 
ATOM   281  C CG2 . VAL A 1 36  ? 14.479  -1.538  -13.829 1.00 18.95 ? 50  VAL A CG2 1 
ATOM   282  N N   . VAL A 1 37  ? 13.025  -4.917  -12.426 1.00 17.37 ? 51  VAL A N   1 
ATOM   283  C CA  . VAL A 1 37  ? 11.928  -5.683  -13.006 1.00 18.66 ? 51  VAL A CA  1 
ATOM   284  C C   . VAL A 1 37  ? 10.795  -5.834  -11.989 1.00 18.79 ? 51  VAL A C   1 
ATOM   285  O O   . VAL A 1 37  ? 9.630   -5.613  -12.309 1.00 19.41 ? 51  VAL A O   1 
ATOM   286  C CB  . VAL A 1 37  ? 12.385  -7.082  -13.466 1.00 21.44 ? 51  VAL A CB  1 
ATOM   287  C CG1 . VAL A 1 37  ? 11.188  -7.886  -13.971 1.00 21.91 ? 51  VAL A CG1 1 
ATOM   288  C CG2 . VAL A 1 37  ? 13.432  -6.951  -14.568 1.00 25.13 ? 51  VAL A CG2 1 
ATOM   289  N N   . ALA A 1 38  ? 11.135  -6.198  -10.757 1.00 18.56 ? 52  ALA A N   1 
ATOM   290  C CA  . ALA A 1 38  ? 10.112  -6.369  -9.731  1.00 17.36 ? 52  ALA A CA  1 
ATOM   291  C C   . ALA A 1 38  ? 9.356   -5.075  -9.411  1.00 18.43 ? 52  ALA A C   1 
ATOM   292  O O   . ALA A 1 38  ? 8.151   -5.106  -9.159  1.00 18.36 ? 52  ALA A O   1 
ATOM   293  C CB  . ALA A 1 38  ? 10.732  -6.933  -8.451  1.00 16.15 ? 52  ALA A CB  1 
ATOM   294  N N   . PHE A 1 39  ? 10.054  -3.941  -9.415  1.00 17.29 ? 53  PHE A N   1 
ATOM   295  C CA  . PHE A 1 39  ? 9.404   -2.669  -9.100  1.00 15.51 ? 53  PHE A CA  1 
ATOM   296  C C   . PHE A 1 39  ? 8.156   -2.443  -9.945  1.00 16.81 ? 53  PHE A C   1 
ATOM   297  O O   . PHE A 1 39  ? 7.088   -2.154  -9.411  1.00 15.77 ? 53  PHE A O   1 
ATOM   298  C CB  . PHE A 1 39  ? 10.365  -1.493  -9.315  1.00 16.43 ? 53  PHE A CB  1 
ATOM   299  C CG  . PHE A 1 39  ? 9.708   -0.143  -9.179  1.00 14.85 ? 53  PHE A CG  1 
ATOM   300  C CD1 . PHE A 1 39  ? 9.487   0.430   -7.925  1.00 17.50 ? 53  PHE A CD1 1 
ATOM   301  C CD2 . PHE A 1 39  ? 9.256   0.533   -10.310 1.00 17.50 ? 53  PHE A CD2 1 
ATOM   302  C CE1 . PHE A 1 39  ? 8.818   1.656   -7.803  1.00 17.50 ? 53  PHE A CE1 1 
ATOM   303  C CE2 . PHE A 1 39  ? 8.585   1.758   -10.200 1.00 14.92 ? 53  PHE A CE2 1 
ATOM   304  C CZ  . PHE A 1 39  ? 8.367   2.319   -8.948  1.00 16.75 ? 53  PHE A CZ  1 
ATOM   305  N N   . SER A 1 40  ? 8.291   -2.577  -11.259 1.00 16.91 ? 54  SER A N   1 
ATOM   306  C CA  . SER A 1 40  ? 7.150   -2.356  -12.141 1.00 17.69 ? 54  SER A CA  1 
ATOM   307  C C   . SER A 1 40  ? 6.039   -3.372  -11.913 1.00 16.23 ? 54  SER A C   1 
ATOM   308  O O   . SER A 1 40  ? 4.857   -3.023  -11.972 1.00 18.86 ? 54  SER A O   1 
ATOM   309  C CB  . SER A 1 40  ? 7.596   -2.372  -13.606 1.00 21.07 ? 54  SER A CB  1 
ATOM   310  O OG  A SER A 1 40  ? 8.460   -1.285  -13.883 0.50 19.75 ? 54  SER A OG  1 
ATOM   311  O OG  B SER A 1 40  ? 8.230   -3.591  -13.935 0.50 26.83 ? 54  SER A OG  1 
ATOM   312  N N   . GLU A 1 41  ? 6.407   -4.622  -11.655 1.00 15.51 ? 55  GLU A N   1 
ATOM   313  C CA  . GLU A 1 41  ? 5.403   -5.656  -11.411 1.00 16.53 ? 55  GLU A CA  1 
ATOM   314  C C   . GLU A 1 41  ? 4.648   -5.344  -10.121 1.00 16.17 ? 55  GLU A C   1 
ATOM   315  O O   . GLU A 1 41  ? 3.423   -5.452  -10.060 1.00 16.05 ? 55  GLU A O   1 
ATOM   316  C CB  . GLU A 1 41  ? 6.061   -7.032  -11.304 1.00 17.58 ? 55  GLU A CB  1 
ATOM   317  C CG  . GLU A 1 41  ? 6.805   -7.466  -12.558 1.00 18.16 ? 55  GLU A CG  1 
ATOM   318  C CD  . GLU A 1 41  ? 7.520   -8.790  -12.380 1.00 19.97 ? 55  GLU A CD  1 
ATOM   319  O OE1 . GLU A 1 41  ? 7.841   -9.145  -11.228 1.00 19.59 ? 55  GLU A OE1 1 
ATOM   320  O OE2 . GLU A 1 41  ? 7.776   -9.472  -13.395 1.00 23.63 ? 55  GLU A OE2 1 
ATOM   321  N N   . ILE A 1 42  ? 5.389   -4.955  -9.089  1.00 15.43 ? 56  ILE A N   1 
ATOM   322  C CA  . ILE A 1 42  ? 4.797   -4.619  -7.800  1.00 14.26 ? 56  ILE A CA  1 
ATOM   323  C C   . ILE A 1 42  ? 3.818   -3.449  -7.909  1.00 15.09 ? 56  ILE A C   1 
ATOM   324  O O   . ILE A 1 42  ? 2.662   -3.554  -7.492  1.00 15.80 ? 56  ILE A O   1 
ATOM   325  C CB  . ILE A 1 42  ? 5.915   -4.288  -6.762  1.00 14.83 ? 56  ILE A CB  1 
ATOM   326  C CG1 . ILE A 1 42  ? 6.653   -5.579  -6.390  1.00 14.78 ? 56  ILE A CG1 1 
ATOM   327  C CG2 . ILE A 1 42  ? 5.327   -3.588  -5.529  1.00 14.23 ? 56  ILE A CG2 1 
ATOM   328  C CD1 . ILE A 1 42  ? 7.990   -5.355  -5.664  1.00 14.91 ? 56  ILE A CD1 1 
ATOM   329  N N   . MET A 1 43  ? 4.272   -2.339  -8.481  1.00 15.25 ? 57  MET A N   1 
ATOM   330  C CA  . MET A 1 43  ? 3.406   -1.177  -8.627  1.00 15.66 ? 57  MET A CA  1 
ATOM   331  C C   . MET A 1 43  ? 2.149   -1.497  -9.443  1.00 15.17 ? 57  MET A C   1 
ATOM   332  O O   . MET A 1 43  ? 1.041   -1.141  -9.047  1.00 16.68 ? 57  MET A O   1 
ATOM   333  C CB  . MET A 1 43  ? 4.180   -0.030  -9.271  1.00 16.37 ? 57  MET A CB  1 
ATOM   334  C CG  . MET A 1 43  ? 5.331   0.505   -8.412  1.00 16.36 ? 57  MET A CG  1 
ATOM   335  S SD  . MET A 1 43  ? 4.807   1.027   -6.758  1.00 18.30 ? 57  MET A SD  1 
ATOM   336  C CE  . MET A 1 43  ? 3.675   2.384   -7.182  1.00 21.00 ? 57  MET A CE  1 
ATOM   337  N N   . SER A 1 44  ? 2.319   -2.178  -10.572 1.00 16.59 ? 58  SER A N   1 
ATOM   338  C CA  . SER A 1 44  ? 1.177   -2.522  -11.406 1.00 15.01 ? 58  SER A CA  1 
ATOM   339  C C   . SER A 1 44  ? 0.135   -3.327  -10.641 1.00 14.73 ? 58  SER A C   1 
ATOM   340  O O   . SER A 1 44  ? -1.066  -3.064  -10.760 1.00 15.51 ? 58  SER A O   1 
ATOM   341  C CB  . SER A 1 44  ? 1.632   -3.305  -12.638 1.00 18.08 ? 58  SER A CB  1 
ATOM   342  O OG  A SER A 1 44  ? 0.533   -3.647  -13.463 0.50 19.60 ? 58  SER A OG  1 
ATOM   343  O OG  B SER A 1 44  ? 2.339   -2.470  -13.539 0.50 21.48 ? 58  SER A OG  1 
ATOM   344  N N   . MET A 1 45  ? 0.590   -4.296  -9.847  1.00 15.87 ? 59  MET A N   1 
ATOM   345  C CA  . MET A 1 45  ? -0.332  -5.136  -9.084  1.00 14.50 ? 59  MET A CA  1 
ATOM   346  C C   . MET A 1 45  ? -1.036  -4.356  -7.979  1.00 14.43 ? 59  MET A C   1 
ATOM   347  O O   . MET A 1 45  ? -2.196  -4.636  -7.655  1.00 15.47 ? 59  MET A O   1 
ATOM   348  C CB  . MET A 1 45  ? 0.407   -6.340  -8.484  1.00 17.22 ? 59  MET A CB  1 
ATOM   349  C CG  . MET A 1 45  ? -0.517  -7.386  -7.872  1.00 18.97 ? 59  MET A CG  1 
ATOM   350  S SD  . MET A 1 45  ? -1.690  -8.107  -9.072  1.00 20.22 ? 59  MET A SD  1 
ATOM   351  C CE  . MET A 1 45  ? -0.581  -9.046  -10.090 1.00 23.16 ? 59  MET A CE  1 
ATOM   352  N N   . ILE A 1 46  ? -0.343  -3.383  -7.395  1.00 14.54 ? 60  ILE A N   1 
ATOM   353  C CA  . ILE A 1 46  ? -0.948  -2.576  -6.353  1.00 13.44 ? 60  ILE A CA  1 
ATOM   354  C C   . ILE A 1 46  ? -2.046  -1.707  -6.962  1.00 14.12 ? 60  ILE A C   1 
ATOM   355  O O   . ILE A 1 46  ? -3.145  -1.633  -6.414  1.00 14.55 ? 60  ILE A O   1 
ATOM   356  C CB  . ILE A 1 46  ? 0.099   -1.691  -5.632  1.00 15.38 ? 60  ILE A CB  1 
ATOM   357  C CG1 . ILE A 1 46  ? 1.049   -2.587  -4.835  1.00 15.92 ? 60  ILE A CG1 1 
ATOM   358  C CG2 . ILE A 1 46  ? -0.598  -0.717  -4.694  1.00 17.07 ? 60  ILE A CG2 1 
ATOM   359  C CD1 . ILE A 1 46  ? 2.134   -1.844  -4.052  1.00 15.82 ? 60  ILE A CD1 1 
ATOM   360  N N   . TRP A 1 47  ? -1.762  -1.065  -8.095  1.00 15.64 ? 61  TRP A N   1 
ATOM   361  C CA  . TRP A 1 47  ? -2.772  -0.234  -8.742  1.00 16.28 ? 61  TRP A CA  1 
ATOM   362  C C   . TRP A 1 47  ? -3.976  -1.091  -9.129  1.00 16.87 ? 61  TRP A C   1 
ATOM   363  O O   . TRP A 1 47  ? -5.123  -0.640  -9.057  1.00 15.58 ? 61  TRP A O   1 
ATOM   364  C CB  . TRP A 1 47  ? -2.190  0.457   -9.983  1.00 15.45 ? 61  TRP A CB  1 
ATOM   365  C CG  . TRP A 1 47  ? -1.129  1.492   -9.673  1.00 16.15 ? 61  TRP A CG  1 
ATOM   366  C CD1 . TRP A 1 47  ? 0.156   1.498   -10.126 1.00 16.63 ? 61  TRP A CD1 1 
ATOM   367  C CD2 . TRP A 1 47  ? -1.262  2.656   -8.833  1.00 16.25 ? 61  TRP A CD2 1 
ATOM   368  N NE1 . TRP A 1 47  ? 0.835   2.580   -9.627  1.00 18.55 ? 61  TRP A NE1 1 
ATOM   369  C CE2 . TRP A 1 47  ? -0.006  3.310   -8.828  1.00 16.50 ? 61  TRP A CE2 1 
ATOM   370  C CE3 . TRP A 1 47  ? -2.314  3.207   -8.087  1.00 15.22 ? 61  TRP A CE3 1 
ATOM   371  C CZ2 . TRP A 1 47  ? 0.229   4.487   -8.103  1.00 19.04 ? 61  TRP A CZ2 1 
ATOM   372  C CZ3 . TRP A 1 47  ? -2.081  4.382   -7.365  1.00 15.96 ? 61  TRP A CZ3 1 
ATOM   373  C CH2 . TRP A 1 47  ? -0.815  5.007   -7.380  1.00 17.66 ? 61  TRP A CH2 1 
ATOM   374  N N   . LYS A 1 48  ? -3.715  -2.334  -9.523  1.00 14.59 ? 62  LYS A N   1 
ATOM   375  C CA  . LYS A 1 48  ? -4.787  -3.246  -9.909  1.00 16.45 ? 62  LYS A CA  1 
ATOM   376  C C   . LYS A 1 48  ? -5.637  -3.603  -8.695  1.00 16.55 ? 62  LYS A C   1 
ATOM   377  O O   . LYS A 1 48  ? -6.868  -3.578  -8.754  1.00 16.33 ? 62  LYS A O   1 
ATOM   378  C CB  . LYS A 1 48  ? -4.208  -4.522  -10.525 1.00 20.94 ? 62  LYS A CB  1 
ATOM   379  C CG  . LYS A 1 48  ? -5.257  -5.572  -10.858 1.00 26.30 ? 62  LYS A CG  1 
ATOM   380  C CD  . LYS A 1 48  ? -4.610  -6.854  -11.367 1.00 38.75 ? 62  LYS A CD  1 
ATOM   381  C CE  . LYS A 1 48  ? -5.616  -7.998  -11.449 1.00 46.09 ? 62  LYS A CE  1 
ATOM   382  N NZ  . LYS A 1 48  ? -4.963  -9.288  -11.820 1.00 53.88 ? 62  LYS A NZ  1 
ATOM   383  N N   . ARG A 1 49  ? -4.981  -3.942  -7.589  1.00 15.19 ? 63  ARG A N   1 
ATOM   384  C CA  . ARG A 1 49  ? -5.710  -4.294  -6.382  1.00 15.00 ? 63  ARG A CA  1 
ATOM   385  C C   . ARG A 1 49  ? -6.515  -3.121  -5.817  1.00 16.80 ? 63  ARG A C   1 
ATOM   386  O O   . ARG A 1 49  ? -7.541  -3.328  -5.159  1.00 19.21 ? 63  ARG A O   1 
ATOM   387  C CB  . ARG A 1 49  ? -4.744  -4.869  -5.332  1.00 15.59 ? 63  ARG A CB  1 
ATOM   388  C CG  . ARG A 1 49  ? -4.471  -6.374  -5.517  1.00 17.97 ? 63  ARG A CG  1 
ATOM   389  C CD  . ARG A 1 49  ? -5.676  -7.168  -5.012  1.00 19.64 ? 63  ARG A CD  1 
ATOM   390  N NE  . ARG A 1 49  ? -5.808  -8.504  -5.595  1.00 27.45 ? 63  ARG A NE  1 
ATOM   391  C CZ  . ARG A 1 49  ? -5.377  -9.633  -5.035  1.00 22.28 ? 63  ARG A CZ  1 
ATOM   392  N NH1 . ARG A 1 49  ? -4.765  -9.622  -3.858  1.00 23.96 ? 63  ARG A NH1 1 
ATOM   393  N NH2 . ARG A 1 49  ? -5.583  -10.787 -5.653  1.00 25.66 ? 63  ARG A NH2 1 
ATOM   394  N N   . LEU A 1 50  ? -6.066  -1.892  -6.076  1.00 15.42 ? 64  LEU A N   1 
ATOM   395  C CA  . LEU A 1 50  ? -6.791  -0.711  -5.609  1.00 16.47 ? 64  LEU A CA  1 
ATOM   396  C C   . LEU A 1 50  ? -8.054  -0.496  -6.444  1.00 17.42 ? 64  LEU A C   1 
ATOM   397  O O   . LEU A 1 50  ? -8.975  0.206   -6.028  1.00 16.83 ? 64  LEU A O   1 
ATOM   398  C CB  . LEU A 1 50  ? -5.910  0.533   -5.717  1.00 15.79 ? 64  LEU A CB  1 
ATOM   399  C CG  . LEU A 1 50  ? -4.794  0.637   -4.686  1.00 15.02 ? 64  LEU A CG  1 
ATOM   400  C CD1 . LEU A 1 50  ? -3.812  1.722   -5.114  1.00 16.13 ? 64  LEU A CD1 1 
ATOM   401  C CD2 . LEU A 1 50  ? -5.392  0.955   -3.323  1.00 17.53 ? 64  LEU A CD2 1 
ATOM   402  N N   . ASN A 1 51  ? -8.089  -1.112  -7.619  1.00 15.84 ? 65  ASN A N   1 
ATOM   403  C CA  . ASN A 1 51  ? -9.224  -0.973  -8.521  1.00 16.21 ? 65  ASN A CA  1 
ATOM   404  C C   . ASN A 1 51  ? -10.309 -1.998  -8.172  1.00 16.40 ? 65  ASN A C   1 
ATOM   405  O O   . ASN A 1 51  ? -10.462 -3.021  -8.843  1.00 17.58 ? 65  ASN A O   1 
ATOM   406  C CB  . ASN A 1 51  ? -8.728  -1.146  -9.963  1.00 15.22 ? 65  ASN A CB  1 
ATOM   407  C CG  . ASN A 1 51  ? -9.784  -0.803  -10.991 1.00 16.38 ? 65  ASN A CG  1 
ATOM   408  O OD1 . ASN A 1 51  ? -10.890 -0.393  -10.648 1.00 18.98 ? 65  ASN A OD1 1 
ATOM   409  N ND2 . ASN A 1 51  ? -9.449  -0.981  -12.263 1.00 18.95 ? 65  ASN A ND2 1 
ATOM   410  N N   . ASP A 1 52  ? -11.052 -1.728  -7.106  1.00 14.05 ? 66  ASP A N   1 
ATOM   411  C CA  . ASP A 1 52  ? -12.123 -2.624  -6.676  1.00 14.29 ? 66  ASP A CA  1 
ATOM   412  C C   . ASP A 1 52  ? -13.220 -1.839  -5.980  1.00 14.23 ? 66  ASP A C   1 
ATOM   413  O O   . ASP A 1 52  ? -13.064 -0.642  -5.701  1.00 14.22 ? 66  ASP A O   1 
ATOM   414  C CB  . ASP A 1 52  ? -11.594 -3.736  -5.764  1.00 16.44 ? 66  ASP A CB  1 
ATOM   415  C CG  . ASP A 1 52  ? -12.168 -5.110  -6.123  1.00 16.44 ? 66  ASP A CG  1 
ATOM   416  O OD1 . ASP A 1 52  ? -13.397 -5.209  -6.350  1.00 17.78 ? 66  ASP A OD1 1 
ATOM   417  O OD2 . ASP A 1 52  ? -11.387 -6.093  -6.173  1.00 18.85 ? 66  ASP A OD2 1 
ATOM   418  N N   . HIS A 1 53  ? -14.321 -2.528  -5.684  1.00 15.38 ? 67  HIS A N   1 
ATOM   419  C CA  . HIS A 1 53  ? -15.504 -1.888  -5.113  1.00 14.62 ? 67  HIS A CA  1 
ATOM   420  C C   . HIS A 1 53  ? -16.246 -2.678  -4.049  1.00 16.30 ? 67  HIS A C   1 
ATOM   421  O O   . HIS A 1 53  ? -16.051 -3.883  -3.894  1.00 16.81 ? 67  HIS A O   1 
ATOM   422  C CB  . HIS A 1 53  ? -16.498 -1.616  -6.248  1.00 15.46 ? 67  HIS A CB  1 
ATOM   423  C CG  . HIS A 1 53  ? -15.890 -0.892  -7.402  1.00 14.16 ? 67  HIS A CG  1 
ATOM   424  N ND1 . HIS A 1 53  ? -15.747 0.477   -7.420  1.00 14.54 ? 67  HIS A ND1 1 
ATOM   425  C CD2 . HIS A 1 53  ? -15.283 -1.351  -8.523  1.00 15.48 ? 67  HIS A CD2 1 
ATOM   426  C CE1 . HIS A 1 53  ? -15.072 0.832   -8.499  1.00 15.31 ? 67  HIS A CE1 1 
ATOM   427  N NE2 . HIS A 1 53  ? -14.778 -0.257  -9.184  1.00 15.57 ? 67  HIS A NE2 1 
ATOM   428  N N   . GLY A 1 54  ? -17.131 -1.962  -3.360  1.00 15.73 ? 68  GLY A N   1 
ATOM   429  C CA  . GLY A 1 54  ? -17.990 -2.550  -2.350  1.00 15.58 ? 68  GLY A CA  1 
ATOM   430  C C   . GLY A 1 54  ? -17.422 -3.629  -1.456  1.00 16.22 ? 68  GLY A C   1 
ATOM   431  O O   . GLY A 1 54  ? -16.453 -3.396  -0.742  1.00 16.89 ? 68  GLY A O   1 
ATOM   432  N N   . LYS A 1 55  ? -18.037 -4.810  -1.495  1.00 17.88 ? 69  LYS A N   1 
ATOM   433  C CA  . LYS A 1 55  ? -17.628 -5.930  -0.654  1.00 20.28 ? 69  LYS A CA  1 
ATOM   434  C C   . LYS A 1 55  ? -16.172 -6.382  -0.778  1.00 20.86 ? 69  LYS A C   1 
ATOM   435  O O   . LYS A 1 55  ? -15.685 -7.127  0.075   1.00 23.01 ? 69  LYS A O   1 
ATOM   436  C CB  . LYS A 1 55  ? -18.559 -7.128  -0.889  1.00 22.59 ? 69  LYS A CB  1 
ATOM   437  C CG  . LYS A 1 55  ? -18.438 -7.784  -2.252  1.00 23.95 ? 69  LYS A CG  1 
ATOM   438  C CD  . LYS A 1 55  ? -19.397 -8.969  -2.364  1.00 30.47 ? 69  LYS A CD  1 
ATOM   439  C CE  . LYS A 1 55  ? -19.247 -9.699  -3.690  1.00 34.71 ? 69  LYS A CE  1 
ATOM   440  N NZ  . LYS A 1 55  ? -20.163 -10.872 -3.775  1.00 39.35 ? 69  LYS A NZ  1 
ATOM   441  N N   . ASN A 1 56  ? -15.481 -5.949  -1.828  1.00 17.45 ? 70  ASN A N   1 
ATOM   442  C CA  . ASN A 1 56  ? -14.080 -6.320  -2.007  1.00 18.86 ? 70  ASN A CA  1 
ATOM   443  C C   . ASN A 1 56  ? -13.169 -5.227  -1.445  1.00 15.85 ? 70  ASN A C   1 
ATOM   444  O O   . ASN A 1 56  ? -11.993 -5.150  -1.805  1.00 17.01 ? 70  ASN A O   1 
ATOM   445  C CB  . ASN A 1 56  ? -13.747 -6.537  -3.492  1.00 18.26 ? 70  ASN A CB  1 
ATOM   446  C CG  . ASN A 1 56  ? -14.456 -7.742  -4.081  1.00 25.45 ? 70  ASN A CG  1 
ATOM   447  O OD1 . ASN A 1 56  ? -14.719 -8.720  -3.386  1.00 24.93 ? 70  ASN A OD1 1 
ATOM   448  N ND2 . ASN A 1 56  ? -14.751 -7.682  -5.378  1.00 26.40 ? 70  ASN A ND2 1 
ATOM   449  N N   . TRP A 1 57  ? -13.707 -4.402  -0.551  1.00 16.24 ? 71  TRP A N   1 
ATOM   450  C CA  . TRP A 1 57  ? -12.945 -3.297  0.041   1.00 15.60 ? 71  TRP A CA  1 
ATOM   451  C C   . TRP A 1 57  ? -11.627 -3.690  0.704   1.00 16.70 ? 71  TRP A C   1 
ATOM   452  O O   . TRP A 1 57  ? -10.709 -2.875  0.776   1.00 17.18 ? 71  TRP A O   1 
ATOM   453  C CB  . TRP A 1 57  ? -13.790 -2.532  1.065   1.00 16.26 ? 71  TRP A CB  1 
ATOM   454  C CG  . TRP A 1 57  ? -14.094 -3.323  2.314   1.00 19.01 ? 71  TRP A CG  1 
ATOM   455  C CD1 . TRP A 1 57  ? -15.092 -4.244  2.487   1.00 21.71 ? 71  TRP A CD1 1 
ATOM   456  C CD2 . TRP A 1 57  ? -13.384 -3.264  3.558   1.00 20.66 ? 71  TRP A CD2 1 
ATOM   457  N NE1 . TRP A 1 57  ? -15.048 -4.755  3.762   1.00 22.46 ? 71  TRP A NE1 1 
ATOM   458  C CE2 . TRP A 1 57  ? -14.009 -4.173  4.441   1.00 23.33 ? 71  TRP A CE2 1 
ATOM   459  C CE3 . TRP A 1 57  ? -12.279 -2.531  4.012   1.00 22.35 ? 71  TRP A CE3 1 
ATOM   460  C CZ2 . TRP A 1 57  ? -13.568 -4.369  5.758   1.00 27.15 ? 71  TRP A CZ2 1 
ATOM   461  C CZ3 . TRP A 1 57  ? -11.837 -2.726  5.323   1.00 24.39 ? 71  TRP A CZ3 1 
ATOM   462  C CH2 . TRP A 1 57  ? -12.484 -3.639  6.179   1.00 26.78 ? 71  TRP A CH2 1 
ATOM   463  N N   . ARG A 1 58  ? -11.528 -4.917  1.202   1.00 16.18 ? 72  ARG A N   1 
ATOM   464  C CA  . ARG A 1 58  ? -10.287 -5.347  1.834   1.00 16.72 ? 72  ARG A CA  1 
ATOM   465  C C   . ARG A 1 58  ? -9.133  -5.315  0.836   1.00 15.53 ? 72  ARG A C   1 
ATOM   466  O O   . ARG A 1 58  ? -8.006  -4.976  1.203   1.00 16.45 ? 72  ARG A O   1 
ATOM   467  C CB  . ARG A 1 58  ? -10.447 -6.745  2.457   1.00 18.44 ? 72  ARG A CB  1 
ATOM   468  C CG  . ARG A 1 58  ? -11.341 -6.731  3.687   1.00 20.43 ? 72  ARG A CG  1 
ATOM   469  C CD  . ARG A 1 58  ? -11.454 -8.099  4.333   1.00 23.95 ? 72  ARG A CD  1 
ATOM   470  N NE  . ARG A 1 58  ? -12.362 -8.073  5.477   1.00 27.74 ? 72  ARG A NE  1 
ATOM   471  C CZ  . ARG A 1 58  ? -13.687 -8.020  5.383   1.00 33.49 ? 72  ARG A CZ  1 
ATOM   472  N NH1 . ARG A 1 58  ? -14.274 -7.988  4.191   1.00 31.28 ? 72  ARG A NH1 1 
ATOM   473  N NH2 . ARG A 1 58  ? -14.428 -7.991  6.483   1.00 33.09 ? 72  ARG A NH2 1 
ATOM   474  N N   . HIS A 1 59  ? -9.396  -5.663  -0.423  1.00 16.72 ? 73  HIS A N   1 
ATOM   475  C CA  . HIS A 1 59  ? -8.335  -5.616  -1.433  1.00 16.62 ? 73  HIS A CA  1 
ATOM   476  C C   . HIS A 1 59  ? -7.767  -4.194  -1.471  1.00 18.37 ? 73  HIS A C   1 
ATOM   477  O O   . HIS A 1 59  ? -6.549  -3.976  -1.455  1.00 16.35 ? 73  HIS A O   1 
ATOM   478  C CB  . HIS A 1 59  ? -8.884  -5.926  -2.835  1.00 17.83 ? 73  HIS A CB  1 
ATOM   479  C CG  . HIS A 1 59  ? -9.017  -7.383  -3.145  1.00 21.70 ? 73  HIS A CG  1 
ATOM   480  N ND1 . HIS A 1 59  ? -8.073  -8.317  -2.778  1.00 21.08 ? 73  HIS A ND1 1 
ATOM   481  C CD2 . HIS A 1 59  ? -9.944  -8.055  -3.871  1.00 30.09 ? 73  HIS A CD2 1 
ATOM   482  C CE1 . HIS A 1 59  ? -8.408  -9.498  -3.266  1.00 20.95 ? 73  HIS A CE1 1 
ATOM   483  N NE2 . HIS A 1 59  ? -9.539  -9.367  -3.934  1.00 28.06 ? 73  HIS A NE2 1 
ATOM   484  N N   . VAL A 1 60  ? -8.677  -3.229  -1.529  1.00 16.65 ? 74  VAL A N   1 
ATOM   485  C CA  . VAL A 1 60  ? -8.324  -1.819  -1.612  1.00 16.00 ? 74  VAL A CA  1 
ATOM   486  C C   . VAL A 1 60  ? -7.635  -1.295  -0.357  1.00 16.73 ? 74  VAL A C   1 
ATOM   487  O O   . VAL A 1 60  ? -6.599  -0.631  -0.435  1.00 16.23 ? 74  VAL A O   1 
ATOM   488  C CB  . VAL A 1 60  ? -9.585  -0.974  -1.901  1.00 17.36 ? 74  VAL A CB  1 
ATOM   489  C CG1 . VAL A 1 60  ? -9.216  0.477   -2.140  1.00 17.78 ? 74  VAL A CG1 1 
ATOM   490  C CG2 . VAL A 1 60  ? -10.310 -1.543  -3.119  1.00 16.28 ? 74  VAL A CG2 1 
ATOM   491  N N   . TYR A 1 61  ? -8.212  -1.603  0.797   1.00 16.25 ? 75  TYR A N   1 
ATOM   492  C CA  . TYR A 1 61  ? -7.665  -1.148  2.070   1.00 16.59 ? 75  TYR A CA  1 
ATOM   493  C C   . TYR A 1 61  ? -6.272  -1.717  2.303   1.00 16.61 ? 75  TYR A C   1 
ATOM   494  O O   . TYR A 1 61  ? -5.361  -0.990  2.717   1.00 17.61 ? 75  TYR A O   1 
ATOM   495  C CB  . TYR A 1 61  ? -8.587  -1.562  3.214   1.00 15.47 ? 75  TYR A CB  1 
ATOM   496  C CG  . TYR A 1 61  ? -8.198  -0.980  4.553   1.00 20.61 ? 75  TYR A CG  1 
ATOM   497  C CD1 . TYR A 1 61  ? -8.490  0.347   4.869   1.00 24.13 ? 75  TYR A CD1 1 
ATOM   498  C CD2 . TYR A 1 61  ? -7.533  -1.754  5.505   1.00 22.74 ? 75  TYR A CD2 1 
ATOM   499  C CE1 . TYR A 1 61  ? -8.133  0.890   6.102   1.00 29.73 ? 75  TYR A CE1 1 
ATOM   500  C CE2 . TYR A 1 61  ? -7.169  -1.217  6.738   1.00 26.32 ? 75  TYR A CE2 1 
ATOM   501  C CZ  . TYR A 1 61  ? -7.472  0.104   7.028   1.00 30.26 ? 75  TYR A CZ  1 
ATOM   502  O OH  . TYR A 1 61  ? -7.118  0.640   8.247   1.00 33.80 ? 75  TYR A OH  1 
ATOM   503  N N   . LYS A 1 62  ? -6.098  -3.008  2.032   1.00 14.85 ? 76  LYS A N   1 
ATOM   504  C CA  . LYS A 1 62  ? -4.799  -3.641  2.229   1.00 14.20 ? 76  LYS A CA  1 
ATOM   505  C C   . LYS A 1 62  ? -3.780  -3.152  1.197   1.00 14.42 ? 76  LYS A C   1 
ATOM   506  O O   . LYS A 1 62  ? -2.595  -3.018  1.502   1.00 15.67 ? 76  LYS A O   1 
ATOM   507  C CB  . LYS A 1 62  ? -4.953  -5.167  2.202   1.00 16.13 ? 76  LYS A CB  1 
ATOM   508  C CG  . LYS A 1 62  ? -5.759  -5.672  3.404   1.00 16.51 ? 76  LYS A CG  1 
ATOM   509  C CD  . LYS A 1 62  ? -6.084  -7.165  3.347   1.00 17.35 ? 76  LYS A CD  1 
ATOM   510  C CE  . LYS A 1 62  ? -4.841  -8.023  3.519   1.00 19.68 ? 76  LYS A CE  1 
ATOM   511  N NZ  . LYS A 1 62  ? -5.191  -9.463  3.706   1.00 17.96 ? 76  LYS A NZ  1 
ATOM   512  N N   . ALA A 1 63  ? -4.236  -2.875  -0.021  1.00 14.98 ? 77  ALA A N   1 
ATOM   513  C CA  . ALA A 1 63  ? -3.340  -2.368  -1.058  1.00 15.32 ? 77  ALA A CA  1 
ATOM   514  C C   . ALA A 1 63  ? -2.834  -0.983  -0.644  1.00 13.50 ? 77  ALA A C   1 
ATOM   515  O O   . ALA A 1 63  ? -1.674  -0.647  -0.866  1.00 14.65 ? 77  ALA A O   1 
ATOM   516  C CB  . ALA A 1 63  ? -4.072  -2.290  -2.399  1.00 16.76 ? 77  ALA A CB  1 
ATOM   517  N N   . MET A 1 64  ? -3.702  -0.180  -0.029  1.00 15.22 ? 78  MET A N   1 
ATOM   518  C CA  . MET A 1 64  ? -3.297  1.151   0.425   1.00 14.39 ? 78  MET A CA  1 
ATOM   519  C C   . MET A 1 64  ? -2.301  1.045   1.584   1.00 14.59 ? 78  MET A C   1 
ATOM   520  O O   . MET A 1 64  ? -1.357  1.833   1.679   1.00 16.21 ? 78  MET A O   1 
ATOM   521  C CB  . MET A 1 64  ? -4.520  1.966   0.856   1.00 17.54 ? 78  MET A CB  1 
ATOM   522  C CG  A MET A 1 64  ? -5.229  2.706   -0.269  0.50 15.06 ? 78  MET A CG  1 
ATOM   523  C CG  B MET A 1 64  ? -5.547  2.091   -0.251  0.50 19.09 ? 78  MET A CG  1 
ATOM   524  S SD  A MET A 1 64  ? -6.279  4.064   0.346   0.50 15.51 ? 78  MET A SD  1 
ATOM   525  S SD  B MET A 1 64  ? -7.132  2.699   0.308   0.50 18.75 ? 78  MET A SD  1 
ATOM   526  C CE  A MET A 1 64  ? -7.487  3.151   1.324   0.50 14.29 ? 78  MET A CE  1 
ATOM   527  C CE  B MET A 1 64  ? -6.737  4.400   0.581   0.50 19.23 ? 78  MET A CE  1 
ATOM   528  N N   . THR A 1 65  ? -2.523  0.072   2.465   1.00 14.13 ? 79  THR A N   1 
ATOM   529  C CA  . THR A 1 65  ? -1.638  -0.150  3.606   1.00 14.55 ? 79  THR A CA  1 
ATOM   530  C C   . THR A 1 65  ? -0.264  -0.533  3.071   1.00 14.60 ? 79  THR A C   1 
ATOM   531  O O   . THR A 1 65  ? 0.765   -0.044  3.546   1.00 16.32 ? 79  THR A O   1 
ATOM   532  C CB  . THR A 1 65  ? -2.175  -1.286  4.499   1.00 14.70 ? 79  THR A CB  1 
ATOM   533  O OG1 . THR A 1 65  ? -3.450  -0.901  5.030   1.00 18.49 ? 79  THR A OG1 1 
ATOM   534  C CG2 . THR A 1 65  ? -1.214  -1.588  5.650   1.00 15.26 ? 79  THR A CG2 1 
ATOM   535  N N   . LEU A 1 66  ? -0.245  -1.413  2.077   1.00 14.11 ? 80  LEU A N   1 
ATOM   536  C CA  . LEU A 1 66  ? 1.023   -1.823  1.491   1.00 15.68 ? 80  LEU A CA  1 
ATOM   537  C C   . LEU A 1 66  ? 1.667   -0.626  0.799   1.00 14.28 ? 80  LEU A C   1 
ATOM   538  O O   . LEU A 1 66  ? 2.864   -0.400  0.934   1.00 15.20 ? 80  LEU A O   1 
ATOM   539  C CB  . LEU A 1 66  ? 0.817   -2.962  0.484   1.00 14.57 ? 80  LEU A CB  1 
ATOM   540  C CG  . LEU A 1 66  ? 2.034   -3.366  -0.360  1.00 14.19 ? 80  LEU A CG  1 
ATOM   541  C CD1 . LEU A 1 66  ? 3.179   -3.814  0.553   1.00 14.44 ? 80  LEU A CD1 1 
ATOM   542  C CD2 . LEU A 1 66  ? 1.645   -4.479  -1.318  1.00 14.61 ? 80  LEU A CD2 1 
ATOM   543  N N   . MET A 1 67  ? 0.877   0.147   0.061   1.00 13.96 ? 81  MET A N   1 
ATOM   544  C CA  . MET A 1 67  ? 1.436   1.305   -0.633  1.00 13.91 ? 81  MET A CA  1 
ATOM   545  C C   . MET A 1 67  ? 2.061   2.279   0.362   1.00 13.01 ? 81  MET A C   1 
ATOM   546  O O   . MET A 1 67  ? 3.148   2.807   0.120   1.00 15.19 ? 81  MET A O   1 
ATOM   547  C CB  . MET A 1 67  ? 0.365   2.026   -1.454  1.00 14.57 ? 81  MET A CB  1 
ATOM   548  C CG  A MET A 1 67  ? 0.944   3.016   -2.474  0.50 12.79 ? 81  MET A CG  1 
ATOM   549  C CG  B MET A 1 67  ? 0.867   3.314   -2.095  0.50 16.13 ? 81  MET A CG  1 
ATOM   550  S SD  A MET A 1 67  ? 1.945   2.246   -3.779  0.50 14.24 ? 81  MET A SD  1 
ATOM   551  S SD  B MET A 1 67  ? -0.414  4.205   -2.995  0.50 20.91 ? 81  MET A SD  1 
ATOM   552  C CE  A MET A 1 67  ? 0.795   2.312   -5.170  0.50 14.92 ? 81  MET A CE  1 
ATOM   553  C CE  B MET A 1 67  ? -0.475  3.236   -4.513  0.50 18.23 ? 81  MET A CE  1 
ATOM   554  N N   . GLU A 1 68  ? 1.379   2.519   1.476   1.00 15.98 ? 82  GLU A N   1 
ATOM   555  C CA  . GLU A 1 68  ? 1.901   3.419   2.501   1.00 17.20 ? 82  GLU A CA  1 
ATOM   556  C C   . GLU A 1 68  ? 3.258   2.914   3.006   1.00 16.86 ? 82  GLU A C   1 
ATOM   557  O O   . GLU A 1 68  ? 4.214   3.678   3.141   1.00 16.18 ? 82  GLU A O   1 
ATOM   558  C CB  . GLU A 1 68  ? 0.913   3.503   3.666   1.00 20.72 ? 82  GLU A CB  1 
ATOM   559  C CG  . GLU A 1 68  ? 1.421   4.310   4.849   1.00 25.35 ? 82  GLU A CG  1 
ATOM   560  C CD  . GLU A 1 68  ? 0.567   4.129   6.090   1.00 36.06 ? 82  GLU A CD  1 
ATOM   561  O OE1 . GLU A 1 68  ? 0.921   4.703   7.141   1.00 43.18 ? 82  GLU A OE1 1 
ATOM   562  O OE2 . GLU A 1 68  ? -0.453  3.412   6.013   1.00 32.97 ? 82  GLU A OE2 1 
ATOM   563  N N   . TYR A 1 69  ? 3.340   1.616   3.274   1.00 13.48 ? 83  TYR A N   1 
ATOM   564  C CA  . TYR A 1 69  ? 4.566   1.015   3.769   1.00 14.78 ? 83  TYR A CA  1 
ATOM   565  C C   . TYR A 1 69  ? 5.709   1.181   2.761   1.00 15.06 ? 83  TYR A C   1 
ATOM   566  O O   . TYR A 1 69  ? 6.837   1.496   3.141   1.00 15.99 ? 83  TYR A O   1 
ATOM   567  C CB  . TYR A 1 69  ? 4.332   -0.469  4.040   1.00 16.82 ? 83  TYR A CB  1 
ATOM   568  C CG  . TYR A 1 69  ? 5.482   -1.165  4.721   1.00 16.69 ? 83  TYR A CG  1 
ATOM   569  C CD1 . TYR A 1 69  ? 5.492   -1.343  6.105   1.00 18.17 ? 83  TYR A CD1 1 
ATOM   570  C CD2 . TYR A 1 69  ? 6.571   -1.635  3.986   1.00 16.66 ? 83  TYR A CD2 1 
ATOM   571  C CE1 . TYR A 1 69  ? 6.561   -1.972  6.741   1.00 19.70 ? 83  TYR A CE1 1 
ATOM   572  C CE2 . TYR A 1 69  ? 7.645   -2.263  4.615   1.00 18.88 ? 83  TYR A CE2 1 
ATOM   573  C CZ  . TYR A 1 69  ? 7.632   -2.427  5.989   1.00 21.57 ? 83  TYR A CZ  1 
ATOM   574  O OH  . TYR A 1 69  ? 8.695   -3.042  6.607   1.00 22.80 ? 83  TYR A OH  1 
ATOM   575  N N   . LEU A 1 70  ? 5.409   0.961   1.483   1.00 14.34 ? 84  LEU A N   1 
ATOM   576  C CA  . LEU A 1 70  ? 6.417   1.075   0.428   1.00 14.89 ? 84  LEU A CA  1 
ATOM   577  C C   . LEU A 1 70  ? 6.835   2.516   0.199   1.00 14.32 ? 84  LEU A C   1 
ATOM   578  O O   . LEU A 1 70  ? 7.989   2.795   -0.137  1.00 14.76 ? 84  LEU A O   1 
ATOM   579  C CB  . LEU A 1 70  ? 5.894   0.473   -0.882  1.00 15.13 ? 84  LEU A CB  1 
ATOM   580  C CG  . LEU A 1 70  ? 5.559   -1.020  -0.808  1.00 13.33 ? 84  LEU A CG  1 
ATOM   581  C CD1 . LEU A 1 70  ? 5.152   -1.528  -2.194  1.00 14.60 ? 84  LEU A CD1 1 
ATOM   582  C CD2 . LEU A 1 70  ? 6.760   -1.783  -0.271  1.00 17.75 ? 84  LEU A CD2 1 
ATOM   583  N N   . ILE A 1 71  ? 5.893   3.439   0.359   1.00 13.33 ? 85  ILE A N   1 
ATOM   584  C CA  . ILE A 1 71  ? 6.212   4.851   0.198   1.00 14.82 ? 85  ILE A CA  1 
ATOM   585  C C   . ILE A 1 71  ? 7.238   5.231   1.273   1.00 17.32 ? 85  ILE A C   1 
ATOM   586  O O   . ILE A 1 71  ? 8.224   5.924   0.995   1.00 17.21 ? 85  ILE A O   1 
ATOM   587  C CB  . ILE A 1 71  ? 4.945   5.734   0.363   1.00 15.08 ? 85  ILE A CB  1 
ATOM   588  C CG1 . ILE A 1 71  ? 4.109   5.690   -0.922  1.00 14.64 ? 85  ILE A CG1 1 
ATOM   589  C CG2 . ILE A 1 71  ? 5.347   7.169   0.700   1.00 16.54 ? 85  ILE A CG2 1 
ATOM   590  C CD1 . ILE A 1 71  ? 2.670   6.171   -0.762  1.00 14.49 ? 85  ILE A CD1 1 
ATOM   591  N N   . LYS A 1 72  ? 7.012   4.739   2.486   1.00 16.92 ? 86  LYS A N   1 
ATOM   592  C CA  . LYS A 1 72  ? 7.866   5.034   3.637   1.00 15.98 ? 86  LYS A CA  1 
ATOM   593  C C   . LYS A 1 72  ? 9.163   4.242   3.749   1.00 18.12 ? 86  LYS A C   1 
ATOM   594  O O   . LYS A 1 72  ? 10.137  4.750   4.300   1.00 18.99 ? 86  LYS A O   1 
ATOM   595  C CB  . LYS A 1 72  ? 7.081   4.840   4.943   1.00 18.56 ? 86  LYS A CB  1 
ATOM   596  C CG  . LYS A 1 72  ? 5.962   5.844   5.171   1.00 19.61 ? 86  LYS A CG  1 
ATOM   597  C CD  . LYS A 1 72  ? 5.161   5.485   6.414   1.00 20.77 ? 86  LYS A CD  1 
ATOM   598  C CE  . LYS A 1 72  ? 4.136   6.561   6.756   1.00 20.72 ? 86  LYS A CE  1 
ATOM   599  N NZ  . LYS A 1 72  ? 3.353   6.184   7.975   1.00 23.05 ? 86  LYS A NZ  1 
ATOM   600  N N   . THR A 1 73  ? 9.196   3.015   3.231   1.00 15.75 ? 87  THR A N   1 
ATOM   601  C CA  . THR A 1 73  ? 10.401  2.203   3.382   1.00 17.72 ? 87  THR A CA  1 
ATOM   602  C C   . THR A 1 73  ? 10.987  1.552   2.143   1.00 17.02 ? 87  THR A C   1 
ATOM   603  O O   . THR A 1 73  ? 12.051  0.935   2.214   1.00 20.98 ? 87  THR A O   1 
ATOM   604  C CB  . THR A 1 73  ? 10.184  1.074   4.396   1.00 21.31 ? 87  THR A CB  1 
ATOM   605  O OG1 . THR A 1 73  ? 9.303   0.098   3.829   1.00 22.12 ? 87  THR A OG1 1 
ATOM   606  C CG2 . THR A 1 73  ? 9.593   1.621   5.688   1.00 27.02 ? 87  THR A CG2 1 
ATOM   607  N N   . GLY A 1 74  ? 10.296  1.661   1.017   1.00 17.33 ? 88  GLY A N   1 
ATOM   608  C CA  . GLY A 1 74  ? 10.812  1.073   -0.202  1.00 17.28 ? 88  GLY A CA  1 
ATOM   609  C C   . GLY A 1 74  ? 11.608  2.100   -0.981  1.00 17.60 ? 88  GLY A C   1 
ATOM   610  O O   . GLY A 1 74  ? 11.947  3.163   -0.455  1.00 18.21 ? 88  GLY A O   1 
ATOM   611  N N   . SER A 1 75  ? 11.919  1.781   -2.231  1.00 17.95 ? 89  SER A N   1 
ATOM   612  C CA  . SER A 1 75  ? 12.660  2.697   -3.089  1.00 16.76 ? 89  SER A CA  1 
ATOM   613  C C   . SER A 1 75  ? 11.929  4.032   -3.167  1.00 21.50 ? 89  SER A C   1 
ATOM   614  O O   . SER A 1 75  ? 10.699  4.074   -3.106  1.00 20.96 ? 89  SER A O   1 
ATOM   615  C CB  . SER A 1 75  ? 12.782  2.106   -4.496  1.00 20.01 ? 89  SER A CB  1 
ATOM   616  O OG  . SER A 1 75  ? 13.203  3.084   -5.434  1.00 23.14 ? 89  SER A OG  1 
ATOM   617  N N   . GLU A 1 76  ? 12.679  5.120   -3.303  1.00 22.25 ? 90  GLU A N   1 
ATOM   618  C CA  . GLU A 1 76  ? 12.053  6.428   -3.405  1.00 24.95 ? 90  GLU A CA  1 
ATOM   619  C C   . GLU A 1 76  ? 11.233  6.483   -4.694  1.00 21.80 ? 90  GLU A C   1 
ATOM   620  O O   . GLU A 1 76  ? 10.397  7.366   -4.868  1.00 23.59 ? 90  GLU A O   1 
ATOM   621  C CB  . GLU A 1 76  ? 13.115  7.528   -3.382  1.00 29.32 ? 90  GLU A CB  1 
ATOM   622  C CG  . GLU A 1 76  ? 13.964  7.513   -2.119  1.00 38.98 ? 90  GLU A CG  1 
ATOM   623  C CD  . GLU A 1 76  ? 14.824  8.753   -1.966  1.00 43.83 ? 90  GLU A CD  1 
ATOM   624  O OE1 . GLU A 1 76  ? 14.267  9.828   -1.665  1.00 45.03 ? 90  GLU A OE1 1 
ATOM   625  O OE2 . GLU A 1 76  ? 16.054  8.651   -2.150  1.00 49.66 ? 90  GLU A OE2 1 
ATOM   626  N N   . ARG A 1 77  ? 11.461  5.524   -5.588  1.00 21.12 ? 91  ARG A N   1 
ATOM   627  C CA  . ARG A 1 77  ? 10.716  5.472   -6.841  1.00 19.32 ? 91  ARG A CA  1 
ATOM   628  C C   . ARG A 1 77  ? 9.232   5.182   -6.591  1.00 18.55 ? 91  ARG A C   1 
ATOM   629  O O   . ARG A 1 77  ? 8.384   5.525   -7.414  1.00 20.09 ? 91  ARG A O   1 
ATOM   630  C CB  . ARG A 1 77  ? 11.285  4.405   -7.775  1.00 23.96 ? 91  ARG A CB  1 
ATOM   631  C CG  . ARG A 1 77  ? 12.689  4.685   -8.274  1.00 28.64 ? 91  ARG A CG  1 
ATOM   632  C CD  . ARG A 1 77  ? 13.072  3.643   -9.306  1.00 34.53 ? 91  ARG A CD  1 
ATOM   633  N NE  . ARG A 1 77  ? 12.187  3.695   -10.467 1.00 34.11 ? 91  ARG A NE  1 
ATOM   634  C CZ  . ARG A 1 77  ? 11.942  2.667   -11.275 1.00 35.96 ? 91  ARG A CZ  1 
ATOM   635  N NH1 . ARG A 1 77  ? 12.513  1.490   -11.052 1.00 32.90 ? 91  ARG A NH1 1 
ATOM   636  N NH2 . ARG A 1 77  ? 11.132  2.819   -12.315 1.00 39.27 ? 91  ARG A NH2 1 
ATOM   637  N N   . VAL A 1 78  ? 8.921   4.542   -5.467  1.00 18.14 ? 92  VAL A N   1 
ATOM   638  C CA  . VAL A 1 78  ? 7.523   4.246   -5.147  1.00 17.69 ? 92  VAL A CA  1 
ATOM   639  C C   . VAL A 1 78  ? 6.760   5.554   -4.943  1.00 17.60 ? 92  VAL A C   1 
ATOM   640  O O   . VAL A 1 78  ? 5.739   5.789   -5.593  1.00 17.89 ? 92  VAL A O   1 
ATOM   641  C CB  . VAL A 1 78  ? 7.394   3.369   -3.873  1.00 18.72 ? 92  VAL A CB  1 
ATOM   642  C CG1 . VAL A 1 78  ? 5.925   3.128   -3.549  1.00 16.30 ? 92  VAL A CG1 1 
ATOM   643  C CG2 . VAL A 1 78  ? 8.072   2.017   -4.097  1.00 16.30 ? 92  VAL A CG2 1 
ATOM   644  N N   . SER A 1 79  ? 7.255   6.408   -4.050  1.00 18.50 ? 93  SER A N   1 
ATOM   645  C CA  . SER A 1 79  ? 6.589   7.683   -3.795  1.00 19.37 ? 93  SER A CA  1 
ATOM   646  C C   . SER A 1 79  ? 6.541   8.529   -5.063  1.00 20.20 ? 93  SER A C   1 
ATOM   647  O O   . SER A 1 79  ? 5.551   9.220   -5.321  1.00 18.90 ? 93  SER A O   1 
ATOM   648  C CB  . SER A 1 79  ? 7.293   8.452   -2.666  1.00 21.39 ? 93  SER A CB  1 
ATOM   649  O OG  . SER A 1 79  ? 8.617   8.806   -3.019  1.00 25.69 ? 93  SER A OG  1 
ATOM   650  N N   . GLN A 1 80  ? 7.603   8.472   -5.862  1.00 18.89 ? 94  GLN A N   1 
ATOM   651  C CA  . GLN A 1 80  ? 7.647   9.233   -7.104  1.00 21.84 ? 94  GLN A CA  1 
ATOM   652  C C   . GLN A 1 80  ? 6.509   8.821   -8.039  1.00 21.28 ? 94  GLN A C   1 
ATOM   653  O O   . GLN A 1 80  ? 5.796   9.677   -8.576  1.00 20.75 ? 94  GLN A O   1 
ATOM   654  C CB  . GLN A 1 80  ? 8.995   9.032   -7.805  1.00 24.18 ? 94  GLN A CB  1 
ATOM   655  C CG  A GLN A 1 80  ? 9.106   9.764   -9.136  0.50 28.01 ? 94  GLN A CG  1 
ATOM   656  C CG  B GLN A 1 80  ? 10.181  9.593   -7.035  0.50 28.78 ? 94  GLN A CG  1 
ATOM   657  C CD  A GLN A 1 80  ? 10.423  9.515   -9.843  0.50 34.08 ? 94  GLN A CD  1 
ATOM   658  C CD  B GLN A 1 80  ? 11.511  9.280   -7.696  0.50 31.76 ? 94  GLN A CD  1 
ATOM   659  O OE1 A GLN A 1 80  ? 10.719  8.393   -10.256 0.50 37.69 ? 94  GLN A OE1 1 
ATOM   660  O OE1 B GLN A 1 80  ? 11.727  9.597   -8.865  0.50 39.95 ? 94  GLN A OE1 1 
ATOM   661  N NE2 A GLN A 1 80  ? 11.224  10.565  -9.987  0.50 34.11 ? 94  GLN A NE2 1 
ATOM   662  N NE2 B GLN A 1 80  ? 12.413  8.657   -6.946  0.50 35.47 ? 94  GLN A NE2 1 
ATOM   663  N N   . GLN A 1 81  ? 6.321   7.516   -8.231  1.00 20.79 ? 95  GLN A N   1 
ATOM   664  C CA  . GLN A 1 81  ? 5.257   7.055   -9.120  1.00 18.44 ? 95  GLN A CA  1 
ATOM   665  C C   . GLN A 1 81  ? 3.872   7.332   -8.544  1.00 19.10 ? 95  GLN A C   1 
ATOM   666  O O   . GLN A 1 81  ? 2.923   7.579   -9.294  1.00 19.86 ? 95  GLN A O   1 
ATOM   667  C CB  . GLN A 1 81  ? 5.389   5.563   -9.437  1.00 20.34 ? 95  GLN A CB  1 
ATOM   668  C CG  . GLN A 1 81  ? 4.323   5.107   -10.422 1.00 23.52 ? 95  GLN A CG  1 
ATOM   669  C CD  . GLN A 1 81  ? 4.476   3.673   -10.868 1.00 24.97 ? 95  GLN A CD  1 
ATOM   670  O OE1 . GLN A 1 81  ? 3.557   2.865   -10.715 1.00 26.46 ? 95  GLN A OE1 1 
ATOM   671  N NE2 . GLN A 1 81  ? 5.630   3.349   -11.438 1.00 25.99 ? 95  GLN A NE2 1 
ATOM   672  N N   . CYS A 1 82  ? 3.744   7.290   -7.222  1.00 18.34 ? 96  CYS A N   1 
ATOM   673  C CA  . CYS A 1 82  ? 2.454   7.576   -6.602  1.00 17.62 ? 96  CYS A CA  1 
ATOM   674  C C   . CYS A 1 82  ? 2.095   9.044   -6.816  1.00 20.08 ? 96  CYS A C   1 
ATOM   675  O O   . CYS A 1 82  ? 0.930   9.377   -7.037  1.00 22.75 ? 96  CYS A O   1 
ATOM   676  C CB  . CYS A 1 82  ? 2.483   7.268   -5.105  1.00 18.34 ? 96  CYS A CB  1 
ATOM   677  S SG  . CYS A 1 82  ? 2.450   5.508   -4.723  1.00 18.19 ? 96  CYS A SG  1 
ATOM   678  N N   . LYS A 1 83  ? 3.089   9.924   -6.741  1.00 20.48 ? 97  LYS A N   1 
ATOM   679  C CA  . LYS A 1 83  ? 2.826   11.345  -6.959  1.00 23.76 ? 97  LYS A CA  1 
ATOM   680  C C   . LYS A 1 83  ? 2.411   11.567  -8.412  1.00 23.50 ? 97  LYS A C   1 
ATOM   681  O O   . LYS A 1 83  ? 1.542   12.393  -8.693  1.00 27.06 ? 97  LYS A O   1 
ATOM   682  C CB  . LYS A 1 83  ? 4.067   12.188  -6.642  1.00 22.31 ? 97  LYS A CB  1 
ATOM   683  C CG  . LYS A 1 83  ? 4.451   12.221  -5.176  1.00 30.06 ? 97  LYS A CG  1 
ATOM   684  C CD  . LYS A 1 83  ? 5.732   13.018  -4.958  1.00 37.79 ? 97  LYS A CD  1 
ATOM   685  C CE  . LYS A 1 83  ? 6.191   12.954  -3.509  1.00 44.58 ? 97  LYS A CE  1 
ATOM   686  N NZ  . LYS A 1 83  ? 7.499   13.643  -3.301  1.00 47.20 ? 97  LYS A NZ  1 
ATOM   687  N N   . GLU A 1 84  ? 3.029   10.829  -9.333  1.00 22.98 ? 98  GLU A N   1 
ATOM   688  C CA  . GLU A 1 84  ? 2.715   10.947  -10.754 1.00 24.59 ? 98  GLU A CA  1 
ATOM   689  C C   . GLU A 1 84  ? 1.319   10.424  -11.071 1.00 25.71 ? 98  GLU A C   1 
ATOM   690  O O   . GLU A 1 84  ? 0.718   10.812  -12.070 1.00 27.90 ? 98  GLU A O   1 
ATOM   691  C CB  . GLU A 1 84  ? 3.740   10.183  -11.596 1.00 30.05 ? 98  GLU A CB  1 
ATOM   692  C CG  . GLU A 1 84  ? 5.135   10.778  -11.562 1.00 33.15 ? 98  GLU A CG  1 
ATOM   693  C CD  . GLU A 1 84  ? 6.157   9.902   -12.257 1.00 38.35 ? 98  GLU A CD  1 
ATOM   694  O OE1 . GLU A 1 84  ? 7.331   10.317  -12.341 1.00 41.62 ? 98  GLU A OE1 1 
ATOM   695  O OE2 . GLU A 1 84  ? 5.787   8.800   -12.715 1.00 43.64 ? 98  GLU A OE2 1 
ATOM   696  N N   . ASN A 1 85  ? 0.811   9.534   -10.223 1.00 22.50 ? 99  ASN A N   1 
ATOM   697  C CA  . ASN A 1 85  ? -0.519  8.966   -10.419 1.00 23.02 ? 99  ASN A CA  1 
ATOM   698  C C   . ASN A 1 85  ? -1.405  9.389   -9.248  1.00 22.04 ? 99  ASN A C   1 
ATOM   699  O O   . ASN A 1 85  ? -2.266  8.632   -8.787  1.00 21.44 ? 99  ASN A O   1 
ATOM   700  C CB  . ASN A 1 85  ? -0.419  7.438   -10.503 1.00 22.61 ? 99  ASN A CB  1 
ATOM   701  C CG  . ASN A 1 85  ? -1.697  6.790   -11.006 1.00 29.19 ? 99  ASN A CG  1 
ATOM   702  O OD1 . ASN A 1 85  ? -2.400  7.354   -11.843 1.00 31.41 ? 99  ASN A OD1 1 
ATOM   703  N ND2 . ASN A 1 85  ? -1.989  5.586   -10.517 1.00 24.27 ? 99  ASN A ND2 1 
ATOM   704  N N   . MET A 1 86  ? -1.191  10.618  -8.783  1.00 23.63 ? 100 MET A N   1 
ATOM   705  C CA  . MET A 1 86  ? -1.929  11.173  -7.654  1.00 22.59 ? 100 MET A CA  1 
ATOM   706  C C   . MET A 1 86  ? -3.438  11.024  -7.766  1.00 21.96 ? 100 MET A C   1 
ATOM   707  O O   . MET A 1 86  ? -4.105  10.730  -6.774  1.00 23.13 ? 100 MET A O   1 
ATOM   708  C CB  . MET A 1 86  ? -1.578  12.654  -7.474  1.00 24.08 ? 100 MET A CB  1 
ATOM   709  C CG  . MET A 1 86  ? -2.296  13.338  -6.319  1.00 27.58 ? 100 MET A CG  1 
ATOM   710  S SD  . MET A 1 86  ? -1.953  12.576  -4.716  1.00 32.13 ? 100 MET A SD  1 
ATOM   711  C CE  . MET A 1 86  ? -0.225  12.901  -4.563  1.00 30.19 ? 100 MET A CE  1 
ATOM   712  N N   . TYR A 1 87  ? -3.980  11.233  -8.961  1.00 23.79 ? 101 TYR A N   1 
ATOM   713  C CA  . TYR A 1 87  ? -5.423  11.114  -9.143  1.00 22.03 ? 101 TYR A CA  1 
ATOM   714  C C   . TYR A 1 87  ? -5.969  9.767   -8.651  1.00 22.82 ? 101 TYR A C   1 
ATOM   715  O O   . TYR A 1 87  ? -7.010  9.720   -7.993  1.00 22.99 ? 101 TYR A O   1 
ATOM   716  C CB  . TYR A 1 87  ? -5.806  11.295  -10.616 1.00 25.24 ? 101 TYR A CB  1 
ATOM   717  C CG  . TYR A 1 87  ? -7.307  11.272  -10.835 1.00 26.93 ? 101 TYR A CG  1 
ATOM   718  C CD1 . TYR A 1 87  ? -8.096  12.376  -10.509 1.00 30.06 ? 101 TYR A CD1 1 
ATOM   719  C CD2 . TYR A 1 87  ? -7.945  10.123  -11.301 1.00 25.99 ? 101 TYR A CD2 1 
ATOM   720  C CE1 . TYR A 1 87  ? -9.485  12.334  -10.637 1.00 29.74 ? 101 TYR A CE1 1 
ATOM   721  C CE2 . TYR A 1 87  ? -9.335  10.072  -11.430 1.00 25.88 ? 101 TYR A CE2 1 
ATOM   722  C CZ  . TYR A 1 87  ? -10.096 11.179  -11.095 1.00 27.74 ? 101 TYR A CZ  1 
ATOM   723  O OH  . TYR A 1 87  ? -11.470 11.122  -11.192 1.00 24.45 ? 101 TYR A OH  1 
ATOM   724  N N   . ALA A 1 88  ? -5.262  8.683   -8.964  1.00 22.58 ? 102 ALA A N   1 
ATOM   725  C CA  . ALA A 1 88  ? -5.686  7.338   -8.571  1.00 21.69 ? 102 ALA A CA  1 
ATOM   726  C C   . ALA A 1 88  ? -5.659  7.108   -7.061  1.00 23.97 ? 102 ALA A C   1 
ATOM   727  O O   . ALA A 1 88  ? -6.249  6.150   -6.560  1.00 25.67 ? 102 ALA A O   1 
ATOM   728  C CB  . ALA A 1 88  ? -4.826  6.293   -9.275  1.00 24.11 ? 102 ALA A CB  1 
ATOM   729  N N   . VAL A 1 89  ? -4.954  7.968   -6.336  1.00 19.25 ? 103 VAL A N   1 
ATOM   730  C CA  . VAL A 1 89  ? -4.908  7.861   -4.886  1.00 21.03 ? 103 VAL A CA  1 
ATOM   731  C C   . VAL A 1 89  ? -6.047  8.723   -4.333  1.00 18.96 ? 103 VAL A C   1 
ATOM   732  O O   . VAL A 1 89  ? -6.772  8.323   -3.417  1.00 19.83 ? 103 VAL A O   1 
ATOM   733  C CB  . VAL A 1 89  ? -3.554  8.371   -4.333  1.00 22.78 ? 103 VAL A CB  1 
ATOM   734  C CG1 . VAL A 1 89  ? -3.498  8.170   -2.829  1.00 23.68 ? 103 VAL A CG1 1 
ATOM   735  C CG2 . VAL A 1 89  ? -2.404  7.638   -5.011  1.00 24.15 ? 103 VAL A CG2 1 
ATOM   736  N N   . GLN A 1 90  ? -6.209  9.904   -4.926  1.00 18.01 ? 104 GLN A N   1 
ATOM   737  C CA  . GLN A 1 90  ? -7.236  10.859  -4.524  1.00 20.03 ? 104 GLN A CA  1 
ATOM   738  C C   . GLN A 1 90  ? -8.660  10.321  -4.637  1.00 17.03 ? 104 GLN A C   1 
ATOM   739  O O   . GLN A 1 90  ? -9.504  10.613  -3.792  1.00 19.56 ? 104 GLN A O   1 
ATOM   740  C CB  . GLN A 1 90  ? -7.122  12.137  -5.372  1.00 21.35 ? 104 GLN A CB  1 
ATOM   741  C CG  . GLN A 1 90  ? -5.853  12.951  -5.138  1.00 28.93 ? 104 GLN A CG  1 
ATOM   742  C CD  . GLN A 1 90  ? -6.009  13.964  -4.020  1.00 35.04 ? 104 GLN A CD  1 
ATOM   743  O OE1 . GLN A 1 90  ? -6.663  13.695  -3.016  1.00 36.30 ? 104 GLN A OE1 1 
ATOM   744  N NE2 . GLN A 1 90  ? -5.396  15.133  -4.187  1.00 31.99 ? 104 GLN A NE2 1 
ATOM   745  N N   . THR A 1 91  ? -8.932  9.548   -5.685  1.00 17.84 ? 105 THR A N   1 
ATOM   746  C CA  . THR A 1 91  ? -10.278 9.008   -5.892  1.00 18.08 ? 105 THR A CA  1 
ATOM   747  C C   . THR A 1 91  ? -10.768 8.164   -4.721  1.00 15.96 ? 105 THR A C   1 
ATOM   748  O O   . THR A 1 91  ? -11.967 8.132   -4.416  1.00 16.34 ? 105 THR A O   1 
ATOM   749  C CB  . THR A 1 91  ? -10.355 8.144   -7.175  1.00 18.61 ? 105 THR A CB  1 
ATOM   750  O OG1 . THR A 1 91  ? -9.428  7.054   -7.088  1.00 19.14 ? 105 THR A OG1 1 
ATOM   751  C CG2 . THR A 1 91  ? -10.032 8.988   -8.398  1.00 22.44 ? 105 THR A CG2 1 
ATOM   752  N N   . LEU A 1 92  ? -9.836  7.480   -4.065  1.00 16.67 ? 106 LEU A N   1 
ATOM   753  C CA  . LEU A 1 92  ? -10.185 6.619   -2.948  1.00 15.53 ? 106 LEU A CA  1 
ATOM   754  C C   . LEU A 1 92  ? -10.764 7.358   -1.743  1.00 12.16 ? 106 LEU A C   1 
ATOM   755  O O   . LEU A 1 92  ? -11.360 6.738   -0.865  1.00 14.42 ? 106 LEU A O   1 
ATOM   756  C CB  . LEU A 1 92  ? -8.965  5.779   -2.547  1.00 17.59 ? 106 LEU A CB  1 
ATOM   757  C CG  . LEU A 1 92  ? -8.532  4.764   -3.618  1.00 21.17 ? 106 LEU A CG  1 
ATOM   758  C CD1 . LEU A 1 92  ? -7.187  4.163   -3.261  1.00 25.54 ? 106 LEU A CD1 1 
ATOM   759  C CD2 . LEU A 1 92  ? -9.590  3.684   -3.741  1.00 21.61 ? 106 LEU A CD2 1 
ATOM   760  N N   . LYS A 1 93  ? -10.610 8.678   -1.706  1.00 15.63 ? 107 LYS A N   1 
ATOM   761  C CA  . LYS A 1 93  ? -11.153 9.462   -0.598  1.00 14.54 ? 107 LYS A CA  1 
ATOM   762  C C   . LYS A 1 93  ? -12.682 9.441   -0.640  1.00 16.09 ? 107 LYS A C   1 
ATOM   763  O O   . LYS A 1 93  ? -13.339 9.820   0.330   1.00 17.47 ? 107 LYS A O   1 
ATOM   764  C CB  . LYS A 1 93  ? -10.673 10.918  -0.666  1.00 17.19 ? 107 LYS A CB  1 
ATOM   765  C CG  . LYS A 1 93  ? -9.180  11.100  -0.441  1.00 20.50 ? 107 LYS A CG  1 
ATOM   766  C CD  . LYS A 1 93  ? -8.805  12.579  -0.333  1.00 26.33 ? 107 LYS A CD  1 
ATOM   767  C CE  . LYS A 1 93  ? -9.200  13.361  -1.570  1.00 34.41 ? 107 LYS A CE  1 
ATOM   768  N NZ  . LYS A 1 93  ? -8.733  14.778  -1.497  1.00 41.35 ? 107 LYS A NZ  1 
ATOM   769  N N   . ASP A 1 94  ? -13.236 8.997   -1.768  1.00 17.91 ? 108 ASP A N   1 
ATOM   770  C CA  . ASP A 1 94  ? -14.687 8.947   -1.960  1.00 19.96 ? 108 ASP A CA  1 
ATOM   771  C C   . ASP A 1 94  ? -15.269 7.533   -2.005  1.00 17.54 ? 108 ASP A C   1 
ATOM   772  O O   . ASP A 1 94  ? -16.468 7.365   -2.260  1.00 18.65 ? 108 ASP A O   1 
ATOM   773  C CB  . ASP A 1 94  ? -15.067 9.665   -3.262  1.00 27.16 ? 108 ASP A CB  1 
ATOM   774  C CG  . ASP A 1 94  ? -14.616 11.115  -3.289  1.00 32.07 ? 108 ASP A CG  1 
ATOM   775  O OD1 . ASP A 1 94  ? -15.106 11.911  -2.461  1.00 40.98 ? 108 ASP A OD1 1 
ATOM   776  O OD2 . ASP A 1 94  ? -13.768 11.457  -4.143  1.00 36.71 ? 108 ASP A OD2 1 
ATOM   777  N N   . PHE A 1 95  ? -14.434 6.525   -1.766  1.00 15.79 ? 109 PHE A N   1 
ATOM   778  C CA  . PHE A 1 95  ? -14.872 5.130   -1.778  1.00 14.94 ? 109 PHE A CA  1 
ATOM   779  C C   . PHE A 1 95  ? -15.960 4.877   -0.734  1.00 16.15 ? 109 PHE A C   1 
ATOM   780  O O   . PHE A 1 95  ? -15.842 5.297   0.420   1.00 16.69 ? 109 PHE A O   1 
ATOM   781  C CB  . PHE A 1 95  ? -13.678 4.217   -1.492  1.00 14.46 ? 109 PHE A CB  1 
ATOM   782  C CG  . PHE A 1 95  ? -14.016 2.749   -1.444  1.00 13.41 ? 109 PHE A CG  1 
ATOM   783  C CD1 . PHE A 1 95  ? -13.766 1.924   -2.541  1.00 13.97 ? 109 PHE A CD1 1 
ATOM   784  C CD2 . PHE A 1 95  ? -14.555 2.178   -0.286  1.00 15.54 ? 109 PHE A CD2 1 
ATOM   785  C CE1 . PHE A 1 95  ? -14.041 0.554   -2.485  1.00 15.93 ? 109 PHE A CE1 1 
ATOM   786  C CE2 . PHE A 1 95  ? -14.836 0.806   -0.223  1.00 15.78 ? 109 PHE A CE2 1 
ATOM   787  C CZ  . PHE A 1 95  ? -14.576 -0.008  -1.328  1.00 16.19 ? 109 PHE A CZ  1 
ATOM   788  N N   . GLN A 1 96  ? -17.010 4.172   -1.140  1.00 17.47 ? 110 GLN A N   1 
ATOM   789  C CA  . GLN A 1 96  ? -18.103 3.850   -0.232  1.00 18.52 ? 110 GLN A CA  1 
ATOM   790  C C   . GLN A 1 96  ? -18.454 2.372   -0.183  1.00 19.02 ? 110 GLN A C   1 
ATOM   791  O O   . GLN A 1 96  ? -18.429 1.667   -1.201  1.00 17.88 ? 110 GLN A O   1 
ATOM   792  C CB  . GLN A 1 96  ? -19.371 4.625   -0.611  1.00 18.60 ? 110 GLN A CB  1 
ATOM   793  C CG  . GLN A 1 96  ? -19.420 6.067   -0.140  1.00 21.48 ? 110 GLN A CG  1 
ATOM   794  C CD  . GLN A 1 96  ? -20.772 6.712   -0.407  1.00 23.02 ? 110 GLN A CD  1 
ATOM   795  O OE1 . GLN A 1 96  ? -21.777 6.020   -0.578  1.00 24.12 ? 110 GLN A OE1 1 
ATOM   796  N NE2 . GLN A 1 96  ? -20.804 8.036   -0.428  1.00 22.77 ? 110 GLN A NE2 1 
ATOM   797  N N   . TYR A 1 97  ? -18.757 1.906   1.022   1.00 18.50 ? 111 TYR A N   1 
ATOM   798  C CA  . TYR A 1 97  ? -19.217 0.547   1.220   1.00 19.29 ? 111 TYR A CA  1 
ATOM   799  C C   . TYR A 1 97  ? -19.834 0.343   2.583   1.00 21.64 ? 111 TYR A C   1 
ATOM   800  O O   . TYR A 1 97  ? -19.145 0.350   3.601   1.00 19.99 ? 111 TYR A O   1 
ATOM   801  C CB  . TYR A 1 97  ? -18.138 -0.521  1.041   1.00 18.64 ? 111 TYR A CB  1 
ATOM   802  C CG  . TYR A 1 97  ? -18.741 -1.910  1.201   1.00 19.20 ? 111 TYR A CG  1 
ATOM   803  C CD1 . TYR A 1 97  ? -19.806 -2.315  0.392   1.00 21.16 ? 111 TYR A CD1 1 
ATOM   804  C CD2 . TYR A 1 97  ? -18.283 -2.796  2.176   1.00 19.75 ? 111 TYR A CD2 1 
ATOM   805  C CE1 . TYR A 1 97  ? -20.401 -3.567  0.548   1.00 21.60 ? 111 TYR A CE1 1 
ATOM   806  C CE2 . TYR A 1 97  ? -18.874 -4.055  2.344   1.00 23.23 ? 111 TYR A CE2 1 
ATOM   807  C CZ  . TYR A 1 97  ? -19.931 -4.431  1.524   1.00 21.53 ? 111 TYR A CZ  1 
ATOM   808  O OH  . TYR A 1 97  ? -20.528 -5.666  1.682   1.00 25.64 ? 111 TYR A OH  1 
ATOM   809  N N   . VAL A 1 98  ? -21.148 0.168   2.583   1.00 22.31 ? 112 VAL A N   1 
ATOM   810  C CA  . VAL A 1 98  ? -21.899 -0.111  3.798   1.00 23.65 ? 112 VAL A CA  1 
ATOM   811  C C   . VAL A 1 98  ? -22.429 -1.519  3.525   1.00 24.45 ? 112 VAL A C   1 
ATOM   812  O O   . VAL A 1 98  ? -23.124 -1.734  2.527   1.00 24.85 ? 112 VAL A O   1 
ATOM   813  C CB  . VAL A 1 98  ? -23.072 0.868   3.977   1.00 24.74 ? 112 VAL A CB  1 
ATOM   814  C CG1 . VAL A 1 98  ? -23.845 0.512   5.241   1.00 25.70 ? 112 VAL A CG1 1 
ATOM   815  C CG2 . VAL A 1 98  ? -22.552 2.297   4.060   1.00 25.21 ? 112 VAL A CG2 1 
ATOM   816  N N   . ASP A 1 99  ? -22.080 -2.479  4.380   1.00 26.25 ? 113 ASP A N   1 
ATOM   817  C CA  . ASP A 1 99  ? -22.517 -3.860  4.169   1.00 28.55 ? 113 ASP A CA  1 
ATOM   818  C C   . ASP A 1 99  ? -24.004 -4.096  4.412   1.00 29.94 ? 113 ASP A C   1 
ATOM   819  O O   . ASP A 1 99  ? -24.737 -3.184  4.791   1.00 27.44 ? 113 ASP A O   1 
ATOM   820  C CB  . ASP A 1 99  ? -21.697 -4.834  5.026   1.00 30.17 ? 113 ASP A CB  1 
ATOM   821  C CG  . ASP A 1 99  ? -21.844 -4.583  6.517   1.00 34.26 ? 113 ASP A CG  1 
ATOM   822  O OD1 . ASP A 1 99  ? -22.950 -4.209  6.966   1.00 31.79 ? 113 ASP A OD1 1 
ATOM   823  O OD2 . ASP A 1 99  ? -20.849 -4.780  7.243   1.00 36.19 ? 113 ASP A OD2 1 
ATOM   824  N N   . ARG A 1 100 ? -24.437 -5.332  4.179   1.00 33.26 ? 114 ARG A N   1 
ATOM   825  C CA  . ARG A 1 100 ? -25.838 -5.703  4.354   1.00 36.46 ? 114 ARG A CA  1 
ATOM   826  C C   . ARG A 1 100 ? -26.301 -5.512  5.791   1.00 37.70 ? 114 ARG A C   1 
ATOM   827  O O   . ARG A 1 100 ? -27.499 -5.387  6.045   1.00 38.64 ? 114 ARG A O   1 
ATOM   828  C CB  . ARG A 1 100 ? -26.063 -7.160  3.928   1.00 39.81 ? 114 ARG A CB  1 
ATOM   829  C CG  . ARG A 1 100 ? -25.785 -7.432  2.456   1.00 45.12 ? 114 ARG A CG  1 
ATOM   830  C CD  . ARG A 1 100 ? -26.723 -6.662  1.530   1.00 51.44 ? 114 ARG A CD  1 
ATOM   831  N NE  . ARG A 1 100 ? -28.075 -7.222  1.477   1.00 57.27 ? 114 ARG A NE  1 
ATOM   832  C CZ  . ARG A 1 100 ? -29.063 -6.908  2.311   1.00 60.50 ? 114 ARG A CZ  1 
ATOM   833  N NH1 . ARG A 1 100 ? -28.867 -6.028  3.283   1.00 62.84 ? 114 ARG A NH1 1 
ATOM   834  N NH2 . ARG A 1 100 ? -30.255 -7.472  2.165   1.00 62.85 ? 114 ARG A NH2 1 
ATOM   835  N N   . ASP A 1 101 ? -25.356 -5.494  6.727   1.00 37.75 ? 115 ASP A N   1 
ATOM   836  C CA  . ASP A 1 101 ? -25.683 -5.304  8.135   1.00 39.70 ? 115 ASP A CA  1 
ATOM   837  C C   . ASP A 1 101 ? -25.714 -3.821  8.497   1.00 38.23 ? 115 ASP A C   1 
ATOM   838  O O   . ASP A 1 101 ? -25.869 -3.464  9.667   1.00 37.85 ? 115 ASP A O   1 
ATOM   839  C CB  . ASP A 1 101 ? -24.675 -6.031  9.030   1.00 43.56 ? 115 ASP A CB  1 
ATOM   840  C CG  . ASP A 1 101 ? -24.717 -7.536  8.850   1.00 47.49 ? 115 ASP A CG  1 
ATOM   841  O OD1 . ASP A 1 101 ? -25.831 -8.102  8.851   1.00 49.70 ? 115 ASP A OD1 1 
ATOM   842  O OD2 . ASP A 1 101 ? -23.638 -8.155  8.718   1.00 47.40 ? 115 ASP A OD2 1 
ATOM   843  N N   . GLY A 1 102 ? -25.562 -2.965  7.489   1.00 35.43 ? 116 GLY A N   1 
ATOM   844  C CA  . GLY A 1 102 ? -25.594 -1.529  7.711   1.00 34.35 ? 116 GLY A CA  1 
ATOM   845  C C   . GLY A 1 102 ? -24.325 -0.918  8.279   1.00 31.92 ? 116 GLY A C   1 
ATOM   846  O O   . GLY A 1 102 ? -24.314 0.254   8.655   1.00 33.62 ? 116 GLY A O   1 
ATOM   847  N N   . LYS A 1 103 ? -23.257 -1.703  8.339   1.00 32.41 ? 117 LYS A N   1 
ATOM   848  C CA  . LYS A 1 103 ? -21.985 -1.227  8.874   1.00 30.26 ? 117 LYS A CA  1 
ATOM   849  C C   . LYS A 1 103 ? -21.133 -0.567  7.792   1.00 29.45 ? 117 LYS A C   1 
ATOM   850  O O   . LYS A 1 103 ? -20.933 -1.134  6.719   1.00 26.66 ? 117 LYS A O   1 
ATOM   851  C CB  . LYS A 1 103 ? -21.222 -2.398  9.497   1.00 32.73 ? 117 LYS A CB  1 
ATOM   852  C CG  . LYS A 1 103 ? -21.961 -3.054  10.659  1.00 40.15 ? 117 LYS A CG  1 
ATOM   853  C CD  . LYS A 1 103 ? -21.219 -4.270  11.191  1.00 48.10 ? 117 LYS A CD  1 
ATOM   854  C CE  . LYS A 1 103 ? -21.137 -5.375  10.148  1.00 51.23 ? 117 LYS A CE  1 
ATOM   855  N NZ  . LYS A 1 103 ? -20.469 -6.593  10.682  1.00 54.98 ? 117 LYS A NZ  1 
ATOM   856  N N   . ASP A 1 104 ? -20.634 0.632   8.083   1.00 25.67 ? 118 ASP A N   1 
ATOM   857  C CA  . ASP A 1 104 ? -19.807 1.370   7.136   1.00 25.52 ? 118 ASP A CA  1 
ATOM   858  C C   . ASP A 1 104 ? -18.353 0.904   7.191   1.00 25.27 ? 118 ASP A C   1 
ATOM   859  O O   . ASP A 1 104 ? -17.624 1.212   8.138   1.00 27.03 ? 118 ASP A O   1 
ATOM   860  C CB  . ASP A 1 104 ? -19.875 2.873   7.429   1.00 24.29 ? 118 ASP A CB  1 
ATOM   861  C CG  . ASP A 1 104 ? -19.214 3.710   6.348   1.00 25.56 ? 118 ASP A CG  1 
ATOM   862  O OD1 . ASP A 1 104 ? -18.348 3.163   5.639   1.00 22.91 ? 118 ASP A OD1 1 
ATOM   863  O OD2 . ASP A 1 104 ? -19.551 4.909   6.212   1.00 25.93 ? 118 ASP A OD2 1 
ATOM   864  N N   . GLN A 1 105 ? -17.936 0.153   6.178   1.00 22.89 ? 119 GLN A N   1 
ATOM   865  C CA  . GLN A 1 105 ? -16.564 -0.338  6.097   1.00 23.24 ? 119 GLN A CA  1 
ATOM   866  C C   . GLN A 1 105 ? -15.755 0.603   5.210   1.00 22.60 ? 119 GLN A C   1 
ATOM   867  O O   . GLN A 1 105 ? -14.542 0.736   5.370   1.00 22.40 ? 119 GLN A O   1 
ATOM   868  C CB  . GLN A 1 105 ? -16.528 -1.743  5.491   1.00 26.43 ? 119 GLN A CB  1 
ATOM   869  C CG  . GLN A 1 105 ? -17.301 -2.787  6.275   1.00 30.44 ? 119 GLN A CG  1 
ATOM   870  C CD  . GLN A 1 105 ? -16.869 -2.853  7.725   1.00 36.38 ? 119 GLN A CD  1 
ATOM   871  O OE1 . GLN A 1 105 ? -15.678 -2.940  8.025   1.00 39.57 ? 119 GLN A OE1 1 
ATOM   872  N NE2 . GLN A 1 105 ? -17.835 -2.818  8.632   1.00 43.65 ? 119 GLN A NE2 1 
ATOM   873  N N   . GLY A 1 106 ? -16.447 1.247   4.272   1.00 21.29 ? 120 GLY A N   1 
ATOM   874  C CA  . GLY A 1 106 ? -15.807 2.165   3.343   1.00 18.55 ? 120 GLY A CA  1 
ATOM   875  C C   . GLY A 1 106 ? -15.165 3.377   3.991   1.00 19.52 ? 120 GLY A C   1 
ATOM   876  O O   . GLY A 1 106 ? -14.184 3.912   3.472   1.00 19.06 ? 120 GLY A O   1 
ATOM   877  N N   . VAL A 1 107 ? -15.711 3.826   5.120   1.00 20.55 ? 121 VAL A N   1 
ATOM   878  C CA  . VAL A 1 107 ? -15.145 4.987   5.799   1.00 23.09 ? 121 VAL A CA  1 
ATOM   879  C C   . VAL A 1 107 ? -13.674 4.728   6.117   1.00 23.17 ? 121 VAL A C   1 
ATOM   880  O O   . VAL A 1 107 ? -12.875 5.664   6.189   1.00 23.47 ? 121 VAL A O   1 
ATOM   881  C CB  . VAL A 1 107 ? -15.920 5.313   7.099   1.00 23.60 ? 121 VAL A CB  1 
ATOM   882  C CG1 . VAL A 1 107 ? -15.712 4.205   8.124   1.00 24.15 ? 121 VAL A CG1 1 
ATOM   883  C CG2 . VAL A 1 107 ? -15.480 6.675   7.643   1.00 24.58 ? 121 VAL A CG2 1 
ATOM   884  N N   . ASN A 1 108 ? -13.313 3.459   6.297   1.00 22.97 ? 122 ASN A N   1 
ATOM   885  C CA  . ASN A 1 108 ? -11.926 3.094   6.582   1.00 26.42 ? 122 ASN A CA  1 
ATOM   886  C C   . ASN A 1 108 ? -11.021 3.353   5.377   1.00 25.25 ? 122 ASN A C   1 
ATOM   887  O O   . ASN A 1 108 ? -9.883  3.808   5.525   1.00 22.37 ? 122 ASN A O   1 
ATOM   888  C CB  . ASN A 1 108 ? -11.833 1.623   6.987   1.00 29.45 ? 122 ASN A CB  1 
ATOM   889  C CG  . ASN A 1 108 ? -12.570 1.330   8.277   1.00 32.65 ? 122 ASN A CG  1 
ATOM   890  O OD1 . ASN A 1 108 ? -12.301 1.941   9.309   1.00 38.13 ? 122 ASN A OD1 1 
ATOM   891  N ND2 . ASN A 1 108 ? -13.504 0.387   8.226   1.00 38.03 ? 122 ASN A ND2 1 
ATOM   892  N N   . VAL A 1 109 ? -11.521 3.049   4.180   1.00 21.08 ? 123 VAL A N   1 
ATOM   893  C CA  . VAL A 1 109 ? -10.760 3.288   2.960   1.00 20.78 ? 123 VAL A CA  1 
ATOM   894  C C   . VAL A 1 109 ? -10.623 4.798   2.774   1.00 17.75 ? 123 VAL A C   1 
ATOM   895  O O   . VAL A 1 109 ? -9.543  5.297   2.453   1.00 16.38 ? 123 VAL A O   1 
ATOM   896  C CB  . VAL A 1 109 ? -11.474 2.667   1.717   1.00 19.08 ? 123 VAL A CB  1 
ATOM   897  C CG1 . VAL A 1 109 ? -10.796 3.111   0.428   1.00 21.63 ? 123 VAL A CG1 1 
ATOM   898  C CG2 . VAL A 1 109 ? -11.447 1.145   1.818   1.00 22.47 ? 123 VAL A CG2 1 
ATOM   899  N N   . ARG A 1 110 ? -11.718 5.529   2.986   1.00 17.74 ? 124 ARG A N   1 
ATOM   900  C CA  . ARG A 1 110 ? -11.689 6.981   2.824   1.00 14.48 ? 124 ARG A CA  1 
ATOM   901  C C   . ARG A 1 110 ? -10.667 7.631   3.753   1.00 17.65 ? 124 ARG A C   1 
ATOM   902  O O   . ARG A 1 110 ? -9.885  8.482   3.331   1.00 16.34 ? 124 ARG A O   1 
ATOM   903  C CB  . ARG A 1 110 ? -13.083 7.583   3.071   1.00 16.29 ? 124 ARG A CB  1 
ATOM   904  C CG  . ARG A 1 110 ? -14.158 7.093   2.104   1.00 18.42 ? 124 ARG A CG  1 
ATOM   905  C CD  . ARG A 1 110 ? -15.371 8.015   2.105   1.00 17.04 ? 124 ARG A CD  1 
ATOM   906  N NE  . ARG A 1 110 ? -16.152 7.939   3.338   1.00 19.52 ? 124 ARG A NE  1 
ATOM   907  C CZ  . ARG A 1 110 ? -16.963 6.933   3.657   1.00 22.00 ? 124 ARG A CZ  1 
ATOM   908  N NH1 . ARG A 1 110 ? -17.109 5.896   2.839   1.00 19.26 ? 124 ARG A NH1 1 
ATOM   909  N NH2 . ARG A 1 110 ? -17.649 6.973   4.794   1.00 24.22 ? 124 ARG A NH2 1 
ATOM   910  N N   . GLU A 1 111 ? -10.666 7.217   5.017   1.00 18.12 ? 125 GLU A N   1 
ATOM   911  C CA  . GLU A 1 111 ? -9.734  7.769   5.997   1.00 19.73 ? 125 GLU A CA  1 
ATOM   912  C C   . GLU A 1 111 ? -8.284  7.500   5.631   1.00 18.72 ? 125 GLU A C   1 
ATOM   913  O O   . GLU A 1 111 ? -7.441  8.400   5.686   1.00 18.49 ? 125 GLU A O   1 
ATOM   914  C CB  . GLU A 1 111 ? -10.027 7.191   7.380   1.00 23.73 ? 125 GLU A CB  1 
ATOM   915  C CG  . GLU A 1 111 ? -11.172 7.877   8.071   1.00 31.63 ? 125 GLU A CG  1 
ATOM   916  C CD  . GLU A 1 111 ? -10.903 9.354   8.265   1.00 36.06 ? 125 GLU A CD  1 
ATOM   917  O OE1 . GLU A 1 111 ? -9.887  9.690   8.907   1.00 34.18 ? 125 GLU A OE1 1 
ATOM   918  O OE2 . GLU A 1 111 ? -11.701 10.179  7.774   1.00 38.20 ? 125 GLU A OE2 1 
ATOM   919  N N   . LYS A 1 112 ? -7.987  6.262   5.261   1.00 18.00 ? 126 LYS A N   1 
ATOM   920  C CA  . LYS A 1 112 ? -6.629  5.914   4.884   1.00 19.93 ? 126 LYS A CA  1 
ATOM   921  C C   . LYS A 1 112 ? -6.209  6.656   3.618   1.00 18.88 ? 126 LYS A C   1 
ATOM   922  O O   . LYS A 1 112 ? -5.059  7.055   3.486   1.00 20.06 ? 126 LYS A O   1 
ATOM   923  C CB  . LYS A 1 112 ? -6.502  4.401   4.686   1.00 22.80 ? 126 LYS A CB  1 
ATOM   924  C CG  . LYS A 1 112 ? -5.104  3.941   4.323   1.00 26.34 ? 126 LYS A CG  1 
ATOM   925  C CD  . LYS A 1 112 ? -4.906  2.455   4.617   1.00 32.39 ? 126 LYS A CD  1 
ATOM   926  C CE  . LYS A 1 112 ? -4.776  2.180   6.119   1.00 31.30 ? 126 LYS A CE  1 
ATOM   927  N NZ  . LYS A 1 112 ? -3.550  2.790   6.707   1.00 31.45 ? 126 LYS A NZ  1 
ATOM   928  N N   . ALA A 1 113 ? -7.145  6.855   2.688   1.00 14.48 ? 127 ALA A N   1 
ATOM   929  C CA  . ALA A 1 113 ? -6.826  7.561   1.452   1.00 14.46 ? 127 ALA A CA  1 
ATOM   930  C C   . ALA A 1 113 ? -6.458  9.009   1.740   1.00 14.67 ? 127 ALA A C   1 
ATOM   931  O O   . ALA A 1 113 ? -5.515  9.556   1.168   1.00 15.19 ? 127 ALA A O   1 
ATOM   932  C CB  . ALA A 1 113 ? -8.022  7.518   0.497   1.00 16.02 ? 127 ALA A CB  1 
ATOM   933  N N   . LYS A 1 114 ? -7.222  9.624   2.633   1.00 16.75 ? 128 LYS A N   1 
ATOM   934  C CA  . LYS A 1 114 ? -6.995  11.013  2.996   1.00 18.57 ? 128 LYS A CA  1 
ATOM   935  C C   . LYS A 1 114 ? -5.604  11.191  3.584   1.00 18.76 ? 128 LYS A C   1 
ATOM   936  O O   . LYS A 1 114 ? -4.859  12.100  3.200   1.00 19.90 ? 128 LYS A O   1 
ATOM   937  C CB  . LYS A 1 114 ? -8.048  11.462  4.013   1.00 23.11 ? 128 LYS A CB  1 
ATOM   938  C CG  . LYS A 1 114 ? -7.888  12.896  4.482   1.00 35.40 ? 128 LYS A CG  1 
ATOM   939  C CD  . LYS A 1 114 ? -8.906  13.237  5.558   1.00 41.93 ? 128 LYS A CD  1 
ATOM   940  C CE  . LYS A 1 114 ? -8.706  14.653  6.074   1.00 46.05 ? 128 LYS A CE  1 
ATOM   941  N NZ  . LYS A 1 114 ? -9.603  14.953  7.223   1.00 55.07 ? 128 LYS A NZ  1 
ATOM   942  N N   . GLN A 1 115 ? -5.248  10.322  4.521   1.00 20.54 ? 129 GLN A N   1 
ATOM   943  C CA  . GLN A 1 115 ? -3.945  10.426  5.154   1.00 23.62 ? 129 GLN A CA  1 
ATOM   944  C C   . GLN A 1 115 ? -2.802  10.006  4.218   1.00 23.26 ? 129 GLN A C   1 
ATOM   945  O O   . GLN A 1 115 ? -1.661  10.440  4.389   1.00 25.95 ? 129 GLN A O   1 
ATOM   946  C CB  . GLN A 1 115 ? -3.936  9.608   6.451   1.00 24.76 ? 129 GLN A CB  1 
ATOM   947  C CG  . GLN A 1 115 ? -5.074  9.941   7.430   1.00 26.70 ? 129 GLN A CG  1 
ATOM   948  C CD  . GLN A 1 115 ? -5.155  11.420  7.812   1.00 24.31 ? 129 GLN A CD  1 
ATOM   949  O OE1 . GLN A 1 115 ? -4.166  12.147  7.749   1.00 30.31 ? 129 GLN A OE1 1 
ATOM   950  N NE2 . GLN A 1 115 ? -6.339  11.860  8.237   1.00 27.43 ? 129 GLN A NE2 1 
ATOM   951  N N   . LEU A 1 116 ? -3.107  9.180   3.217   1.00 21.87 ? 130 LEU A N   1 
ATOM   952  C CA  . LEU A 1 116 ? -2.112  8.729   2.248   1.00 20.16 ? 130 LEU A CA  1 
ATOM   953  C C   . LEU A 1 116 ? -1.805  9.887   1.286   1.00 21.08 ? 130 LEU A C   1 
ATOM   954  O O   . LEU A 1 116 ? -0.659  10.110  0.887   1.00 20.15 ? 130 LEU A O   1 
ATOM   955  C CB  . LEU A 1 116 ? -2.653  7.510   1.489   1.00 27.22 ? 130 LEU A CB  1 
ATOM   956  C CG  . LEU A 1 116 ? -1.783  6.760   0.478   1.00 30.42 ? 130 LEU A CG  1 
ATOM   957  C CD1 . LEU A 1 116 ? -0.437  6.409   1.090   1.00 31.15 ? 130 LEU A CD1 1 
ATOM   958  C CD2 . LEU A 1 116 ? -2.518  5.495   0.033   1.00 28.58 ? 130 LEU A CD2 1 
ATOM   959  N N   . VAL A 1 117 ? -2.840  10.632  0.914   1.00 18.73 ? 131 VAL A N   1 
ATOM   960  C CA  . VAL A 1 117 ? -2.645  11.776  0.035   1.00 18.25 ? 131 VAL A CA  1 
ATOM   961  C C   . VAL A 1 117 ? -1.818  12.847  0.756   1.00 18.52 ? 131 VAL A C   1 
ATOM   962  O O   . VAL A 1 117 ? -0.943  13.469  0.159   1.00 19.41 ? 131 VAL A O   1 
ATOM   963  C CB  . VAL A 1 117 ? -3.999  12.375  -0.409  1.00 16.65 ? 131 VAL A CB  1 
ATOM   964  C CG1 . VAL A 1 117 ? -3.792  13.751  -1.036  1.00 17.17 ? 131 VAL A CG1 1 
ATOM   965  C CG2 . VAL A 1 117 ? -4.658  11.443  -1.404  1.00 19.13 ? 131 VAL A CG2 1 
ATOM   966  N N   . ALA A 1 118 ? -2.088  13.045  2.042   1.00 18.86 ? 132 ALA A N   1 
ATOM   967  C CA  . ALA A 1 118 ? -1.368  14.039  2.831   1.00 21.34 ? 132 ALA A CA  1 
ATOM   968  C C   . ALA A 1 118 ? 0.105   13.664  2.917   1.00 22.25 ? 132 ALA A C   1 
ATOM   969  O O   . ALA A 1 118 ? 0.984   14.521  2.809   1.00 25.08 ? 132 ALA A O   1 
ATOM   970  C CB  . ALA A 1 118 ? -1.977  14.139  4.230   1.00 22.49 ? 132 ALA A CB  1 
ATOM   971  N N   . LEU A 1 119 ? 0.371   12.374  3.096   1.00 21.32 ? 133 LEU A N   1 
ATOM   972  C CA  . LEU A 1 119 ? 1.738   11.873  3.183   1.00 23.02 ? 133 LEU A CA  1 
ATOM   973  C C   . LEU A 1 119 ? 2.506   12.135  1.887   1.00 23.02 ? 133 LEU A C   1 
ATOM   974  O O   . LEU A 1 119 ? 3.689   12.466  1.912   1.00 25.59 ? 133 LEU A O   1 
ATOM   975  C CB  . LEU A 1 119 ? 1.725   10.366  3.474   1.00 22.91 ? 133 LEU A CB  1 
ATOM   976  C CG  . LEU A 1 119 ? 3.052   9.601   3.415   1.00 23.32 ? 133 LEU A CG  1 
ATOM   977  C CD1 . LEU A 1 119 ? 3.944   10.015  4.573   1.00 25.87 ? 133 LEU A CD1 1 
ATOM   978  C CD2 . LEU A 1 119 ? 2.777   8.109   3.477   1.00 22.13 ? 133 LEU A CD2 1 
ATOM   979  N N   . LEU A 1 120 ? 1.822   12.001  0.755   1.00 20.82 ? 134 LEU A N   1 
ATOM   980  C CA  . LEU A 1 120 ? 2.448   12.201  -0.548  1.00 19.06 ? 134 LEU A CA  1 
ATOM   981  C C   . LEU A 1 120 ? 2.599   13.664  -0.966  1.00 22.94 ? 134 LEU A C   1 
ATOM   982  O O   . LEU A 1 120 ? 3.512   14.004  -1.717  1.00 25.56 ? 134 LEU A O   1 
ATOM   983  C CB  . LEU A 1 120 ? 1.655   11.464  -1.627  1.00 22.10 ? 134 LEU A CB  1 
ATOM   984  C CG  . LEU A 1 120 ? 1.731   9.939   -1.628  1.00 19.50 ? 134 LEU A CG  1 
ATOM   985  C CD1 . LEU A 1 120 ? 0.654   9.369   -2.538  1.00 21.53 ? 134 LEU A CD1 1 
ATOM   986  C CD2 . LEU A 1 120 ? 3.108   9.506   -2.094  1.00 19.21 ? 134 LEU A CD2 1 
ATOM   987  N N   . ARG A 1 121 ? 1.712   14.526  -0.480  1.00 21.30 ? 135 ARG A N   1 
ATOM   988  C CA  . ARG A 1 121 ? 1.766   15.936  -0.859  1.00 20.44 ? 135 ARG A CA  1 
ATOM   989  C C   . ARG A 1 121 ? 2.593   16.818  0.075   1.00 21.68 ? 135 ARG A C   1 
ATOM   990  O O   . ARG A 1 121 ? 2.981   17.929  -0.296  1.00 20.40 ? 135 ARG A O   1 
ATOM   991  C CB  . ARG A 1 121 ? 0.347   16.494  -0.992  1.00 22.61 ? 135 ARG A CB  1 
ATOM   992  C CG  . ARG A 1 121 ? -0.497  15.755  -2.027  1.00 24.42 ? 135 ARG A CG  1 
ATOM   993  C CD  . ARG A 1 121 ? -1.748  16.534  -2.392  1.00 25.65 ? 135 ARG A CD  1 
ATOM   994  N NE  . ARG A 1 121 ? -1.438  17.697  -3.223  1.00 27.73 ? 135 ARG A NE  1 
ATOM   995  C CZ  . ARG A 1 121 ? -2.348  18.560  -3.659  1.00 30.17 ? 135 ARG A CZ  1 
ATOM   996  N NH1 . ARG A 1 121 ? -3.624  18.394  -3.340  1.00 30.16 ? 135 ARG A NH1 1 
ATOM   997  N NH2 . ARG A 1 121 ? -1.984  19.587  -4.417  1.00 28.14 ? 135 ARG A NH2 1 
ATOM   998  N N   . ASP A 1 122 ? 2.870   16.322  1.275   1.00 21.71 ? 136 ASP A N   1 
ATOM   999  C CA  . ASP A 1 122 ? 3.657   17.065  2.254   1.00 21.28 ? 136 ASP A CA  1 
ATOM   1000 C C   . ASP A 1 122 ? 5.092   16.569  2.091   1.00 22.76 ? 136 ASP A C   1 
ATOM   1001 O O   . ASP A 1 122 ? 5.533   15.636  2.765   1.00 22.38 ? 136 ASP A O   1 
ATOM   1002 C CB  . ASP A 1 122 ? 3.137   16.780  3.662   1.00 22.25 ? 136 ASP A CB  1 
ATOM   1003 C CG  . ASP A 1 122 ? 3.756   17.681  4.703   1.00 19.97 ? 136 ASP A CG  1 
ATOM   1004 O OD1 . ASP A 1 122 ? 4.835   18.257  4.426   1.00 22.01 ? 136 ASP A OD1 1 
ATOM   1005 O OD2 . ASP A 1 122 ? 3.170   17.797  5.801   1.00 24.22 ? 136 ASP A OD2 1 
ATOM   1006 N N   . GLU A 1 123 ? 5.817   17.207  1.183   1.00 26.73 ? 137 GLU A N   1 
ATOM   1007 C CA  . GLU A 1 123 ? 7.182   16.811  0.878   1.00 28.03 ? 137 GLU A CA  1 
ATOM   1008 C C   . GLU A 1 123 ? 8.178   16.847  2.040   1.00 27.54 ? 137 GLU A C   1 
ATOM   1009 O O   . GLU A 1 123 ? 8.964   15.912  2.210   1.00 29.23 ? 137 GLU A O   1 
ATOM   1010 C CB  . GLU A 1 123 ? 7.686   17.645  -0.303  1.00 33.67 ? 137 GLU A CB  1 
ATOM   1011 C CG  . GLU A 1 123 ? 6.617   17.808  -1.385  1.00 42.40 ? 137 GLU A CG  1 
ATOM   1012 C CD  . GLU A 1 123 ? 7.186   17.924  -2.787  1.00 50.91 ? 137 GLU A CD  1 
ATOM   1013 O OE1 . GLU A 1 123 ? 8.004   18.836  -3.030  1.00 50.70 ? 137 GLU A OE1 1 
ATOM   1014 O OE2 . GLU A 1 123 ? 6.806   17.100  -3.648  1.00 53.19 ? 137 GLU A OE2 1 
ATOM   1015 N N   . ASP A 1 124 ? 8.153   17.904  2.846   1.00 27.13 ? 138 ASP A N   1 
ATOM   1016 C CA  . ASP A 1 124 ? 9.087   17.982  3.964   1.00 29.57 ? 138 ASP A CA  1 
ATOM   1017 C C   . ASP A 1 124 ? 8.823   16.866  4.966   1.00 26.73 ? 138 ASP A C   1 
ATOM   1018 O O   . ASP A 1 124 ? 9.747   16.314  5.558   1.00 30.38 ? 138 ASP A O   1 
ATOM   1019 C CB  . ASP A 1 124 ? 8.989   19.340  4.667   1.00 34.47 ? 138 ASP A CB  1 
ATOM   1020 C CG  . ASP A 1 124 ? 9.268   20.501  3.731   1.00 39.71 ? 138 ASP A CG  1 
ATOM   1021 O OD1 . ASP A 1 124 ? 10.067  20.328  2.786   1.00 45.76 ? 138 ASP A OD1 1 
ATOM   1022 O OD2 . ASP A 1 124 ? 8.701   21.593  3.948   1.00 48.58 ? 138 ASP A OD2 1 
ATOM   1023 N N   . ARG A 1 125 ? 7.552   16.533  5.146   1.00 24.56 ? 139 ARG A N   1 
ATOM   1024 C CA  . ARG A 1 125 ? 7.158   15.487  6.075   1.00 24.84 ? 139 ARG A CA  1 
ATOM   1025 C C   . ARG A 1 125 ? 7.602   14.090  5.632   1.00 24.56 ? 139 ARG A C   1 
ATOM   1026 O O   . ARG A 1 125 ? 8.037   13.286  6.453   1.00 23.09 ? 139 ARG A O   1 
ATOM   1027 C CB  . ARG A 1 125 ? 5.640   15.507  6.260   1.00 26.39 ? 139 ARG A CB  1 
ATOM   1028 C CG  . ARG A 1 125 ? 5.089   14.364  7.090   1.00 28.84 ? 139 ARG A CG  1 
ATOM   1029 C CD  . ARG A 1 125 ? 3.564   14.369  7.074   1.00 29.67 ? 139 ARG A CD  1 
ATOM   1030 N NE  . ARG A 1 125 ? 3.019   13.121  7.595   1.00 24.19 ? 139 ARG A NE  1 
ATOM   1031 C CZ  . ARG A 1 125 ? 1.754   12.743  7.459   1.00 28.77 ? 139 ARG A CZ  1 
ATOM   1032 N NH1 . ARG A 1 125 ? 0.897   13.522  6.814   1.00 24.86 ? 139 ARG A NH1 1 
ATOM   1033 N NH2 . ARG A 1 125 ? 1.350   11.582  7.954   1.00 31.80 ? 139 ARG A NH2 1 
ATOM   1034 N N   . LEU A 1 126 ? 7.495   13.798  4.338   1.00 24.05 ? 140 LEU A N   1 
ATOM   1035 C CA  . LEU A 1 126 ? 7.876   12.484  3.824   1.00 22.55 ? 140 LEU A CA  1 
ATOM   1036 C C   . LEU A 1 126 ? 9.296   12.072  4.225   1.00 21.67 ? 140 LEU A C   1 
ATOM   1037 O O   . LEU A 1 126 ? 9.543   10.899  4.509   1.00 19.02 ? 140 LEU A O   1 
ATOM   1038 C CB  . LEU A 1 126 ? 7.729   12.443  2.298   1.00 24.93 ? 140 LEU A CB  1 
ATOM   1039 C CG  . LEU A 1 126 ? 8.045   11.101  1.631   1.00 25.19 ? 140 LEU A CG  1 
ATOM   1040 C CD1 . LEU A 1 126 ? 7.195   10.002  2.253   1.00 28.00 ? 140 LEU A CD1 1 
ATOM   1041 C CD2 . LEU A 1 126 ? 7.782   11.199  0.133   1.00 31.91 ? 140 LEU A CD2 1 
ATOM   1042 N N   . ARG A 1 127 ? 10.225  13.026  4.248   1.00 23.84 ? 141 ARG A N   1 
ATOM   1043 C CA  . ARG A 1 127 ? 11.602  12.728  4.637   1.00 23.91 ? 141 ARG A CA  1 
ATOM   1044 C C   . ARG A 1 127 ? 11.652  12.169  6.062   1.00 21.31 ? 141 ARG A C   1 
ATOM   1045 O O   . ARG A 1 127 ? 12.327  11.173  6.332   1.00 22.17 ? 141 ARG A O   1 
ATOM   1046 C CB  . ARG A 1 127 ? 12.465  13.988  4.568   1.00 28.26 ? 141 ARG A CB  1 
ATOM   1047 C CG  . ARG A 1 127 ? 12.518  14.654  3.205   1.00 38.88 ? 141 ARG A CG  1 
ATOM   1048 C CD  . ARG A 1 127 ? 13.500  15.818  3.226   1.00 49.63 ? 141 ARG A CD  1 
ATOM   1049 N NE  . ARG A 1 127 ? 13.621  16.481  1.931   1.00 55.35 ? 141 ARG A NE  1 
ATOM   1050 C CZ  . ARG A 1 127 ? 14.484  17.460  1.674   1.00 60.34 ? 141 ARG A CZ  1 
ATOM   1051 N NH1 . ARG A 1 127 ? 15.304  17.890  2.625   1.00 60.83 ? 141 ARG A NH1 1 
ATOM   1052 N NH2 . ARG A 1 127 ? 14.531  18.010  0.467   1.00 60.20 ? 141 ARG A NH2 1 
ATOM   1053 N N   . GLU A 1 128 ? 10.938  12.817  6.975   1.00 21.72 ? 142 GLU A N   1 
ATOM   1054 C CA  . GLU A 1 128 ? 10.910  12.372  8.362   1.00 23.42 ? 142 GLU A CA  1 
ATOM   1055 C C   . GLU A 1 128 ? 10.161  11.050  8.517   1.00 20.77 ? 142 GLU A C   1 
ATOM   1056 O O   . GLU A 1 128 ? 10.548  10.199  9.319   1.00 20.12 ? 142 GLU A O   1 
ATOM   1057 C CB  . GLU A 1 128 ? 10.257  13.436  9.247   1.00 30.99 ? 142 GLU A CB  1 
ATOM   1058 C CG  . GLU A 1 128 ? 10.953  14.785  9.190   1.00 42.50 ? 142 GLU A CG  1 
ATOM   1059 C CD  . GLU A 1 128 ? 10.323  15.805  10.119  1.00 50.00 ? 142 GLU A CD  1 
ATOM   1060 O OE1 . GLU A 1 128 ? 10.310  15.565  11.344  1.00 52.46 ? 142 GLU A OE1 1 
ATOM   1061 O OE2 . GLU A 1 128 ? 9.835   16.845  9.623   1.00 56.32 ? 142 GLU A OE2 1 
ATOM   1062 N N   . GLU A 1 129 ? 9.076   10.876  7.764   1.00 18.90 ? 143 GLU A N   1 
ATOM   1063 C CA  . GLU A 1 129 ? 8.313   9.641   7.851   1.00 17.76 ? 143 GLU A CA  1 
ATOM   1064 C C   . GLU A 1 129 ? 9.173   8.469   7.379   1.00 15.80 ? 143 GLU A C   1 
ATOM   1065 O O   . GLU A 1 129 ? 9.120   7.383   7.947   1.00 16.73 ? 143 GLU A O   1 
ATOM   1066 C CB  . GLU A 1 129 ? 7.041   9.728   6.998   1.00 16.86 ? 143 GLU A CB  1 
ATOM   1067 C CG  . GLU A 1 129 ? 6.009   10.754  7.476   1.00 20.28 ? 143 GLU A CG  1 
ATOM   1068 C CD  . GLU A 1 129 ? 5.195   10.285  8.674   1.00 20.55 ? 143 GLU A CD  1 
ATOM   1069 O OE1 . GLU A 1 129 ? 5.208   9.074   8.994   1.00 18.15 ? 143 GLU A OE1 1 
ATOM   1070 O OE2 . GLU A 1 129 ? 4.523   11.143  9.291   1.00 21.74 ? 143 GLU A OE2 1 
ATOM   1071 N N   . ARG A 1 130 ? 9.965   8.692   6.336   1.00 16.96 ? 144 ARG A N   1 
ATOM   1072 C CA  . ARG A 1 130 ? 10.832  7.636   5.830   1.00 14.85 ? 144 ARG A CA  1 
ATOM   1073 C C   . ARG A 1 130 ? 11.912  7.280   6.851   1.00 17.19 ? 144 ARG A C   1 
ATOM   1074 O O   . ARG A 1 130 ? 12.181  6.104   7.093   1.00 18.10 ? 144 ARG A O   1 
ATOM   1075 C CB  . ARG A 1 130 ? 11.488  8.057   4.508   1.00 17.94 ? 144 ARG A CB  1 
ATOM   1076 C CG  . ARG A 1 130 ? 10.581  7.891   3.294   1.00 20.99 ? 144 ARG A CG  1 
ATOM   1077 C CD  . ARG A 1 130 ? 11.322  8.180   1.993   1.00 20.21 ? 144 ARG A CD  1 
ATOM   1078 N NE  . ARG A 1 130 ? 12.460  7.289   1.747   1.00 24.18 ? 144 ARG A NE  1 
ATOM   1079 C CZ  . ARG A 1 130 ? 12.361  6.039   1.300   1.00 23.82 ? 144 ARG A CZ  1 
ATOM   1080 N NH1 . ARG A 1 130 ? 11.169  5.510   1.047   1.00 22.64 ? 144 ARG A NH1 1 
ATOM   1081 N NH2 . ARG A 1 130 ? 13.455  5.322   1.084   1.00 22.59 ? 144 ARG A NH2 1 
ATOM   1082 N N   . ALA A 1 131 ? 12.528  8.292   7.456   1.00 17.03 ? 145 ALA A N   1 
ATOM   1083 C CA  . ALA A 1 131 ? 13.577  8.027   8.439   1.00 18.13 ? 145 ALA A CA  1 
ATOM   1084 C C   . ALA A 1 131 ? 13.050  7.184   9.590   1.00 20.47 ? 145 ALA A C   1 
ATOM   1085 O O   . ALA A 1 131 ? 13.667  6.188   9.981   1.00 19.03 ? 145 ALA A O   1 
ATOM   1086 C CB  . ALA A 1 131 ? 14.154  9.338   8.963   1.00 18.96 ? 145 ALA A CB  1 
ATOM   1087 N N   . HIS A 1 132 ? 11.898  7.571   10.131  1.00 20.16 ? 146 HIS A N   1 
ATOM   1088 C CA  . HIS A 1 132 ? 11.319  6.819   11.232  1.00 20.42 ? 146 HIS A CA  1 
ATOM   1089 C C   . HIS A 1 132 ? 10.892  5.425   10.781  1.00 20.73 ? 146 HIS A C   1 
ATOM   1090 O O   . HIS A 1 132 ? 11.139  4.439   11.473  1.00 21.85 ? 146 HIS A O   1 
ATOM   1091 C CB  . HIS A 1 132 ? 10.111  7.560   11.832  1.00 21.73 ? 146 HIS A CB  1 
ATOM   1092 C CG  . HIS A 1 132 ? 10.478  8.751   12.665  1.00 24.09 ? 146 HIS A CG  1 
ATOM   1093 N ND1 . HIS A 1 132 ? 10.850  9.964   12.120  1.00 27.09 ? 146 HIS A ND1 1 
ATOM   1094 C CD2 . HIS A 1 132 ? 10.521  8.916   14.009  1.00 27.61 ? 146 HIS A CD2 1 
ATOM   1095 C CE1 . HIS A 1 132 ? 11.102  10.821  13.091  1.00 27.74 ? 146 HIS A CE1 1 
ATOM   1096 N NE2 . HIS A 1 132 ? 10.910  10.211  14.247  1.00 28.20 ? 146 HIS A NE2 1 
ATOM   1097 N N   . ALA A 1 133 ? 10.253  5.340   9.617   1.00 19.15 ? 147 ALA A N   1 
ATOM   1098 C CA  . ALA A 1 133 ? 9.793   4.051   9.109   1.00 19.56 ? 147 ALA A CA  1 
ATOM   1099 C C   . ALA A 1 133 ? 10.956  3.093   8.842   1.00 20.09 ? 147 ALA A C   1 
ATOM   1100 O O   . ALA A 1 133 ? 10.870  1.905   9.164   1.00 21.78 ? 147 ALA A O   1 
ATOM   1101 C CB  . ALA A 1 133 ? 8.960   4.250   7.832   1.00 19.66 ? 147 ALA A CB  1 
ATOM   1102 N N   . LEU A 1 134 ? 12.041  3.611   8.270   1.00 18.86 ? 148 LEU A N   1 
ATOM   1103 C CA  . LEU A 1 134 ? 13.205  2.789   7.968   1.00 20.75 ? 148 LEU A CA  1 
ATOM   1104 C C   . LEU A 1 134 ? 13.843  2.277   9.251   1.00 21.07 ? 148 LEU A C   1 
ATOM   1105 O O   . LEU A 1 134 ? 14.287  1.132   9.310   1.00 23.77 ? 148 LEU A O   1 
ATOM   1106 C CB  . LEU A 1 134 ? 14.226  3.581   7.145   1.00 18.07 ? 148 LEU A CB  1 
ATOM   1107 C CG  . LEU A 1 134 ? 13.829  3.836   5.682   1.00 17.22 ? 148 LEU A CG  1 
ATOM   1108 C CD1 . LEU A 1 134 ? 14.798  4.810   5.044   1.00 19.96 ? 148 LEU A CD1 1 
ATOM   1109 C CD2 . LEU A 1 134 ? 13.810  2.512   4.912   1.00 21.67 ? 148 LEU A CD2 1 
ATOM   1110 N N   . LYS A 1 135 ? 13.882  3.122   10.278  1.00 23.12 ? 149 LYS A N   1 
ATOM   1111 C CA  . LYS A 1 135 ? 14.454  2.718   11.555  1.00 23.41 ? 149 LYS A CA  1 
ATOM   1112 C C   . LYS A 1 135 ? 13.599  1.602   12.146  1.00 23.19 ? 149 LYS A C   1 
ATOM   1113 O O   . LYS A 1 135 ? 14.122  0.644   12.716  1.00 23.86 ? 149 LYS A O   1 
ATOM   1114 C CB  . LYS A 1 135 ? 14.521  3.907   12.518  1.00 24.90 ? 149 LYS A CB  1 
ATOM   1115 C CG  A LYS A 1 135 ? 15.535  4.968   12.118  0.50 27.15 ? 149 LYS A CG  1 
ATOM   1116 C CG  B LYS A 1 135 ? 15.117  3.573   13.875  0.50 32.06 ? 149 LYS A CG  1 
ATOM   1117 C CD  A LYS A 1 135 ? 15.644  6.070   13.163  0.50 30.23 ? 149 LYS A CD  1 
ATOM   1118 C CD  B LYS A 1 135 ? 15.205  4.806   14.761  0.50 36.75 ? 149 LYS A CD  1 
ATOM   1119 C CE  A LYS A 1 135 ? 16.250  5.555   14.462  0.50 34.66 ? 149 LYS A CE  1 
ATOM   1120 C CE  B LYS A 1 135 ? 16.170  5.839   14.196  0.50 40.23 ? 149 LYS A CE  1 
ATOM   1121 N NZ  A LYS A 1 135 ? 17.653  5.085   14.281  0.50 36.69 ? 149 LYS A NZ  1 
ATOM   1122 N NZ  B LYS A 1 135 ? 17.563  5.315   14.112  0.50 43.56 ? 149 LYS A NZ  1 
ATOM   1123 N N   . THR A 1 136 ? 12.281  1.724   12.002  1.00 22.89 ? 150 THR A N   1 
ATOM   1124 C CA  . THR A 1 136 ? 11.364  0.710   12.513  1.00 25.01 ? 150 THR A CA  1 
ATOM   1125 C C   . THR A 1 136 ? 11.557  -0.613  11.773  1.00 23.77 ? 150 THR A C   1 
ATOM   1126 O O   . THR A 1 136 ? 11.499  -1.687  12.374  1.00 27.57 ? 150 THR A O   1 
ATOM   1127 C CB  . THR A 1 136 ? 9.892   1.170   12.368  1.00 24.35 ? 150 THR A CB  1 
ATOM   1128 O OG1 . THR A 1 136 ? 9.663   2.299   13.222  1.00 31.10 ? 150 THR A OG1 1 
ATOM   1129 C CG2 . THR A 1 136 ? 8.939   0.051   12.753  1.00 29.59 ? 150 THR A CG2 1 
ATOM   1130 N N   . LYS A 1 137 ? 11.790  -0.536  10.468  1.00 22.90 ? 151 LYS A N   1 
ATOM   1131 C CA  . LYS A 1 137 ? 12.001  -1.724  9.655   1.00 24.19 ? 151 LYS A CA  1 
ATOM   1132 C C   . LYS A 1 137 ? 13.304  -2.411  10.058  1.00 26.21 ? 151 LYS A C   1 
ATOM   1133 O O   . LYS A 1 137 ? 13.374  -3.639  10.110  1.00 27.12 ? 151 LYS A O   1 
ATOM   1134 C CB  . LYS A 1 137 ? 12.036  -1.347  8.173   1.00 28.67 ? 151 LYS A CB  1 
ATOM   1135 C CG  . LYS A 1 137 ? 12.305  -2.501  7.217   1.00 28.75 ? 151 LYS A CG  1 
ATOM   1136 C CD  . LYS A 1 137 ? 12.040  -2.061  5.782   1.00 35.03 ? 151 LYS A CD  1 
ATOM   1137 C CE  . LYS A 1 137 ? 12.468  -3.108  4.767   1.00 35.84 ? 151 LYS A CE  1 
ATOM   1138 N NZ  . LYS A 1 137 ? 13.946  -3.259  4.703   1.00 37.83 ? 151 LYS A NZ  1 
ATOM   1139 N N   . GLU A 1 138 ? 14.333  -1.613  10.347  1.00 25.59 ? 152 GLU A N   1 
ATOM   1140 C CA  . GLU A 1 138 ? 15.628  -2.156  10.759  1.00 26.49 ? 152 GLU A CA  1 
ATOM   1141 C C   . GLU A 1 138 ? 15.490  -2.937  12.059  1.00 27.25 ? 152 GLU A C   1 
ATOM   1142 O O   . GLU A 1 138 ? 16.050  -4.025  12.198  1.00 27.77 ? 152 GLU A O   1 
ATOM   1143 C CB  . GLU A 1 138 ? 16.651  -1.040  10.971  1.00 26.97 ? 152 GLU A CB  1 
ATOM   1144 C CG  . GLU A 1 138 ? 17.145  -0.371  9.711   1.00 28.58 ? 152 GLU A CG  1 
ATOM   1145 C CD  . GLU A 1 138 ? 18.278  0.599   9.992   1.00 28.83 ? 152 GLU A CD  1 
ATOM   1146 O OE1 . GLU A 1 138 ? 18.149  1.407   10.938  1.00 33.01 ? 152 GLU A OE1 1 
ATOM   1147 O OE2 . GLU A 1 138 ? 19.295  0.556   9.269   1.00 28.53 ? 152 GLU A OE2 1 
ATOM   1148 N N   . LYS A 1 139 ? 14.762  -2.369  13.018  1.00 27.62 ? 153 LYS A N   1 
ATOM   1149 C CA  . LYS A 1 139 ? 14.548  -3.022  14.304  1.00 32.00 ? 153 LYS A CA  1 
ATOM   1150 C C   . LYS A 1 139 ? 13.792  -4.329  14.101  1.00 34.00 ? 153 LYS A C   1 
ATOM   1151 O O   . LYS A 1 139 ? 14.068  -5.326  14.768  1.00 33.65 ? 153 LYS A O   1 
ATOM   1152 C CB  . LYS A 1 139 ? 13.751  -2.113  15.239  1.00 34.88 ? 153 LYS A CB  1 
ATOM   1153 C CG  . LYS A 1 139 ? 14.444  -0.806  15.563  1.00 41.16 ? 153 LYS A CG  1 
ATOM   1154 C CD  . LYS A 1 139 ? 13.564  0.085   16.424  1.00 49.34 ? 153 LYS A CD  1 
ATOM   1155 C CE  . LYS A 1 139 ? 14.191  1.456   16.631  1.00 52.81 ? 153 LYS A CE  1 
ATOM   1156 N NZ  . LYS A 1 139 ? 13.276  2.384   17.353  1.00 54.45 ? 153 LYS A NZ  1 
ATOM   1157 N N   . LEU A 1 140 ? 12.836  -4.315  13.177  1.00 34.80 ? 154 LEU A N   1 
ATOM   1158 C CA  . LEU A 1 140 ? 12.040  -5.500  12.877  1.00 36.60 ? 154 LEU A CA  1 
ATOM   1159 C C   . LEU A 1 140 ? 12.948  -6.665  12.511  1.00 35.83 ? 154 LEU A C   1 
ATOM   1160 O O   . LEU A 1 140 ? 12.748  -7.793  12.965  1.00 35.96 ? 154 LEU A O   1 
ATOM   1161 C CB  . LEU A 1 140 ? 11.085  -5.215  11.711  1.00 36.67 ? 154 LEU A CB  1 
ATOM   1162 C CG  . LEU A 1 140 ? 10.182  -6.367  11.261  1.00 39.45 ? 154 LEU A CG  1 
ATOM   1163 C CD1 . LEU A 1 140 ? 9.208   -6.720  12.378  1.00 37.56 ? 154 LEU A CD1 1 
ATOM   1164 C CD2 . LEU A 1 140 ? 9.429   -5.966  9.998   1.00 39.56 ? 154 LEU A CD2 1 
ATOM   1165 N N   . ALA A 1 141 ? 13.954  -6.382  11.692  1.00 33.63 ? 155 ALA A N   1 
ATOM   1166 C CA  . ALA A 1 141 ? 14.891  -7.400  11.243  1.00 32.71 ? 155 ALA A CA  1 
ATOM   1167 C C   . ALA A 1 141 ? 15.852  -7.855  12.338  1.00 31.88 ? 155 ALA A C   1 
ATOM   1168 O O   . ALA A 1 141 ? 16.399  -8.954  12.271  1.00 32.81 ? 155 ALA A O   1 
ATOM   1169 C CB  . ALA A 1 141 ? 15.678  -6.882  10.046  1.00 34.61 ? 155 ALA A CB  1 
ATOM   1170 N N   . GLN A 1 142 ? 16.051  -7.013  13.346  1.00 30.73 ? 156 GLN A N   1 
ATOM   1171 C CA  . GLN A 1 142 ? 16.970  -7.329  14.438  1.00 30.73 ? 156 GLN A CA  1 
ATOM   1172 C C   . GLN A 1 142 ? 16.273  -7.899  15.672  1.00 30.59 ? 156 GLN A C   1 
ATOM   1173 O O   . GLN A 1 142 ? 16.891  -8.052  16.728  1.00 29.92 ? 156 GLN A O   1 
ATOM   1174 C CB  . GLN A 1 142 ? 17.762  -6.075  14.820  1.00 36.68 ? 156 GLN A CB  1 
ATOM   1175 C CG  . GLN A 1 142 ? 18.446  -5.408  13.638  1.00 44.61 ? 156 GLN A CG  1 
ATOM   1176 C CD  . GLN A 1 142 ? 19.102  -4.092  14.003  1.00 51.06 ? 156 GLN A CD  1 
ATOM   1177 O OE1 . GLN A 1 142 ? 18.470  -3.208  14.582  1.00 54.70 ? 156 GLN A OE1 1 
ATOM   1178 N NE2 . GLN A 1 142 ? 20.376  -3.950  13.658  1.00 55.17 ? 156 GLN A NE2 1 
ATOM   1179 N N   . THR A 1 143 ? 14.988  -8.212  15.541  1.00 30.57 ? 157 THR A N   1 
ATOM   1180 C CA  . THR A 1 143 ? 14.229  -8.766  16.655  1.00 35.19 ? 157 THR A CA  1 
ATOM   1181 C C   . THR A 1 143 ? 13.512  -10.048 16.237  1.00 36.24 ? 157 THR A C   1 
ATOM   1182 O O   . THR A 1 143 ? 13.226  -10.253 15.058  1.00 36.50 ? 157 THR A O   1 
ATOM   1183 C CB  . THR A 1 143 ? 13.183  -7.756  17.174  1.00 38.04 ? 157 THR A CB  1 
ATOM   1184 O OG1 . THR A 1 143 ? 12.247  -7.459  16.133  1.00 42.08 ? 157 THR A OG1 1 
ATOM   1185 C CG2 . THR A 1 143 ? 13.860  -6.466  17.616  1.00 38.34 ? 157 THR A CG2 1 
ATOM   1186 N N   . ALA A 1 144 ? 13.226  -10.908 17.210  1.00 40.10 ? 158 ALA A N   1 
ATOM   1187 C CA  . ALA A 1 144 ? 12.542  -12.171 16.945  1.00 44.55 ? 158 ALA A CA  1 
ATOM   1188 C C   . ALA A 1 144 ? 11.046  -11.973 16.696  1.00 46.49 ? 158 ALA A C   1 
ATOM   1189 O O   . ALA A 1 144 ? 10.274  -12.018 17.677  1.00 48.93 ? 158 ALA A O   1 
ATOM   1190 C CB  . ALA A 1 144 ? 12.756  -13.130 18.107  1.00 44.68 ? 158 ALA A CB  1 
ATOM   1191 O OXT . ALA A 1 144 ? 10.663  -11.762 15.525  1.00 47.36 ? 158 ALA A OXT 1 
HETATM 1192 O O   . HOH B 2 .   ? 0.139   -10.918 5.014   1.00 14.09 ? 159 HOH A O   1 
HETATM 1193 O O   . HOH B 2 .   ? -17.845 0.780   -3.760  1.00 15.69 ? 160 HOH A O   1 
HETATM 1194 O O   . HOH B 2 .   ? -9.166  2.641   -7.333  1.00 17.05 ? 161 HOH A O   1 
HETATM 1195 O O   . HOH B 2 .   ? -5.645  2.070   -9.332  1.00 18.22 ? 162 HOH A O   1 
HETATM 1196 O O   . HOH B 2 .   ? 9.150   5.873   -1.673  1.00 19.05 ? 163 HOH A O   1 
HETATM 1197 O O   . HOH B 2 .   ? -19.075 3.806   3.101   1.00 19.32 ? 164 HOH A O   1 
HETATM 1198 O O   . HOH B 2 .   ? -8.624  5.701   -9.495  1.00 21.52 ? 165 HOH A O   1 
HETATM 1199 O O   . HOH B 2 .   ? 6.993   6.939   9.524   1.00 21.74 ? 166 HOH A O   1 
HETATM 1200 O O   . HOH B 2 .   ? -13.324 -7.360  1.331   1.00 22.05 ? 167 HOH A O   1 
HETATM 1201 O O   . HOH B 2 .   ? -17.794 10.815  -2.807  1.00 22.20 ? 168 HOH A O   1 
HETATM 1202 O O   . HOH B 2 .   ? 2.040   -6.860  -12.031 1.00 22.48 ? 169 HOH A O   1 
HETATM 1203 O O   . HOH B 2 .   ? -6.958  3.815   -7.756  1.00 22.75 ? 170 HOH A O   1 
HETATM 1204 O O   . HOH B 2 .   ? -2.625  -10.574 3.758   1.00 23.05 ? 171 HOH A O   1 
HETATM 1205 O O   . HOH B 2 .   ? -4.061  3.560   -11.347 1.00 24.58 ? 172 HOH A O   1 
HETATM 1206 O O   . HOH B 2 .   ? -2.079  -1.942  -13.038 1.00 25.11 ? 173 HOH A O   1 
HETATM 1207 O O   . HOH B 2 .   ? 2.437   0.890   -12.472 1.00 25.99 ? 174 HOH A O   1 
HETATM 1208 O O   . HOH B 2 .   ? -5.148  -13.033 -3.450  1.00 26.22 ? 175 HOH A O   1 
HETATM 1209 O O   . HOH B 2 .   ? 1.496   0.613   6.243   1.00 26.33 ? 176 HOH A O   1 
HETATM 1210 O O   . HOH B 2 .   ? 2.462   -12.797 6.119   1.00 26.43 ? 177 HOH A O   1 
HETATM 1211 O O   . HOH B 2 .   ? 10.196  -10.173 -10.535 1.00 26.48 ? 178 HOH A O   1 
HETATM 1212 O O   . HOH B 2 .   ? 9.919   -11.871 -8.477  1.00 26.75 ? 179 HOH A O   1 
HETATM 1213 O O   . HOH B 2 .   ? -3.077  -13.657 2.738   1.00 26.80 ? 180 HOH A O   1 
HETATM 1214 O O   . HOH B 2 .   ? -8.819  -5.962  -6.519  1.00 27.22 ? 181 HOH A O   1 
HETATM 1215 O O   . HOH B 2 .   ? 12.600  -9.506  -0.616  1.00 27.22 ? 182 HOH A O   1 
HETATM 1216 O O   . HOH B 2 .   ? -13.785 9.873   -5.985  1.00 27.44 ? 183 HOH A O   1 
HETATM 1217 O O   . HOH B 2 .   ? -16.125 2.222   -5.377  0.5  27.69 ? 184 HOH A O   1 
HETATM 1218 O O   . HOH B 2 .   ? 11.387  -0.243  -13.021 1.00 27.72 ? 185 HOH A O   1 
HETATM 1219 O O   . HOH B 2 .   ? 0.755   16.478  6.218   1.00 27.84 ? 186 HOH A O   1 
HETATM 1220 O O   . HOH B 2 .   ? 13.657  0.556   -8.493  1.00 28.29 ? 187 HOH A O   1 
HETATM 1221 O O   . HOH B 2 .   ? 3.716   2.103   6.889   1.00 28.45 ? 188 HOH A O   1 
HETATM 1222 O O   . HOH B 2 .   ? 6.248   1.021   -12.988 1.00 28.61 ? 189 HOH A O   1 
HETATM 1223 O O   . HOH B 2 .   ? 6.057   20.249  3.204   1.00 28.68 ? 190 HOH A O   1 
HETATM 1224 O O   . HOH B 2 .   ? 12.937  -7.608  4.441   1.00 28.87 ? 191 HOH A O   1 
HETATM 1225 O O   . HOH B 2 .   ? -21.381 2.210   10.704  1.00 29.19 ? 192 HOH A O   1 
HETATM 1226 O O   . HOH B 2 .   ? -0.497  -6.281  -12.616 1.00 29.65 ? 193 HOH A O   1 
HETATM 1227 O O   . HOH B 2 .   ? 2.996   8.236   10.020  1.00 29.78 ? 194 HOH A O   1 
HETATM 1228 O O   . HOH B 2 .   ? -16.067 -0.023  10.121  1.00 30.01 ? 195 HOH A O   1 
HETATM 1229 O O   . HOH B 2 .   ? 12.627  -5.800  8.072   1.00 30.33 ? 196 HOH A O   1 
HETATM 1230 O O   . HOH B 2 .   ? -22.477 -6.241  -0.375  1.00 30.33 ? 197 HOH A O   1 
HETATM 1231 O O   . HOH B 2 .   ? 8.705   -2.205  9.469   1.00 30.49 ? 198 HOH A O   1 
HETATM 1232 O O   . HOH B 2 .   ? 14.656  1.925   1.588   1.00 30.53 ? 199 HOH A O   1 
HETATM 1233 O O   . HOH B 2 .   ? 3.144   18.707  -2.952  1.00 30.66 ? 200 HOH A O   1 
HETATM 1234 O O   . HOH B 2 .   ? 9.863   -14.721 -9.830  1.00 30.82 ? 201 HOH A O   1 
HETATM 1235 O O   . HOH B 2 .   ? 15.343  2.303   -6.867  1.00 30.85 ? 202 HOH A O   1 
HETATM 1236 O O   . HOH B 2 .   ? -10.360 -16.130 5.006   1.00 30.89 ? 203 HOH A O   1 
HETATM 1237 O O   . HOH B 2 .   ? -4.184  5.361   7.704   1.00 30.94 ? 204 HOH A O   1 
HETATM 1238 O O   . HOH B 2 .   ? -4.101  16.338  -6.624  1.00 31.21 ? 205 HOH A O   1 
HETATM 1239 O O   . HOH B 2 .   ? 4.381   -0.606  -13.469 1.00 31.31 ? 206 HOH A O   1 
HETATM 1240 O O   . HOH B 2 .   ? -21.111 5.303   3.098   1.00 31.35 ? 207 HOH A O   1 
HETATM 1241 O O   . HOH B 2 .   ? 1.090   18.274  -4.425  1.00 31.37 ? 208 HOH A O   1 
HETATM 1242 O O   . HOH B 2 .   ? -7.797  -12.857 -2.205  1.00 31.48 ? 209 HOH A O   1 
HETATM 1243 O O   . HOH B 2 .   ? -7.833  -4.010  -13.256 1.00 31.97 ? 210 HOH A O   1 
HETATM 1244 O O   . HOH B 2 .   ? 15.200  -0.563  7.393   1.00 32.03 ? 211 HOH A O   1 
HETATM 1245 O O   . HOH B 2 .   ? 8.367   0.673   9.093   1.00 32.04 ? 212 HOH A O   1 
HETATM 1246 O O   . HOH B 2 .   ? 2.769   -7.489  11.289  1.00 32.17 ? 213 HOH A O   1 
HETATM 1247 O O   . HOH B 2 .   ? 14.002  -9.256  1.737   1.00 32.39 ? 214 HOH A O   1 
HETATM 1248 O O   . HOH B 2 .   ? -4.307  -3.131  6.339   1.00 32.39 ? 215 HOH A O   1 
HETATM 1249 O O   . HOH B 2 .   ? -11.437 -7.592  8.097   1.00 32.40 ? 216 HOH A O   1 
HETATM 1250 O O   . HOH B 2 .   ? 16.026  -8.433  -5.912  1.00 32.41 ? 217 HOH A O   1 
HETATM 1251 O O   . HOH B 2 .   ? -6.934  18.903  -2.524  1.00 32.51 ? 218 HOH A O   1 
HETATM 1252 O O   . HOH B 2 .   ? 15.539  5.008   -2.424  1.00 32.88 ? 219 HOH A O   1 
HETATM 1253 O O   . HOH B 2 .   ? -5.349  16.898  -1.536  1.00 32.88 ? 220 HOH A O   1 
HETATM 1254 O O   . HOH B 2 .   ? -9.012  -11.119 12.045  1.00 33.11 ? 221 HOH A O   1 
HETATM 1255 O O   . HOH B 2 .   ? 1.848   -14.685 2.530   1.00 33.26 ? 222 HOH A O   1 
HETATM 1256 O O   . HOH B 2 .   ? 17.961  3.398   -0.727  1.00 33.68 ? 223 HOH A O   1 
HETATM 1257 O O   . HOH B 2 .   ? 9.555   -11.478 -13.663 1.00 33.92 ? 224 HOH A O   1 
HETATM 1258 O O   . HOH B 2 .   ? -9.659  -5.199  -11.572 1.00 34.13 ? 225 HOH A O   1 
HETATM 1259 O O   . HOH B 2 .   ? 6.709   1.548   7.171   1.00 34.16 ? 226 HOH A O   1 
HETATM 1260 O O   . HOH B 2 .   ? 14.718  10.219  5.112   1.00 34.20 ? 227 HOH A O   1 
HETATM 1261 O O   . HOH B 2 .   ? -0.402  -14.916 -3.772  1.00 34.35 ? 228 HOH A O   1 
HETATM 1262 O O   . HOH B 2 .   ? 10.860  -9.555  6.321   1.00 34.40 ? 229 HOH A O   1 
HETATM 1263 O O   . HOH B 2 .   ? -12.091 2.223   11.980  1.00 34.51 ? 230 HOH A O   1 
HETATM 1264 O O   . HOH B 2 .   ? -6.620  -1.858  -12.935 1.00 34.92 ? 231 HOH A O   1 
HETATM 1265 O O   . HOH B 2 .   ? -18.042 9.152   -0.874  1.00 35.50 ? 232 HOH A O   1 
HETATM 1266 O O   . HOH B 2 .   ? 6.328   2.255   10.514  1.00 35.67 ? 233 HOH A O   1 
HETATM 1267 O O   . HOH B 2 .   ? 8.025   -8.442  -15.769 1.00 35.68 ? 234 HOH A O   1 
HETATM 1268 O O   . HOH B 2 .   ? 15.913  2.144   -11.959 1.00 35.72 ? 235 HOH A O   1 
HETATM 1269 O O   . HOH B 2 .   ? 15.668  -6.476  -11.970 1.00 35.88 ? 236 HOH A O   1 
HETATM 1270 O O   . HOH B 2 .   ? 4.893   13.217  4.149   1.00 35.92 ? 237 HOH A O   1 
HETATM 1271 O O   . HOH B 2 .   ? -2.457  12.422  -11.089 1.00 35.92 ? 238 HOH A O   1 
HETATM 1272 O O   . HOH B 2 .   ? 9.297   11.519  -3.365  1.00 35.99 ? 239 HOH A O   1 
HETATM 1273 O O   . HOH B 2 .   ? 8.835   -5.643  -15.120 1.00 36.17 ? 240 HOH A O   1 
HETATM 1274 O O   . HOH B 2 .   ? -7.238  -7.823  -8.134  1.00 36.47 ? 241 HOH A O   1 
HETATM 1275 O O   . HOH B 2 .   ? 7.710   15.233  10.296  1.00 36.63 ? 242 HOH A O   1 
HETATM 1276 O O   . HOH B 2 .   ? -5.159  8.048   -12.739 1.00 36.64 ? 243 HOH A O   1 
HETATM 1277 O O   . HOH B 2 .   ? 4.136   -18.472 -10.148 1.00 36.80 ? 244 HOH A O   1 
HETATM 1278 O O   . HOH B 2 .   ? 3.196   -6.252  -14.662 1.00 36.98 ? 245 HOH A O   1 
HETATM 1279 O O   . HOH B 2 .   ? -8.654  -5.372  -9.086  1.00 37.20 ? 246 HOH A O   1 
HETATM 1280 O O   . HOH B 2 .   ? -17.013 -7.762  2.527   1.00 37.23 ? 247 HOH A O   1 
HETATM 1281 O O   . HOH B 2 .   ? 8.121   4.762   13.432  1.00 37.39 ? 248 HOH A O   1 
HETATM 1282 O O   . HOH B 2 .   ? 5.875   19.724  6.669   1.00 37.47 ? 249 HOH A O   1 
HETATM 1283 O O   . HOH B 2 .   ? -19.589 -7.459  3.166   1.00 37.56 ? 250 HOH A O   1 
HETATM 1284 O O   . HOH B 2 .   ? -11.897 11.346  2.507   1.00 37.83 ? 251 HOH A O   1 
HETATM 1285 O O   . HOH B 2 .   ? -8.471  3.786   8.296   1.00 37.92 ? 252 HOH A O   1 
HETATM 1286 O O   . HOH B 2 .   ? 14.804  13.079  8.843   1.00 37.93 ? 253 HOH A O   1 
HETATM 1287 O O   . HOH B 2 .   ? 3.738   18.958  8.040   1.00 38.18 ? 254 HOH A O   1 
HETATM 1288 O O   . HOH B 2 .   ? 15.993  -10.292 -10.931 1.00 38.37 ? 255 HOH A O   1 
HETATM 1289 O O   . HOH B 2 .   ? -1.722  -4.855  -14.271 1.00 38.41 ? 256 HOH A O   1 
HETATM 1290 O O   . HOH B 2 .   ? 0.897   -1.198  8.409   1.00 38.44 ? 257 HOH A O   1 
HETATM 1291 O O   . HOH B 2 .   ? 10.548  14.313  0.798   1.00 38.47 ? 258 HOH A O   1 
HETATM 1292 O O   . HOH B 2 .   ? -24.465 -3.913  1.328   1.00 38.61 ? 259 HOH A O   1 
HETATM 1293 O O   . HOH B 2 .   ? -5.918  -13.720 -11.595 1.00 38.88 ? 260 HOH A O   1 
HETATM 1294 O O   . HOH B 2 .   ? -4.819  -0.253  -12.393 1.00 39.45 ? 261 HOH A O   1 
HETATM 1295 O O   . HOH B 2 .   ? 5.499   -9.379  10.598  1.00 39.60 ? 262 HOH A O   1 
HETATM 1296 O O   . HOH B 2 .   ? 13.586  12.472  11.080  1.00 39.71 ? 263 HOH A O   1 
HETATM 1297 O O   . HOH B 2 .   ? 11.608  11.614  0.826   1.00 39.81 ? 264 HOH A O   1 
HETATM 1298 O O   . HOH B 2 .   ? -23.137 4.863   1.376   1.00 39.95 ? 265 HOH A O   1 
HETATM 1299 O O   . HOH B 2 .   ? -20.967 8.151   3.291   1.00 40.00 ? 266 HOH A O   1 
HETATM 1300 O O   . HOH B 2 .   ? 12.042  13.807  12.641  1.00 40.02 ? 267 HOH A O   1 
HETATM 1301 O O   . HOH B 2 .   ? -2.188  2.657   -13.203 1.00 40.09 ? 268 HOH A O   1 
HETATM 1302 O O   . HOH B 2 .   ? -5.710  14.594  2.058   1.00 40.25 ? 269 HOH A O   1 
HETATM 1303 O O   . HOH B 2 .   ? -1.317  11.873  6.905   1.00 40.27 ? 270 HOH A O   1 
HETATM 1304 O O   . HOH B 2 .   ? 12.537  6.446   15.252  1.00 40.32 ? 271 HOH A O   1 
HETATM 1305 O O   . HOH B 2 .   ? 6.143   22.543  4.803   1.00 40.32 ? 272 HOH A O   1 
HETATM 1306 O O   . HOH B 2 .   ? -3.077  -14.557 -2.716  1.00 40.33 ? 273 HOH A O   1 
HETATM 1307 O O   . HOH B 2 .   ? -22.887 -7.637  3.958   1.00 40.43 ? 274 HOH A O   1 
HETATM 1308 O O   . HOH B 2 .   ? 4.119   -14.333 4.675   1.00 40.99 ? 275 HOH A O   1 
HETATM 1309 O O   . HOH B 2 .   ? -17.029 -6.719  4.787   1.00 41.01 ? 276 HOH A O   1 
HETATM 1310 O O   . HOH B 2 .   ? 15.838  -6.155  -4.253  1.00 41.04 ? 277 HOH A O   1 
HETATM 1311 O O   . HOH B 2 .   ? -5.257  14.825  -8.598  1.00 41.10 ? 278 HOH A O   1 
HETATM 1312 O O   . HOH B 2 .   ? 7.610   5.272   -12.083 1.00 41.15 ? 279 HOH A O   1 
HETATM 1313 O O   . HOH B 2 .   ? -10.551 -18.593 3.625   1.00 41.53 ? 280 HOH A O   1 
HETATM 1314 O O   . HOH B 2 .   ? 1.046   15.021  -8.525  1.00 41.65 ? 281 HOH A O   1 
HETATM 1315 O O   . HOH B 2 .   ? 18.525  -10.623 11.391  1.00 41.77 ? 282 HOH A O   1 
HETATM 1316 O O   . HOH B 2 .   ? 20.580  -1.748  10.181  1.00 41.80 ? 283 HOH A O   1 
HETATM 1317 O O   . HOH B 2 .   ? 14.880  -5.173  6.572   1.00 41.95 ? 284 HOH A O   1 
HETATM 1318 O O   . HOH B 2 .   ? 12.225  -8.635  8.466   1.00 42.01 ? 285 HOH A O   1 
HETATM 1319 O O   . HOH B 2 .   ? 16.635  0.815   14.384  1.00 42.27 ? 286 HOH A O   1 
HETATM 1320 O O   . HOH B 2 .   ? -15.721 -10.082 -0.086  1.00 42.43 ? 287 HOH A O   1 
HETATM 1321 O O   . HOH B 2 .   ? -1.905  -8.981  -13.286 1.00 42.49 ? 288 HOH A O   1 
HETATM 1322 O O   . HOH B 2 .   ? 15.029  -10.852 -6.334  1.00 42.86 ? 289 HOH A O   1 
HETATM 1323 O O   . HOH B 2 .   ? -10.887 -1.822  8.996   1.00 43.12 ? 290 HOH A O   1 
HETATM 1324 O O   . HOH B 2 .   ? -3.085  6.500   5.528   1.00 43.26 ? 291 HOH A O   1 
HETATM 1325 O O   . HOH B 2 .   ? -8.022  -14.647 -0.326  1.00 43.37 ? 292 HOH A O   1 
HETATM 1326 O O   . HOH B 2 .   ? -4.223  -8.553  10.987  1.00 43.47 ? 293 HOH A O   1 
HETATM 1327 O O   . HOH B 2 .   ? 3.289   -12.014 -14.581 1.00 43.60 ? 294 HOH A O   1 
HETATM 1328 O O   . HOH B 2 .   ? 4.310   -8.921  -15.140 1.00 43.85 ? 295 HOH A O   1 
HETATM 1329 O O   . HOH B 2 .   ? -18.527 9.996   1.602   1.00 44.12 ? 296 HOH A O   1 
HETATM 1330 O O   . HOH B 2 .   ? -13.911 -7.545  9.460   1.00 44.44 ? 297 HOH A O   1 
HETATM 1331 O O   . HOH B 2 .   ? 4.454   -4.118  -14.980 1.00 44.45 ? 298 HOH A O   1 
HETATM 1332 O O   . HOH B 2 .   ? 0.613   -9.972  -14.168 1.00 44.55 ? 299 HOH A O   1 
HETATM 1333 O O   . HOH B 2 .   ? 5.822   13.624  -0.094  1.00 45.10 ? 300 HOH A O   1 
HETATM 1334 O O   . HOH B 2 .   ? 9.256   1.224   -13.872 1.00 45.13 ? 301 HOH A O   1 
HETATM 1335 O O   . HOH B 2 .   ? 16.111  6.069   1.584   1.00 45.30 ? 302 HOH A O   1 
HETATM 1336 O O   . HOH B 2 .   ? -12.871 10.301  5.500   1.00 45.43 ? 303 HOH A O   1 
HETATM 1337 O O   . HOH B 2 .   ? -23.174 2.636   8.568   1.00 45.85 ? 304 HOH A O   1 
HETATM 1338 O O   . HOH B 2 .   ? 11.703  -16.400 -8.315  1.00 45.87 ? 305 HOH A O   1 
HETATM 1339 O O   . HOH B 2 .   ? -1.505  6.399   7.907   1.00 45.99 ? 306 HOH A O   1 
HETATM 1340 O O   . HOH B 2 .   ? 20.240  -6.710  11.370  1.00 46.34 ? 307 HOH A O   1 
HETATM 1341 O O   . HOH B 2 .   ? -3.550  -5.604  10.966  1.00 46.45 ? 308 HOH A O   1 
HETATM 1342 O O   . HOH B 2 .   ? -16.247 -9.444  -7.178  1.00 46.46 ? 309 HOH A O   1 
HETATM 1343 O O   . HOH B 2 .   ? -2.446  0.885   8.736   1.00 46.83 ? 310 HOH A O   1 
HETATM 1344 O O   . HOH B 2 .   ? 18.096  2.569   13.346  1.00 46.86 ? 311 HOH A O   1 
HETATM 1345 O O   . HOH B 2 .   ? -9.666  16.850  0.916   1.00 47.11 ? 312 HOH A O   1 
HETATM 1346 O O   . HOH B 2 .   ? 11.441  -10.953 -15.966 1.00 47.39 ? 313 HOH A O   1 
HETATM 1347 O O   . HOH B 2 .   ? 18.408  -4.185  10.258  1.00 47.46 ? 314 HOH A O   1 
HETATM 1348 O O   . HOH B 2 .   ? -6.042  -16.309 1.141   1.00 47.51 ? 315 HOH A O   1 
HETATM 1349 O O   . HOH B 2 .   ? 15.479  -11.427 -3.375  1.00 47.54 ? 316 HOH A O   1 
HETATM 1350 O O   . HOH B 2 .   ? -3.213  -3.405  8.800   1.00 47.54 ? 317 HOH A O   1 
HETATM 1351 O O   . HOH B 2 .   ? -13.242 -11.313 3.215   1.00 47.65 ? 318 HOH A O   1 
HETATM 1352 O O   . HOH B 2 .   ? 9.998   -3.180  14.150  1.00 47.72 ? 319 HOH A O   1 
HETATM 1353 O O   . HOH B 2 .   ? 10.625  -2.320  -15.664 1.00 47.79 ? 320 HOH A O   1 
HETATM 1354 O O   . HOH B 2 .   ? 15.100  0.089   -10.564 1.00 47.80 ? 321 HOH A O   1 
HETATM 1355 O O   . HOH B 2 .   ? -10.729 -14.396 -0.183  1.00 47.87 ? 322 HOH A O   1 
HETATM 1356 O O   . HOH B 2 .   ? -3.229  -15.551 0.123   1.00 48.31 ? 323 HOH A O   1 
HETATM 1357 O O   . HOH B 2 .   ? -13.109 13.692  -11.668 1.00 48.35 ? 324 HOH A O   1 
HETATM 1358 O O   . HOH B 2 .   ? 6.592   4.792   11.241  1.00 48.51 ? 325 HOH A O   1 
HETATM 1359 O O   . HOH B 2 .   ? 9.879   -1.532  16.326  1.00 48.85 ? 326 HOH A O   1 
HETATM 1360 O O   . HOH B 2 .   ? -9.217  -17.330 1.506   1.00 48.89 ? 327 HOH A O   1 
HETATM 1361 O O   . HOH B 2 .   ? 5.689   -11.242 -14.447 1.00 48.95 ? 328 HOH A O   1 
HETATM 1362 O O   . HOH B 2 .   ? 16.523  -2.934  7.250   1.00 49.24 ? 329 HOH A O   1 
HETATM 1363 O O   . HOH B 2 .   ? 0.714   -9.924  11.030  1.00 49.43 ? 330 HOH A O   1 
HETATM 1364 O O   . HOH B 2 .   ? 9.014   12.363  -6.186  1.00 49.51 ? 331 HOH A O   1 
HETATM 1365 O O   . HOH B 2 .   ? -8.098  -7.921  11.652  1.00 49.53 ? 332 HOH A O   1 
HETATM 1366 O O   . HOH B 2 .   ? -8.252  -20.095 2.461   1.00 49.93 ? 333 HOH A O   1 
HETATM 1367 O O   . HOH B 2 .   ? -17.315 -8.131  9.064   1.00 50.13 ? 334 HOH A O   1 
HETATM 1368 O O   . HOH B 2 .   ? 9.001   22.654  6.518   1.00 50.45 ? 335 HOH A O   1 
HETATM 1369 O O   . HOH B 2 .   ? -18.731 -6.632  6.647   1.00 50.65 ? 336 HOH A O   1 
HETATM 1370 O O   . HOH B 2 .   ? -1.423  16.904  -7.271  1.00 50.68 ? 337 HOH A O   1 
HETATM 1371 O O   . HOH B 2 .   ? 14.216  10.794  2.271   1.00 50.86 ? 338 HOH A O   1 
HETATM 1372 O O   . HOH B 2 .   ? -8.742  -11.767 -11.278 1.00 51.20 ? 339 HOH A O   1 
HETATM 1373 O O   . HOH B 2 .   ? -10.859 -13.758 -12.125 1.00 51.46 ? 340 HOH A O   1 
HETATM 1374 O O   . HOH B 2 .   ? 6.130   -17.395 -16.779 1.00 51.72 ? 341 HOH A O   1 
HETATM 1375 O O   . HOH B 2 .   ? 6.093   -1.142  14.528  1.00 52.32 ? 342 HOH A O   1 
HETATM 1376 O O   . HOH B 2 .   ? 7.692   -0.045  -16.643 1.00 52.35 ? 343 HOH A O   1 
HETATM 1377 O O   . HOH B 2 .   ? 12.707  17.880  5.886   1.00 52.74 ? 344 HOH A O   1 
HETATM 1378 O O   . HOH B 2 .   ? 13.043  -10.709 12.357  1.00 52.99 ? 345 HOH A O   1 
HETATM 1379 O O   . HOH B 2 .   ? -0.776  -4.234  8.685   1.00 54.06 ? 346 HOH A O   1 
HETATM 1380 O O   . HOH B 2 .   ? 8.251   12.486  -8.683  1.00 54.81 ? 347 HOH A O   1 
HETATM 1381 O O   . HOH B 2 .   ? -19.606 -9.944  -7.958  1.00 55.36 ? 348 HOH A O   1 
HETATM 1382 O O   . HOH B 2 .   ? 10.048  -15.762 1.191   1.00 55.46 ? 349 HOH A O   1 
HETATM 1383 O O   . HOH B 2 .   ? 16.706  4.215   -5.119  1.00 55.84 ? 350 HOH A O   1 
HETATM 1384 O O   . HOH B 2 .   ? 5.333   1.227   12.678  1.00 57.66 ? 351 HOH A O   1 
HETATM 1385 O O   . HOH B 2 .   ? -13.011 -3.220  9.967   1.00 58.11 ? 352 HOH A O   1 
HETATM 1386 O O   . HOH B 2 .   ? -6.955  -10.465 -9.513  1.00 59.51 ? 353 HOH A O   1 
# 
